data_3CE6
#
_entry.id   3CE6
#
_cell.length_a   97.040
_cell.length_b   112.133
_cell.length_c   100.234
_cell.angle_alpha   90.00
_cell.angle_beta   92.41
_cell.angle_gamma   90.00
#
_symmetry.space_group_name_H-M   'P 1 21 1'
#
loop_
_entity.id
_entity.type
_entity.pdbx_description
1 polymer Adenosylhomocysteinase
2 non-polymer ADENOSINE
3 non-polymer NICOTINAMIDE-ADENINE-DINUCLEOTIDE
4 water water
#
_entity_poly.entity_id   1
_entity_poly.type   'polypeptide(L)'
_entity_poly.pdbx_seq_one_letter_code
;TGNLVTKNSLTPDVRNGIDFKIADLSLADFGRKELRIAEHEMPGLMSLRREYAEVQPLKGARISGSLHMTVQTAVLIETL
TALGAEVRWASCNIFSTQDHAAAAVVVGPHGTPDEPKGVPVFAWKGETLEEYWWAAEQMLTWPDPDKPANMILDDGGDAT
MLVLRGMQYEKAGVVPPAEEDDPAEWKVFLNLLRTRFETDKDKWTKIAESVKGVTEETTTGVLRLYQFAAAGDLAFPAIN
VNDSVTKSKFDNKYGTRHSLIDGINRGTDALIGGKKVLICGYGDVGKGCAEAMKGQGARVSVTEIDPINALQAMMEGFDV
VTVEEAIGDADIVVTATGNKDIIMLEHIKAMKDHAILGNIGHFDNEIDMAGLERSGATRVNVKPQVDLWTFGDTGRSIIV
LSEGRLLNLGNATGHPSFVMSNSFANQTIAQIELWTKNDEYDNEVYRLPKHLDEKVARIHVEALGGHLTKLTKEQAEYLG
VDVEGPYKPDHYRY
;
_entity_poly.pdbx_strand_id   A,B,C,D
#
loop_
_chem_comp.id
_chem_comp.type
_chem_comp.name
_chem_comp.formula
ADN non-polymer ADENOSINE 'C10 H13 N5 O4'
NAD non-polymer NICOTINAMIDE-ADENINE-DINUCLEOTIDE 'C21 H27 N7 O14 P2'
#
# COMPACT_ATOMS: atom_id res chain seq x y z
N SER A 9 -34.56 -33.57 -22.53
CA SER A 9 -34.65 -32.41 -23.50
C SER A 9 -35.49 -31.23 -22.87
N LEU A 10 -34.77 -30.18 -22.49
CA LEU A 10 -35.42 -29.06 -21.86
C LEU A 10 -36.37 -28.38 -22.81
N THR A 11 -37.47 -27.85 -22.23
CA THR A 11 -38.41 -27.03 -22.95
C THR A 11 -38.63 -25.75 -22.08
N PRO A 12 -38.87 -24.64 -22.75
CA PRO A 12 -39.07 -23.39 -21.99
C PRO A 12 -40.30 -23.52 -21.16
N ASP A 13 -40.27 -22.85 -20.01
CA ASP A 13 -41.53 -22.51 -19.29
C ASP A 13 -42.12 -21.30 -19.94
N VAL A 14 -43.46 -21.29 -19.88
CA VAL A 14 -44.25 -20.20 -20.40
C VAL A 14 -45.23 -19.73 -19.32
N ARG A 15 -45.10 -18.48 -18.86
CA ARG A 15 -46.05 -17.96 -17.87
C ARG A 15 -46.50 -16.60 -18.28
N ASN A 16 -47.84 -16.37 -18.31
CA ASN A 16 -48.33 -15.05 -18.74
C ASN A 16 -47.71 -14.60 -20.09
N GLY A 17 -47.50 -15.55 -21.00
CA GLY A 17 -47.07 -15.25 -22.41
C GLY A 17 -45.55 -15.04 -22.46
N ILE A 18 -44.84 -15.09 -21.33
CA ILE A 18 -43.34 -14.98 -21.32
C ILE A 18 -42.72 -16.35 -21.23
N ASP A 19 -41.79 -16.60 -22.18
CA ASP A 19 -41.05 -17.82 -22.26
C ASP A 19 -39.70 -17.59 -21.52
N PHE A 20 -39.35 -18.59 -20.76
CA PHE A 20 -38.10 -18.47 -19.92
C PHE A 20 -37.64 -19.79 -19.41
N LYS A 21 -36.44 -19.82 -18.82
CA LYS A 21 -36.03 -21.02 -18.10
C LYS A 21 -35.03 -20.61 -17.02
N ILE A 22 -35.47 -20.72 -15.77
CA ILE A 22 -34.69 -20.27 -14.61
C ILE A 22 -34.83 -21.21 -13.48
N ALA A 23 -34.05 -20.95 -12.42
CA ALA A 23 -34.07 -21.90 -11.28
C ALA A 23 -35.47 -21.85 -10.53
N ASP A 24 -35.91 -20.63 -10.17
CA ASP A 24 -37.07 -20.49 -9.29
C ASP A 24 -37.67 -19.10 -9.30
N LEU A 25 -38.84 -18.95 -9.88
CA LEU A 25 -39.53 -17.66 -10.03
C LEU A 25 -39.82 -17.07 -8.65
N SER A 26 -40.04 -17.92 -7.65
CA SER A 26 -40.36 -17.39 -6.32
C SER A 26 -39.21 -16.62 -5.71
N LEU A 27 -37.97 -16.70 -6.31
CA LEU A 27 -36.92 -15.80 -5.80
C LEU A 27 -37.06 -14.36 -6.21
N ALA A 28 -38.13 -14.04 -6.96
CA ALA A 28 -38.20 -12.69 -7.53
C ALA A 28 -38.24 -11.55 -6.50
N ASP A 29 -38.90 -11.76 -5.36
CA ASP A 29 -39.02 -10.75 -4.29
C ASP A 29 -37.60 -10.42 -3.72
N PHE A 30 -36.82 -11.46 -3.48
CA PHE A 30 -35.47 -11.25 -2.99
C PHE A 30 -34.65 -10.60 -4.08
N GLY A 31 -34.77 -11.09 -5.34
CA GLY A 31 -34.04 -10.39 -6.42
C GLY A 31 -34.37 -8.93 -6.47
N ARG A 32 -35.67 -8.58 -6.39
CA ARG A 32 -36.08 -7.19 -6.56
C ARG A 32 -35.51 -6.31 -5.51
N LYS A 33 -35.42 -6.81 -4.26
CA LYS A 33 -34.84 -6.00 -3.20
C LYS A 33 -33.35 -5.62 -3.53
N GLU A 34 -32.64 -6.68 -4.02
CA GLU A 34 -31.23 -6.47 -4.41
C GLU A 34 -31.14 -5.58 -5.69
N LEU A 35 -32.05 -5.72 -6.67
CA LEU A 35 -32.04 -4.81 -7.81
C LEU A 35 -32.23 -3.38 -7.34
N ARG A 36 -33.18 -3.11 -6.39
CA ARG A 36 -33.44 -1.71 -6.05
C ARG A 36 -32.23 -1.14 -5.30
N ILE A 37 -31.58 -1.97 -4.40
CA ILE A 37 -30.28 -1.53 -3.78
C ILE A 37 -29.27 -1.23 -4.89
N ALA A 38 -29.21 -2.11 -5.91
CA ALA A 38 -28.22 -1.89 -7.01
C ALA A 38 -28.52 -0.62 -7.78
N GLU A 39 -29.79 -0.31 -8.04
CA GLU A 39 -30.08 0.98 -8.77
C GLU A 39 -29.42 2.15 -8.08
N HIS A 40 -29.34 2.15 -6.72
CA HIS A 40 -28.71 3.22 -6.01
C HIS A 40 -27.19 3.26 -6.16
N GLU A 41 -26.66 2.12 -6.54
CA GLU A 41 -25.19 2.02 -6.77
C GLU A 41 -24.88 2.03 -8.26
N MET A 42 -25.86 2.28 -9.15
CA MET A 42 -25.61 2.25 -10.62
C MET A 42 -26.13 3.56 -11.22
N PRO A 43 -25.47 4.71 -10.86
CA PRO A 43 -25.96 6.03 -11.33
C PRO A 43 -25.71 6.16 -12.83
N GLY A 44 -24.75 5.43 -13.42
CA GLY A 44 -24.56 5.50 -14.87
C GLY A 44 -25.80 5.02 -15.57
N LEU A 45 -26.34 3.87 -15.14
CA LEU A 45 -27.56 3.36 -15.78
C LEU A 45 -28.82 4.22 -15.42
N MET A 46 -28.96 4.64 -14.19
CA MET A 46 -30.14 5.44 -13.80
C MET A 46 -30.12 6.81 -14.48
N SER A 47 -28.94 7.39 -14.62
CA SER A 47 -28.87 8.63 -15.39
C SER A 47 -29.35 8.46 -16.88
N LEU A 48 -28.94 7.36 -17.52
CA LEU A 48 -29.32 7.08 -18.96
C LEU A 48 -30.83 6.88 -18.98
N ARG A 49 -31.38 6.21 -17.96
CA ARG A 49 -32.88 5.99 -17.99
C ARG A 49 -33.58 7.32 -17.99
N ARG A 50 -33.10 8.24 -17.18
CA ARG A 50 -33.75 9.61 -17.04
C ARG A 50 -33.53 10.35 -18.35
N GLU A 51 -32.31 10.30 -18.85
CA GLU A 51 -31.93 11.13 -20.02
C GLU A 51 -32.71 10.69 -21.25
N TYR A 52 -32.94 9.39 -21.40
CA TYR A 52 -33.52 8.93 -22.70
C TYR A 52 -34.97 8.49 -22.58
N ALA A 53 -35.60 8.74 -21.40
CA ALA A 53 -36.95 8.25 -21.08
C ALA A 53 -37.92 8.68 -22.19
N GLU A 54 -37.92 9.98 -22.50
CA GLU A 54 -38.95 10.50 -23.41
C GLU A 54 -38.65 10.08 -24.89
N VAL A 55 -37.37 10.12 -25.25
CA VAL A 55 -36.89 9.74 -26.57
C VAL A 55 -37.22 8.30 -26.93
N GLN A 56 -37.08 7.37 -26.00
CA GLN A 56 -37.27 5.91 -26.31
C GLN A 56 -36.37 5.49 -27.50
N PRO A 57 -35.04 5.72 -27.39
CA PRO A 57 -34.12 5.54 -28.53
C PRO A 57 -34.04 4.10 -29.02
N LEU A 58 -34.39 3.13 -28.17
CA LEU A 58 -34.23 1.72 -28.52
C LEU A 58 -35.57 1.05 -28.96
N LYS A 59 -36.63 1.87 -29.09
CA LYS A 59 -37.85 1.34 -29.75
C LYS A 59 -37.51 0.62 -31.06
N GLY A 60 -38.10 -0.60 -31.25
CA GLY A 60 -37.95 -1.37 -32.46
C GLY A 60 -36.80 -2.33 -32.33
N ALA A 61 -35.93 -2.10 -31.29
CA ALA A 61 -34.82 -3.08 -31.10
C ALA A 61 -35.27 -4.39 -30.47
N ARG A 62 -34.74 -5.48 -30.94
CA ARG A 62 -35.03 -6.83 -30.48
C ARG A 62 -33.56 -7.29 -30.16
N ILE A 63 -33.16 -7.10 -28.88
CA ILE A 63 -31.79 -7.34 -28.50
C ILE A 63 -31.67 -8.71 -27.86
N SER A 64 -30.77 -9.50 -28.42
CA SER A 64 -30.44 -10.79 -27.91
C SER A 64 -29.19 -10.64 -27.04
N GLY A 65 -29.30 -10.79 -25.70
CA GLY A 65 -28.17 -10.50 -24.87
C GLY A 65 -27.55 -11.75 -24.23
N SER A 66 -26.24 -11.87 -24.27
CA SER A 66 -25.56 -12.99 -23.70
C SER A 66 -24.51 -12.43 -22.70
N LEU A 67 -24.84 -12.48 -21.40
CA LEU A 67 -24.02 -11.82 -20.39
C LEU A 67 -24.53 -12.33 -19.05
N HIS A 68 -23.57 -12.65 -18.18
CA HIS A 68 -23.74 -13.17 -16.80
C HIS A 68 -25.00 -12.57 -16.19
N MET A 69 -25.91 -13.49 -15.85
CA MET A 69 -27.27 -13.04 -15.44
C MET A 69 -27.23 -12.73 -13.93
N THR A 70 -26.67 -11.57 -13.62
CA THR A 70 -26.44 -11.17 -12.23
C THR A 70 -27.39 -9.93 -11.92
N VAL A 71 -27.42 -9.55 -10.63
CA VAL A 71 -28.15 -8.30 -10.24
C VAL A 71 -27.79 -7.11 -11.15
N GLN A 72 -26.45 -7.00 -11.41
CA GLN A 72 -25.96 -5.88 -12.21
C GLN A 72 -26.46 -5.93 -13.62
N THR A 73 -26.46 -7.13 -14.16
CA THR A 73 -27.02 -7.27 -15.49
C THR A 73 -28.52 -7.03 -15.47
N ALA A 74 -29.24 -7.41 -14.40
CA ALA A 74 -30.69 -7.18 -14.35
C ALA A 74 -30.92 -5.65 -14.49
N VAL A 75 -30.12 -4.80 -13.80
CA VAL A 75 -30.34 -3.26 -13.87
C VAL A 75 -30.07 -2.80 -15.38
N LEU A 76 -29.04 -3.46 -16.00
CA LEU A 76 -28.78 -3.19 -17.46
C LEU A 76 -29.98 -3.58 -18.33
N ILE A 77 -30.47 -4.78 -18.15
CA ILE A 77 -31.65 -5.23 -18.99
C ILE A 77 -32.83 -4.24 -18.76
N GLU A 78 -33.08 -3.78 -17.51
CA GLU A 78 -34.26 -2.99 -17.25
C GLU A 78 -34.06 -1.55 -17.76
N THR A 79 -32.78 -1.19 -17.92
CA THR A 79 -32.41 0.07 -18.57
C THR A 79 -32.74 -0.04 -20.04
N LEU A 80 -32.35 -1.16 -20.65
CA LEU A 80 -32.62 -1.36 -22.11
C LEU A 80 -34.16 -1.30 -22.34
N THR A 81 -34.91 -1.99 -21.49
CA THR A 81 -36.40 -1.99 -21.72
C THR A 81 -36.98 -0.62 -21.43
N ALA A 82 -36.50 0.07 -20.39
CA ALA A 82 -36.95 1.46 -20.07
C ALA A 82 -36.75 2.34 -21.27
N LEU A 83 -35.77 2.00 -22.11
CA LEU A 83 -35.41 2.90 -23.26
C LEU A 83 -36.09 2.44 -24.55
N GLY A 84 -36.93 1.39 -24.43
CA GLY A 84 -37.81 1.03 -25.56
C GLY A 84 -37.53 -0.33 -26.16
N ALA A 85 -36.40 -0.97 -25.79
CA ALA A 85 -36.02 -2.20 -26.41
C ALA A 85 -36.93 -3.33 -25.96
N GLU A 86 -37.02 -4.37 -26.79
CA GLU A 86 -37.40 -5.71 -26.31
C GLU A 86 -36.09 -6.47 -26.21
N VAL A 87 -36.08 -7.42 -25.27
CA VAL A 87 -34.92 -8.31 -25.03
C VAL A 87 -35.23 -9.75 -24.90
N ARG A 88 -34.22 -10.57 -25.14
CA ARG A 88 -34.21 -11.98 -24.71
C ARG A 88 -32.82 -12.30 -24.17
N TRP A 89 -32.78 -12.95 -22.99
CA TRP A 89 -31.45 -13.05 -22.32
C TRP A 89 -30.97 -14.45 -22.02
N ALA A 90 -29.64 -14.59 -21.88
CA ALA A 90 -29.03 -15.83 -21.41
C ALA A 90 -27.67 -15.44 -20.72
N SER A 91 -27.20 -16.29 -19.80
CA SER A 91 -25.87 -16.04 -19.25
C SER A 91 -24.77 -16.40 -20.23
N CYS A 92 -23.56 -15.82 -20.08
CA CYS A 92 -22.41 -16.20 -20.85
C CYS A 92 -21.47 -17.12 -20.04
N ASN A 93 -21.95 -17.70 -18.96
CA ASN A 93 -21.20 -18.73 -18.28
C ASN A 93 -22.12 -19.63 -17.46
N ILE A 94 -21.74 -20.92 -17.33
CA ILE A 94 -22.69 -21.83 -16.76
C ILE A 94 -22.84 -21.60 -15.20
N PHE A 95 -21.88 -20.90 -14.56
CA PHE A 95 -22.00 -20.74 -13.08
C PHE A 95 -22.26 -19.31 -12.65
N SER A 96 -22.36 -18.39 -13.55
CA SER A 96 -22.35 -16.92 -13.20
C SER A 96 -23.73 -16.37 -12.83
N THR A 97 -24.78 -17.09 -13.20
CA THR A 97 -26.12 -16.52 -12.93
C THR A 97 -26.41 -16.42 -11.42
N GLN A 98 -27.13 -15.35 -11.06
CA GLN A 98 -27.62 -15.18 -9.70
C GLN A 98 -29.12 -15.41 -9.83
N ASP A 99 -29.55 -16.55 -9.32
CA ASP A 99 -30.94 -17.03 -9.58
C ASP A 99 -31.99 -16.02 -9.11
N HIS A 100 -31.75 -15.31 -8.00
CA HIS A 100 -32.75 -14.32 -7.56
C HIS A 100 -32.85 -13.22 -8.62
N ALA A 101 -31.70 -12.80 -9.24
CA ALA A 101 -31.78 -11.73 -10.25
C ALA A 101 -32.47 -12.22 -11.53
N ALA A 102 -32.23 -13.50 -11.92
CA ALA A 102 -32.92 -14.06 -13.11
C ALA A 102 -34.46 -13.99 -12.85
N ALA A 103 -34.81 -14.30 -11.62
CA ALA A 103 -36.31 -14.40 -11.29
C ALA A 103 -36.93 -13.00 -11.36
N ALA A 104 -36.19 -12.03 -10.80
CA ALA A 104 -36.64 -10.64 -10.78
C ALA A 104 -36.78 -10.08 -12.20
N VAL A 105 -35.85 -10.42 -13.12
CA VAL A 105 -35.97 -10.01 -14.51
C VAL A 105 -37.19 -10.57 -15.24
N VAL A 106 -37.47 -11.83 -15.01
CA VAL A 106 -38.72 -12.41 -15.63
C VAL A 106 -39.95 -11.76 -15.02
N VAL A 107 -39.94 -11.53 -13.74
CA VAL A 107 -41.18 -11.01 -13.10
C VAL A 107 -41.35 -9.49 -13.38
N GLY A 108 -40.22 -8.75 -13.46
CA GLY A 108 -40.26 -7.32 -13.75
C GLY A 108 -40.64 -6.50 -12.50
N PRO A 109 -40.49 -5.14 -12.61
CA PRO A 109 -40.68 -4.36 -11.43
C PRO A 109 -42.14 -4.28 -10.96
N HIS A 110 -43.06 -4.53 -11.87
CA HIS A 110 -44.47 -4.50 -11.48
C HIS A 110 -45.21 -5.77 -11.56
N GLY A 111 -44.52 -6.86 -11.83
CA GLY A 111 -45.16 -8.12 -11.94
C GLY A 111 -45.07 -8.88 -10.61
N THR A 112 -45.61 -10.10 -10.57
CA THR A 112 -45.41 -11.01 -9.44
C THR A 112 -45.06 -12.41 -10.04
N PRO A 113 -44.64 -13.36 -9.23
CA PRO A 113 -44.37 -14.75 -9.75
C PRO A 113 -45.63 -15.32 -10.47
N ASP A 114 -46.86 -15.13 -9.92
CA ASP A 114 -48.05 -15.60 -10.70
C ASP A 114 -48.34 -14.78 -11.95
N GLU A 115 -48.06 -13.47 -11.90
CA GLU A 115 -48.30 -12.55 -13.00
C GLU A 115 -47.06 -11.81 -13.43
N PRO A 116 -46.15 -12.55 -14.09
CA PRO A 116 -44.87 -11.91 -14.45
C PRO A 116 -45.04 -10.92 -15.60
N LYS A 117 -44.23 -9.84 -15.51
CA LYS A 117 -44.36 -8.70 -16.41
C LYS A 117 -43.01 -8.32 -17.00
N GLY A 118 -42.10 -9.28 -17.02
CA GLY A 118 -40.68 -8.98 -17.37
C GLY A 118 -40.38 -9.48 -18.74
N VAL A 119 -39.18 -10.06 -18.89
CA VAL A 119 -38.71 -10.45 -20.14
C VAL A 119 -38.08 -11.90 -20.12
N PRO A 120 -38.02 -12.50 -21.31
CA PRO A 120 -37.46 -13.87 -21.42
C PRO A 120 -36.01 -13.99 -21.04
N VAL A 121 -35.77 -14.81 -20.02
CA VAL A 121 -34.39 -15.14 -19.53
C VAL A 121 -34.26 -16.64 -19.49
N PHE A 122 -33.11 -17.10 -20.02
CA PHE A 122 -32.79 -18.60 -20.06
C PHE A 122 -31.43 -18.72 -19.39
N ALA A 123 -31.47 -18.88 -18.05
CA ALA A 123 -30.23 -18.76 -17.24
C ALA A 123 -30.52 -19.28 -15.87
N TRP A 124 -29.61 -20.15 -15.41
CA TRP A 124 -29.57 -20.47 -14.00
C TRP A 124 -28.12 -20.83 -13.62
N LYS A 125 -27.85 -20.85 -12.32
CA LYS A 125 -26.55 -21.15 -11.83
C LYS A 125 -26.42 -22.70 -11.90
N GLY A 126 -25.29 -23.16 -12.46
CA GLY A 126 -25.05 -24.57 -12.58
C GLY A 126 -25.58 -25.33 -13.79
N GLU A 127 -25.61 -24.65 -14.88
CA GLU A 127 -25.96 -25.28 -16.18
C GLU A 127 -24.91 -26.34 -16.59
N THR A 128 -25.40 -27.33 -17.38
CA THR A 128 -24.48 -28.21 -18.09
C THR A 128 -24.11 -27.47 -19.34
N LEU A 129 -23.09 -27.97 -20.05
CA LEU A 129 -22.71 -27.40 -21.33
C LEU A 129 -23.86 -27.42 -22.41
N GLU A 130 -24.54 -28.59 -22.37
CA GLU A 130 -25.66 -28.79 -23.30
C GLU A 130 -26.74 -27.75 -23.00
N GLU A 131 -27.00 -27.56 -21.70
CA GLU A 131 -28.08 -26.61 -21.35
C GLU A 131 -27.66 -25.17 -21.65
N TYR A 132 -26.33 -24.89 -21.49
CA TYR A 132 -25.87 -23.57 -21.74
C TYR A 132 -26.13 -23.16 -23.25
N TRP A 133 -25.76 -24.07 -24.17
CA TRP A 133 -25.96 -23.82 -25.65
C TRP A 133 -27.47 -23.85 -26.03
N TRP A 134 -28.24 -24.72 -25.36
CA TRP A 134 -29.76 -24.72 -25.54
C TRP A 134 -30.30 -23.32 -25.18
N ALA A 135 -29.85 -22.85 -24.00
CA ALA A 135 -30.25 -21.52 -23.53
C ALA A 135 -29.78 -20.38 -24.46
N ALA A 136 -28.55 -20.50 -25.01
CA ALA A 136 -28.07 -19.55 -25.96
C ALA A 136 -28.95 -19.49 -27.26
N GLU A 137 -29.33 -20.69 -27.72
CA GLU A 137 -30.21 -20.73 -28.87
C GLU A 137 -31.60 -20.12 -28.56
N GLN A 138 -32.17 -20.45 -27.39
CA GLN A 138 -33.44 -19.73 -26.95
C GLN A 138 -33.27 -18.24 -26.99
N MET A 139 -32.19 -17.76 -26.41
CA MET A 139 -31.95 -16.30 -26.35
C MET A 139 -31.85 -15.62 -27.75
N LEU A 140 -31.32 -16.39 -28.76
CA LEU A 140 -31.12 -15.85 -30.11
C LEU A 140 -32.34 -16.05 -31.05
N THR A 141 -33.30 -16.82 -30.57
CA THR A 141 -34.43 -17.23 -31.46
C THR A 141 -35.69 -16.53 -31.06
N TRP A 142 -36.02 -15.44 -31.75
CA TRP A 142 -37.14 -14.72 -31.40
C TRP A 142 -38.45 -15.44 -31.96
N PRO A 143 -39.58 -15.19 -31.32
CA PRO A 143 -40.80 -16.04 -31.65
C PRO A 143 -41.34 -15.77 -33.03
N ASP A 144 -41.24 -14.54 -33.57
CA ASP A 144 -41.79 -14.26 -34.93
C ASP A 144 -40.73 -14.53 -35.96
N PRO A 145 -40.88 -15.60 -36.79
CA PRO A 145 -39.83 -15.88 -37.80
C PRO A 145 -39.55 -14.71 -38.73
N ASP A 146 -40.47 -13.74 -38.77
CA ASP A 146 -40.29 -12.59 -39.62
C ASP A 146 -39.74 -11.38 -38.87
N LYS A 147 -39.50 -11.55 -37.58
CA LYS A 147 -38.92 -10.53 -36.68
C LYS A 147 -37.84 -11.16 -35.80
N PRO A 148 -36.78 -11.60 -36.45
CA PRO A 148 -35.62 -12.16 -35.77
C PRO A 148 -34.92 -11.06 -34.93
N ALA A 149 -33.95 -11.56 -34.16
CA ALA A 149 -33.04 -10.65 -33.41
C ALA A 149 -32.52 -9.61 -34.36
N ASN A 150 -32.49 -8.38 -33.88
CA ASN A 150 -31.87 -7.28 -34.66
C ASN A 150 -30.69 -6.59 -34.05
N MET A 151 -30.36 -6.99 -32.80
CA MET A 151 -29.09 -6.49 -32.18
C MET A 151 -28.60 -7.60 -31.30
N ILE A 152 -27.28 -7.65 -31.07
CA ILE A 152 -26.65 -8.62 -30.11
C ILE A 152 -25.95 -7.75 -29.10
N LEU A 153 -26.03 -8.14 -27.84
CA LEU A 153 -25.30 -7.52 -26.67
C LEU A 153 -24.51 -8.73 -26.13
N ASP A 154 -23.19 -8.74 -26.27
CA ASP A 154 -22.46 -9.95 -26.03
C ASP A 154 -21.33 -9.73 -25.03
N ASP A 155 -20.98 -10.78 -24.29
CA ASP A 155 -19.83 -10.73 -23.38
C ASP A 155 -19.11 -12.07 -23.55
N GLY A 156 -17.95 -12.04 -24.30
CA GLY A 156 -17.22 -13.25 -24.54
C GLY A 156 -17.37 -13.74 -25.99
N GLY A 157 -18.30 -13.15 -26.69
CA GLY A 157 -18.54 -13.42 -28.12
C GLY A 157 -19.30 -14.76 -28.43
N ASP A 158 -19.96 -15.37 -27.47
CA ASP A 158 -20.59 -16.67 -27.73
C ASP A 158 -21.83 -16.56 -28.64
N ALA A 159 -22.58 -15.48 -28.43
CA ALA A 159 -23.79 -15.20 -29.23
C ALA A 159 -23.32 -14.93 -30.66
N THR A 160 -22.32 -14.04 -30.81
CA THR A 160 -21.83 -13.70 -32.16
C THR A 160 -21.27 -14.94 -32.86
N MET A 161 -20.57 -15.81 -32.11
CA MET A 161 -20.00 -17.07 -32.67
C MET A 161 -21.11 -18.00 -33.20
N LEU A 162 -22.19 -18.19 -32.41
CA LEU A 162 -23.28 -19.09 -32.85
C LEU A 162 -23.85 -18.53 -34.14
N VAL A 163 -24.07 -17.21 -34.20
CA VAL A 163 -24.70 -16.64 -35.42
C VAL A 163 -23.75 -16.75 -36.61
N LEU A 164 -22.49 -16.26 -36.41
CA LEU A 164 -21.55 -16.23 -37.61
C LEU A 164 -21.14 -17.63 -38.05
N ARG A 165 -20.88 -18.56 -37.12
CA ARG A 165 -20.49 -19.93 -37.48
C ARG A 165 -21.73 -20.64 -38.02
N GLY A 166 -22.91 -20.33 -37.49
CA GLY A 166 -24.16 -20.98 -37.95
C GLY A 166 -24.32 -20.59 -39.40
N MET A 167 -24.04 -19.32 -39.74
CA MET A 167 -24.31 -18.88 -41.12
C MET A 167 -23.25 -19.52 -42.03
N GLN A 168 -22.02 -19.64 -41.52
CA GLN A 168 -20.88 -20.21 -42.31
C GLN A 168 -21.24 -21.62 -42.74
N TYR A 169 -21.71 -22.43 -41.80
CA TYR A 169 -22.04 -23.85 -42.07
C TYR A 169 -23.26 -23.97 -43.00
N GLU A 170 -24.22 -23.08 -42.84
CA GLU A 170 -25.39 -22.95 -43.77
C GLU A 170 -24.93 -22.69 -45.20
N LYS A 171 -24.04 -21.72 -45.37
CA LYS A 171 -23.56 -21.34 -46.73
C LYS A 171 -22.75 -22.52 -47.32
N ALA A 172 -22.01 -23.20 -46.47
CA ALA A 172 -21.23 -24.40 -46.86
C ALA A 172 -22.10 -25.63 -47.14
N GLY A 173 -23.36 -25.57 -46.69
CA GLY A 173 -24.30 -26.72 -46.74
C GLY A 173 -24.05 -27.91 -45.83
N VAL A 174 -23.18 -27.71 -44.85
CA VAL A 174 -22.84 -28.77 -43.93
C VAL A 174 -22.23 -28.24 -42.59
N VAL A 175 -22.68 -28.77 -41.46
CA VAL A 175 -22.00 -28.60 -40.16
C VAL A 175 -20.92 -29.68 -40.04
N PRO A 176 -19.66 -29.25 -39.98
CA PRO A 176 -18.58 -30.24 -39.92
C PRO A 176 -18.70 -31.20 -38.76
N PRO A 177 -18.23 -32.46 -38.91
CA PRO A 177 -18.08 -33.35 -37.77
C PRO A 177 -17.01 -32.78 -36.82
N ALA A 178 -17.10 -33.10 -35.54
CA ALA A 178 -16.08 -32.71 -34.58
C ALA A 178 -15.02 -33.85 -34.58
N GLU A 179 -13.80 -33.50 -34.18
CA GLU A 179 -12.69 -34.47 -34.03
C GLU A 179 -12.86 -35.06 -32.64
N GLU A 180 -12.56 -36.36 -32.47
CA GLU A 180 -12.57 -37.01 -31.18
C GLU A 180 -11.87 -36.22 -30.09
N ASP A 181 -10.79 -35.50 -30.40
CA ASP A 181 -10.05 -34.75 -29.38
C ASP A 181 -10.42 -33.29 -29.33
N ASP A 182 -11.52 -32.91 -29.99
CA ASP A 182 -12.04 -31.54 -29.79
C ASP A 182 -12.53 -31.38 -28.34
N PRO A 183 -12.47 -30.16 -27.80
CA PRO A 183 -12.98 -29.99 -26.43
C PRO A 183 -14.50 -30.32 -26.44
N ALA A 184 -14.96 -30.79 -25.29
CA ALA A 184 -16.33 -31.24 -25.06
C ALA A 184 -17.33 -30.16 -25.46
N GLU A 185 -16.99 -28.90 -25.19
CA GLU A 185 -17.93 -27.81 -25.42
C GLU A 185 -18.07 -27.58 -26.94
N TRP A 186 -16.95 -27.82 -27.64
CA TRP A 186 -16.97 -27.69 -29.13
C TRP A 186 -17.96 -28.75 -29.80
N LYS A 187 -17.95 -29.96 -29.27
CA LYS A 187 -18.79 -31.05 -29.70
C LYS A 187 -20.28 -30.67 -29.42
N VAL A 188 -20.54 -30.07 -28.26
CA VAL A 188 -21.89 -29.55 -27.93
C VAL A 188 -22.36 -28.42 -28.94
N PHE A 189 -21.50 -27.47 -29.16
CA PHE A 189 -21.77 -26.37 -30.01
C PHE A 189 -22.07 -26.87 -31.41
N LEU A 190 -21.19 -27.69 -31.96
CA LEU A 190 -21.51 -28.26 -33.31
C LEU A 190 -22.79 -29.12 -33.30
N ASN A 191 -23.01 -29.91 -32.24
CA ASN A 191 -24.27 -30.79 -32.15
C ASN A 191 -25.47 -29.82 -32.31
N LEU A 192 -25.45 -28.66 -31.66
CA LEU A 192 -26.58 -27.76 -31.67
C LEU A 192 -26.86 -27.31 -33.13
N LEU A 193 -25.81 -26.88 -33.76
CA LEU A 193 -25.88 -26.37 -35.14
C LEU A 193 -26.25 -27.47 -36.15
N ARG A 194 -25.60 -28.62 -35.99
CA ARG A 194 -25.81 -29.76 -36.90
C ARG A 194 -27.31 -30.21 -36.81
N THR A 195 -27.84 -30.27 -35.58
CA THR A 195 -29.27 -30.67 -35.40
C THR A 195 -30.26 -29.64 -35.97
N ARG A 196 -30.02 -28.33 -35.77
CA ARG A 196 -30.97 -27.33 -36.21
C ARG A 196 -30.91 -27.30 -37.76
N PHE A 197 -29.75 -27.58 -38.33
CA PHE A 197 -29.59 -27.55 -39.79
C PHE A 197 -30.41 -28.66 -40.50
N GLU A 198 -30.70 -29.70 -39.76
CA GLU A 198 -31.52 -30.84 -40.21
C GLU A 198 -32.92 -30.36 -40.56
N THR A 199 -33.44 -29.35 -39.83
CA THR A 199 -34.81 -28.86 -39.99
C THR A 199 -34.96 -27.38 -40.42
N ASP A 200 -33.88 -26.56 -40.39
CA ASP A 200 -33.98 -25.19 -40.78
C ASP A 200 -32.67 -24.75 -41.45
N LYS A 201 -32.71 -24.47 -42.72
CA LYS A 201 -31.49 -24.38 -43.49
C LYS A 201 -30.94 -22.99 -43.52
N ASP A 202 -31.77 -21.99 -43.15
CA ASP A 202 -31.24 -20.61 -43.29
C ASP A 202 -31.46 -19.74 -42.04
N LYS A 203 -31.64 -20.43 -40.91
CA LYS A 203 -31.94 -19.75 -39.66
C LYS A 203 -30.84 -18.70 -39.37
N TRP A 204 -29.62 -19.18 -39.30
CA TRP A 204 -28.48 -18.30 -38.86
C TRP A 204 -28.19 -17.22 -39.90
N THR A 205 -28.39 -17.56 -41.20
CA THR A 205 -28.20 -16.53 -42.28
C THR A 205 -29.21 -15.37 -42.17
N LYS A 206 -30.48 -15.69 -41.91
CA LYS A 206 -31.48 -14.67 -41.75
C LYS A 206 -31.25 -13.86 -40.46
N ILE A 207 -30.76 -14.53 -39.41
CA ILE A 207 -30.44 -13.82 -38.21
C ILE A 207 -29.32 -12.77 -38.44
N ALA A 208 -28.26 -13.30 -39.04
CA ALA A 208 -27.04 -12.49 -39.37
C ALA A 208 -27.45 -11.33 -40.23
N GLU A 209 -28.35 -11.61 -41.21
CA GLU A 209 -28.86 -10.51 -42.02
C GLU A 209 -29.74 -9.47 -41.26
N SER A 210 -30.42 -9.90 -40.20
CA SER A 210 -31.32 -9.01 -39.47
C SER A 210 -30.54 -8.11 -38.42
N VAL A 211 -29.47 -8.68 -37.93
CA VAL A 211 -28.71 -8.06 -36.80
C VAL A 211 -28.00 -6.83 -37.36
N LYS A 212 -28.27 -5.69 -36.74
CA LYS A 212 -27.83 -4.41 -37.21
C LYS A 212 -26.48 -4.07 -36.56
N GLY A 213 -26.18 -4.76 -35.46
CA GLY A 213 -24.87 -4.58 -34.83
C GLY A 213 -24.71 -5.39 -33.54
N VAL A 214 -23.48 -5.54 -33.09
CA VAL A 214 -23.25 -6.20 -31.79
C VAL A 214 -22.42 -5.21 -30.99
N THR A 215 -22.67 -5.23 -29.70
CA THR A 215 -21.79 -4.60 -28.70
C THR A 215 -21.13 -5.75 -27.89
N GLU A 216 -19.81 -5.62 -27.65
CA GLU A 216 -19.07 -6.69 -27.03
C GLU A 216 -18.28 -6.16 -25.79
N GLU A 217 -18.49 -6.87 -24.66
CA GLU A 217 -18.20 -6.25 -23.36
C GLU A 217 -16.79 -6.63 -22.85
N THR A 218 -16.15 -7.69 -23.37
CA THR A 218 -14.95 -8.23 -22.67
C THR A 218 -13.72 -8.45 -23.56
N THR A 219 -12.48 -8.41 -23.00
CA THR A 219 -11.29 -8.55 -23.85
C THR A 219 -11.30 -9.81 -24.68
N THR A 220 -11.75 -10.94 -24.14
CA THR A 220 -11.82 -12.20 -24.93
C THR A 220 -12.74 -12.06 -26.17
N GLY A 221 -13.92 -11.47 -25.92
CA GLY A 221 -14.86 -11.32 -27.05
C GLY A 221 -14.35 -10.41 -28.08
N VAL A 222 -13.63 -9.37 -27.66
CA VAL A 222 -13.15 -8.37 -28.60
C VAL A 222 -12.01 -8.99 -29.48
N LEU A 223 -11.18 -9.81 -28.89
CA LEU A 223 -10.19 -10.62 -29.68
C LEU A 223 -10.91 -11.37 -30.75
N ARG A 224 -11.99 -12.05 -30.37
CA ARG A 224 -12.72 -12.88 -31.36
C ARG A 224 -13.33 -12.05 -32.45
N LEU A 225 -13.79 -10.84 -32.12
CA LEU A 225 -14.32 -9.94 -33.13
C LEU A 225 -13.24 -9.48 -34.14
N TYR A 226 -12.06 -9.18 -33.59
CA TYR A 226 -10.90 -8.82 -34.46
C TYR A 226 -10.55 -10.01 -35.41
N GLN A 227 -10.58 -11.24 -34.92
CA GLN A 227 -10.37 -12.46 -35.69
C GLN A 227 -11.47 -12.63 -36.75
N PHE A 228 -12.74 -12.40 -36.43
CA PHE A 228 -13.75 -12.42 -37.56
C PHE A 228 -13.48 -11.37 -38.62
N ALA A 229 -13.19 -10.15 -38.18
CA ALA A 229 -13.02 -8.97 -39.05
C ALA A 229 -11.83 -9.24 -39.95
N ALA A 230 -10.69 -9.68 -39.37
CA ALA A 230 -9.48 -10.18 -40.16
C ALA A 230 -9.80 -11.15 -41.35
N ALA A 231 -10.70 -12.11 -41.11
CA ALA A 231 -11.11 -13.14 -42.03
C ALA A 231 -12.20 -12.71 -43.01
N GLY A 232 -12.63 -11.44 -42.95
CA GLY A 232 -13.71 -10.93 -43.81
C GLY A 232 -15.10 -11.41 -43.44
N ASP A 233 -15.25 -11.83 -42.18
CA ASP A 233 -16.45 -12.52 -41.76
C ASP A 233 -17.27 -11.76 -40.73
N LEU A 234 -16.92 -10.51 -40.45
CA LEU A 234 -17.77 -9.77 -39.54
C LEU A 234 -18.91 -9.17 -40.34
N ALA A 235 -20.10 -9.74 -40.09
CA ALA A 235 -21.24 -9.52 -41.00
C ALA A 235 -22.08 -8.33 -40.62
N PHE A 236 -21.73 -7.64 -39.50
CA PHE A 236 -22.42 -6.47 -39.08
C PHE A 236 -21.43 -5.60 -38.23
N PRO A 237 -21.76 -4.31 -38.04
CA PRO A 237 -20.87 -3.44 -37.21
C PRO A 237 -20.76 -3.99 -35.79
N ALA A 238 -19.62 -3.80 -35.16
CA ALA A 238 -19.42 -4.17 -33.75
C ALA A 238 -18.86 -2.93 -33.01
N ILE A 239 -19.30 -2.73 -31.75
CA ILE A 239 -18.65 -1.78 -30.86
C ILE A 239 -17.94 -2.53 -29.74
N ASN A 240 -16.63 -2.31 -29.66
CA ASN A 240 -15.83 -2.86 -28.60
C ASN A 240 -16.01 -1.94 -27.36
N VAL A 241 -16.85 -2.39 -26.40
CA VAL A 241 -17.11 -1.76 -25.17
C VAL A 241 -15.98 -2.03 -24.21
N ASN A 242 -15.34 -3.19 -24.32
CA ASN A 242 -14.20 -3.49 -23.36
C ASN A 242 -13.19 -2.35 -23.26
N ASP A 243 -12.91 -1.79 -24.40
CA ASP A 243 -11.83 -0.78 -24.53
C ASP A 243 -12.29 0.64 -24.42
N SER A 244 -13.54 0.88 -23.96
CA SER A 244 -13.91 2.21 -23.49
C SER A 244 -12.96 2.44 -22.27
N VAL A 245 -12.53 3.69 -22.08
CA VAL A 245 -11.55 3.89 -21.04
C VAL A 245 -12.20 3.51 -19.69
N THR A 246 -13.47 3.90 -19.56
CA THR A 246 -14.17 3.69 -18.24
C THR A 246 -14.63 2.26 -18.04
N LYS A 247 -14.32 1.37 -19.00
CA LYS A 247 -14.54 -0.05 -18.80
C LYS A 247 -13.20 -0.77 -18.42
N SER A 248 -12.29 -0.90 -19.39
CA SER A 248 -11.03 -1.64 -19.23
C SER A 248 -10.22 -1.17 -18.00
N LYS A 249 -10.11 0.17 -17.82
CA LYS A 249 -9.26 0.64 -16.67
C LYS A 249 -9.98 0.65 -15.37
N PHE A 250 -11.25 0.33 -15.33
CA PHE A 250 -12.13 0.41 -14.08
C PHE A 250 -12.65 -0.97 -13.75
N ASP A 251 -13.50 -1.53 -14.62
CA ASP A 251 -14.06 -2.88 -14.45
C ASP A 251 -12.90 -3.89 -14.38
N ASN A 252 -12.10 -3.94 -15.44
CA ASN A 252 -11.11 -5.05 -15.48
C ASN A 252 -10.19 -5.04 -14.27
N LYS A 253 -9.80 -3.81 -13.92
CA LYS A 253 -8.84 -3.58 -12.82
C LYS A 253 -9.49 -3.51 -11.44
N TYR A 254 -10.27 -2.44 -11.19
CA TYR A 254 -10.83 -2.28 -9.82
C TYR A 254 -12.00 -3.26 -9.56
N GLY A 255 -12.73 -3.66 -10.61
CA GLY A 255 -13.73 -4.71 -10.38
C GLY A 255 -13.10 -6.01 -9.89
N THR A 256 -11.99 -6.34 -10.53
CA THR A 256 -11.33 -7.60 -10.15
C THR A 256 -10.68 -7.44 -8.78
N ARG A 257 -10.13 -6.21 -8.47
CA ARG A 257 -9.54 -6.02 -7.13
C ARG A 257 -10.58 -6.37 -6.03
N HIS A 258 -11.87 -6.08 -6.30
CA HIS A 258 -12.93 -6.39 -5.33
C HIS A 258 -13.27 -7.89 -5.38
N SER A 259 -13.55 -8.37 -6.59
CA SER A 259 -14.22 -9.68 -6.70
C SER A 259 -13.37 -10.91 -6.72
N LEU A 260 -12.04 -10.73 -7.03
CA LEU A 260 -11.20 -11.92 -6.89
C LEU A 260 -11.14 -12.44 -5.46
N ILE A 261 -10.88 -11.53 -4.54
CA ILE A 261 -10.77 -11.96 -3.15
C ILE A 261 -12.11 -12.45 -2.60
N ASP A 262 -13.21 -11.80 -3.07
CA ASP A 262 -14.55 -12.31 -2.71
C ASP A 262 -14.73 -13.76 -3.11
N GLY A 263 -14.42 -14.10 -4.40
CA GLY A 263 -14.59 -15.52 -4.75
C GLY A 263 -13.71 -16.46 -4.06
N ILE A 264 -12.42 -16.02 -3.83
CA ILE A 264 -11.58 -16.89 -3.06
C ILE A 264 -12.05 -17.11 -1.58
N ASN A 265 -12.49 -16.02 -0.95
CA ASN A 265 -13.08 -16.08 0.38
C ASN A 265 -14.26 -17.03 0.45
N ARG A 266 -15.24 -16.87 -0.42
CA ARG A 266 -16.47 -17.68 -0.27
C ARG A 266 -16.20 -19.16 -0.55
N GLY A 267 -15.29 -19.40 -1.48
CA GLY A 267 -14.99 -20.82 -1.79
C GLY A 267 -14.14 -21.49 -0.74
N THR A 268 -13.20 -20.78 -0.14
CA THR A 268 -12.15 -21.44 0.59
C THR A 268 -11.98 -20.93 1.99
N ASP A 269 -12.36 -19.64 2.24
CA ASP A 269 -12.00 -19.01 3.55
C ASP A 269 -10.54 -19.11 3.89
N ALA A 270 -9.72 -19.15 2.91
CA ALA A 270 -8.26 -19.30 3.19
C ALA A 270 -7.65 -17.93 3.46
N LEU A 271 -6.89 -17.85 4.58
CA LEU A 271 -6.10 -16.65 4.87
C LEU A 271 -5.27 -16.35 3.62
N ILE A 272 -5.27 -15.07 3.23
CA ILE A 272 -4.52 -14.62 2.03
C ILE A 272 -3.18 -14.00 2.53
N GLY A 273 -3.22 -13.24 3.65
CA GLY A 273 -1.99 -12.64 4.23
C GLY A 273 -0.97 -13.71 4.52
N GLY A 274 0.28 -13.38 4.14
CA GLY A 274 1.39 -14.31 4.48
C GLY A 274 1.57 -15.47 3.47
N LYS A 275 0.54 -15.64 2.56
CA LYS A 275 0.63 -16.76 1.57
C LYS A 275 1.42 -16.34 0.32
N LYS A 276 2.01 -17.29 -0.36
CA LYS A 276 2.60 -17.01 -1.67
C LYS A 276 1.56 -17.15 -2.72
N VAL A 277 1.37 -16.11 -3.54
CA VAL A 277 0.34 -16.10 -4.53
C VAL A 277 0.95 -15.89 -5.89
N LEU A 278 0.57 -16.73 -6.85
CA LEU A 278 1.03 -16.62 -8.21
C LEU A 278 -0.06 -16.11 -9.12
N ILE A 279 0.12 -14.92 -9.68
CA ILE A 279 -0.88 -14.37 -10.64
C ILE A 279 -0.32 -14.52 -12.06
N CYS A 280 -1.07 -15.16 -12.95
CA CYS A 280 -0.56 -15.44 -14.32
C CYS A 280 -1.18 -14.41 -15.21
N GLY A 281 -0.41 -13.46 -15.68
CA GLY A 281 -0.91 -12.35 -16.55
C GLY A 281 -1.00 -11.06 -15.75
N TYR A 282 -0.55 -9.96 -16.37
CA TYR A 282 -0.50 -8.62 -15.71
C TYR A 282 -1.05 -7.59 -16.61
N GLY A 283 -2.18 -7.94 -17.23
CA GLY A 283 -2.94 -6.89 -17.90
C GLY A 283 -3.91 -6.26 -16.93
N ASP A 284 -5.07 -5.80 -17.40
CA ASP A 284 -5.86 -5.05 -16.42
C ASP A 284 -6.42 -5.94 -15.33
N VAL A 285 -6.81 -7.15 -15.74
CA VAL A 285 -7.33 -8.09 -14.69
C VAL A 285 -6.20 -8.55 -13.77
N GLY A 286 -5.02 -8.99 -14.29
CA GLY A 286 -3.95 -9.42 -13.42
C GLY A 286 -3.48 -8.25 -12.52
N LYS A 287 -3.52 -6.96 -13.00
CA LYS A 287 -3.18 -5.84 -12.12
C LYS A 287 -4.14 -5.75 -10.96
N GLY A 288 -5.45 -5.91 -11.22
CA GLY A 288 -6.45 -5.88 -10.15
C GLY A 288 -6.23 -7.04 -9.17
N CYS A 289 -5.87 -8.24 -9.65
CA CYS A 289 -5.70 -9.41 -8.85
C CYS A 289 -4.54 -9.12 -7.94
N ALA A 290 -3.41 -8.60 -8.52
CA ALA A 290 -2.22 -8.41 -7.66
C ALA A 290 -2.43 -7.34 -6.61
N GLU A 291 -3.20 -6.30 -6.93
CA GLU A 291 -3.45 -5.17 -6.02
C GLU A 291 -4.30 -5.77 -4.88
N ALA A 292 -5.30 -6.59 -5.20
CA ALA A 292 -6.19 -7.21 -4.14
C ALA A 292 -5.36 -8.03 -3.18
N MET A 293 -4.53 -8.92 -3.75
CA MET A 293 -3.77 -9.85 -2.91
C MET A 293 -2.73 -9.11 -2.06
N LYS A 294 -1.98 -8.18 -2.69
CA LYS A 294 -0.98 -7.30 -1.99
C LYS A 294 -1.64 -6.61 -0.84
N GLY A 295 -2.88 -6.22 -1.05
CA GLY A 295 -3.54 -5.36 0.03
C GLY A 295 -3.97 -6.23 1.20
N GLN A 296 -4.10 -7.52 0.94
CA GLN A 296 -4.42 -8.50 2.02
C GLN A 296 -3.16 -9.10 2.67
N GLY A 297 -1.96 -8.61 2.26
CA GLY A 297 -0.72 -9.08 2.93
C GLY A 297 -0.14 -10.30 2.27
N ALA A 298 -0.60 -10.64 1.04
CA ALA A 298 0.03 -11.75 0.36
C ALA A 298 1.43 -11.40 -0.18
N ARG A 299 2.21 -12.51 -0.47
CA ARG A 299 3.49 -12.33 -1.12
C ARG A 299 3.25 -12.76 -2.57
N VAL A 300 3.19 -11.78 -3.46
CA VAL A 300 2.68 -11.98 -4.84
C VAL A 300 3.86 -12.04 -5.84
N SER A 301 3.81 -13.07 -6.72
CA SER A 301 4.66 -13.06 -7.92
C SER A 301 3.74 -13.11 -9.11
N VAL A 302 4.27 -12.75 -10.30
CA VAL A 302 3.47 -12.52 -11.50
C VAL A 302 4.18 -13.26 -12.61
N THR A 303 3.39 -13.89 -13.49
CA THR A 303 3.92 -14.39 -14.82
C THR A 303 3.45 -13.56 -15.96
N GLU A 304 4.29 -13.42 -16.96
CA GLU A 304 4.00 -12.61 -18.09
C GLU A 304 4.80 -12.97 -19.38
N ILE A 305 4.10 -12.83 -20.48
CA ILE A 305 4.77 -12.86 -21.80
C ILE A 305 5.18 -11.56 -22.37
N ASP A 306 4.57 -10.47 -21.91
CA ASP A 306 4.75 -9.21 -22.52
C ASP A 306 5.78 -8.44 -21.64
N PRO A 307 6.95 -8.01 -22.19
CA PRO A 307 7.97 -7.40 -21.38
C PRO A 307 7.46 -6.03 -20.78
N ILE A 308 6.52 -5.34 -21.46
CA ILE A 308 6.01 -4.00 -20.98
C ILE A 308 5.21 -4.33 -19.70
N ASN A 309 4.21 -5.24 -19.76
CA ASN A 309 3.47 -5.57 -18.55
C ASN A 309 4.34 -6.14 -17.49
N ALA A 310 5.29 -7.07 -17.81
CA ALA A 310 6.25 -7.55 -16.81
C ALA A 310 7.05 -6.47 -16.13
N LEU A 311 7.55 -5.51 -16.89
CA LEU A 311 8.31 -4.40 -16.24
C LEU A 311 7.39 -3.62 -15.28
N GLN A 312 6.12 -3.45 -15.64
CA GLN A 312 5.20 -2.74 -14.69
C GLN A 312 5.06 -3.58 -13.39
N ALA A 313 4.92 -4.89 -13.54
CA ALA A 313 4.76 -5.77 -12.37
C ALA A 313 5.98 -5.56 -11.49
N MET A 314 7.18 -5.61 -12.09
CA MET A 314 8.43 -5.50 -11.23
C MET A 314 8.49 -4.09 -10.51
N MET A 315 8.08 -3.06 -11.20
CA MET A 315 8.04 -1.67 -10.67
C MET A 315 7.00 -1.48 -9.57
N GLU A 316 6.06 -2.48 -9.53
CA GLU A 316 4.98 -2.44 -8.53
C GLU A 316 5.26 -3.44 -7.39
N GLY A 317 6.51 -3.97 -7.36
CA GLY A 317 6.95 -4.73 -6.17
C GLY A 317 6.80 -6.24 -6.35
N PHE A 318 6.56 -6.73 -7.63
CA PHE A 318 6.33 -8.18 -7.73
C PHE A 318 7.46 -8.86 -8.58
N ASP A 319 8.01 -9.96 -8.12
CA ASP A 319 8.89 -10.77 -8.98
C ASP A 319 8.09 -11.16 -10.23
N VAL A 320 8.80 -11.32 -11.35
CA VAL A 320 8.23 -11.85 -12.57
C VAL A 320 8.93 -13.19 -12.82
N VAL A 321 8.14 -14.26 -12.78
CA VAL A 321 8.66 -15.66 -12.64
C VAL A 321 7.87 -16.51 -13.70
N THR A 322 8.40 -17.73 -14.05
CA THR A 322 7.58 -18.67 -14.87
C THR A 322 6.81 -19.57 -13.99
N VAL A 323 5.69 -20.06 -14.53
CA VAL A 323 4.98 -21.10 -13.81
C VAL A 323 5.85 -22.30 -13.43
N GLU A 324 6.77 -22.70 -14.32
CA GLU A 324 7.62 -23.87 -14.01
C GLU A 324 8.43 -23.65 -12.79
N GLU A 325 8.97 -22.39 -12.61
CA GLU A 325 9.89 -22.25 -11.45
C GLU A 325 9.14 -21.98 -10.16
N ALA A 326 7.87 -21.47 -10.21
CA ALA A 326 7.20 -20.97 -8.97
C ALA A 326 6.04 -21.79 -8.52
N ILE A 327 5.61 -22.71 -9.40
CA ILE A 327 4.32 -23.45 -9.20
C ILE A 327 4.42 -24.25 -7.88
N GLY A 328 5.60 -24.83 -7.55
CA GLY A 328 5.59 -25.71 -6.39
C GLY A 328 5.57 -25.02 -5.06
N ASP A 329 5.83 -23.69 -5.15
CA ASP A 329 5.89 -22.89 -3.89
C ASP A 329 4.60 -22.03 -3.69
N ALA A 330 3.71 -22.03 -4.64
CA ALA A 330 2.51 -21.17 -4.57
C ALA A 330 1.45 -21.78 -3.65
N ASP A 331 0.93 -20.94 -2.73
CA ASP A 331 -0.27 -21.36 -1.95
C ASP A 331 -1.57 -21.15 -2.78
N ILE A 332 -1.56 -20.10 -3.60
CA ILE A 332 -2.74 -19.77 -4.42
C ILE A 332 -2.20 -19.48 -5.75
N VAL A 333 -2.89 -19.98 -6.80
CA VAL A 333 -2.56 -19.77 -8.18
C VAL A 333 -3.77 -19.25 -8.89
N VAL A 334 -3.67 -18.08 -9.52
CA VAL A 334 -4.85 -17.51 -10.28
C VAL A 334 -4.37 -17.26 -11.72
N THR A 335 -5.15 -17.67 -12.73
CA THR A 335 -4.89 -17.34 -14.14
C THR A 335 -5.75 -16.13 -14.55
N ALA A 336 -5.09 -15.14 -15.18
CA ALA A 336 -5.76 -13.90 -15.57
C ALA A 336 -5.32 -13.45 -16.96
N THR A 337 -5.11 -14.45 -17.83
CA THR A 337 -4.56 -14.11 -19.13
C THR A 337 -5.43 -13.94 -20.38
N GLY A 338 -6.60 -14.60 -20.41
CA GLY A 338 -7.35 -14.56 -21.68
C GLY A 338 -6.73 -15.48 -22.70
N ASN A 339 -5.67 -16.18 -22.31
CA ASN A 339 -5.09 -17.19 -23.21
C ASN A 339 -5.43 -18.55 -22.77
N LYS A 340 -5.01 -19.52 -23.52
CA LYS A 340 -5.20 -20.91 -23.10
C LYS A 340 -3.96 -21.64 -22.61
N ASP A 341 -4.14 -22.74 -21.92
CA ASP A 341 -2.96 -23.63 -21.57
C ASP A 341 -1.93 -22.96 -20.67
N ILE A 342 -2.43 -22.31 -19.59
CA ILE A 342 -1.50 -21.62 -18.66
C ILE A 342 -1.06 -22.54 -17.61
N ILE A 343 -2.01 -23.31 -17.01
CA ILE A 343 -1.74 -24.20 -15.96
C ILE A 343 -2.18 -25.59 -16.48
N MET A 344 -1.14 -26.31 -16.89
CA MET A 344 -1.38 -27.68 -17.44
C MET A 344 -1.33 -28.70 -16.36
N LEU A 345 -1.74 -29.93 -16.77
CA LEU A 345 -1.73 -31.02 -15.82
C LEU A 345 -0.37 -31.21 -15.02
N GLU A 346 0.73 -31.17 -15.76
CA GLU A 346 2.06 -31.27 -15.10
C GLU A 346 2.28 -30.18 -14.02
N HIS A 347 1.76 -29.00 -14.31
CA HIS A 347 1.85 -27.93 -13.27
C HIS A 347 0.90 -28.22 -12.12
N ILE A 348 -0.35 -28.69 -12.41
CA ILE A 348 -1.17 -29.09 -11.28
C ILE A 348 -0.59 -30.14 -10.35
N LYS A 349 0.09 -31.18 -10.96
CA LYS A 349 0.71 -32.22 -10.20
C LYS A 349 1.93 -31.72 -9.42
N ALA A 350 2.44 -30.52 -9.86
CA ALA A 350 3.59 -29.86 -9.17
C ALA A 350 3.16 -28.99 -8.00
N MET A 351 1.84 -28.73 -7.85
CA MET A 351 1.47 -27.87 -6.73
C MET A 351 1.59 -28.45 -5.35
N LYS A 352 1.74 -27.59 -4.37
CA LYS A 352 1.89 -28.11 -3.04
C LYS A 352 0.52 -28.62 -2.49
N ASP A 353 0.53 -29.47 -1.46
CA ASP A 353 -0.65 -30.08 -0.93
C ASP A 353 -1.56 -28.96 -0.36
N HIS A 354 -2.82 -28.98 -0.76
CA HIS A 354 -3.92 -28.07 -0.34
C HIS A 354 -3.72 -26.69 -0.86
N ALA A 355 -2.84 -26.53 -1.87
CA ALA A 355 -2.88 -25.24 -2.68
C ALA A 355 -4.24 -25.02 -3.39
N ILE A 356 -4.53 -23.72 -3.65
CA ILE A 356 -5.80 -23.37 -4.30
C ILE A 356 -5.50 -22.97 -5.74
N LEU A 357 -6.33 -23.38 -6.73
CA LEU A 357 -6.17 -23.08 -8.15
C LEU A 357 -7.48 -22.49 -8.61
N GLY A 358 -7.39 -21.30 -9.26
CA GLY A 358 -8.62 -20.76 -9.87
C GLY A 358 -8.29 -19.92 -11.09
N ASN A 359 -9.29 -19.61 -11.91
CA ASN A 359 -9.13 -18.84 -13.11
C ASN A 359 -10.11 -17.65 -13.03
N ILE A 360 -9.68 -16.47 -13.43
CA ILE A 360 -10.52 -15.31 -13.44
C ILE A 360 -10.69 -14.76 -14.89
N GLY A 361 -10.04 -15.36 -15.89
CA GLY A 361 -10.12 -14.97 -17.27
C GLY A 361 -11.54 -15.39 -17.77
N HIS A 362 -11.98 -14.89 -18.91
CA HIS A 362 -13.33 -15.24 -19.36
C HIS A 362 -13.54 -16.76 -19.61
N PHE A 363 -12.56 -17.47 -20.22
CA PHE A 363 -12.87 -18.92 -20.43
C PHE A 363 -12.07 -19.86 -19.55
N ASP A 364 -12.59 -21.11 -19.28
CA ASP A 364 -11.95 -22.04 -18.38
C ASP A 364 -10.67 -22.72 -18.95
N ASN A 365 -10.45 -22.58 -20.27
CA ASN A 365 -9.31 -23.27 -20.89
C ASN A 365 -7.94 -22.67 -20.50
N GLU A 366 -7.92 -21.57 -19.71
CA GLU A 366 -6.62 -21.20 -19.09
C GLU A 366 -6.03 -22.33 -18.23
N ILE A 367 -6.87 -23.13 -17.57
CA ILE A 367 -6.53 -24.26 -16.61
C ILE A 367 -6.88 -25.55 -17.44
N ASP A 368 -5.95 -26.51 -17.53
CA ASP A 368 -6.19 -27.76 -18.26
C ASP A 368 -7.18 -28.65 -17.49
N MET A 369 -8.44 -28.20 -17.32
CA MET A 369 -9.40 -29.02 -16.66
C MET A 369 -9.67 -30.35 -17.33
N ALA A 370 -9.67 -30.31 -18.66
CA ALA A 370 -9.86 -31.62 -19.35
C ALA A 370 -8.73 -32.66 -18.89
N GLY A 371 -7.48 -32.18 -18.88
CA GLY A 371 -6.39 -33.08 -18.50
C GLY A 371 -6.54 -33.51 -17.07
N LEU A 372 -6.99 -32.64 -16.16
CA LEU A 372 -7.18 -32.98 -14.75
C LEU A 372 -8.28 -34.09 -14.55
N GLU A 373 -9.37 -33.86 -15.26
CA GLU A 373 -10.56 -34.73 -15.16
C GLU A 373 -10.29 -36.15 -15.72
N ARG A 374 -9.40 -36.24 -16.73
CA ARG A 374 -9.06 -37.53 -17.41
C ARG A 374 -7.73 -38.09 -16.79
N SER A 375 -7.11 -37.39 -15.80
CA SER A 375 -5.80 -37.82 -15.26
C SER A 375 -5.78 -39.06 -14.38
N GLY A 376 -6.91 -39.41 -13.75
CA GLY A 376 -6.99 -40.34 -12.70
C GLY A 376 -7.01 -39.80 -11.29
N ALA A 377 -6.79 -38.45 -11.17
CA ALA A 377 -7.03 -37.77 -9.88
C ALA A 377 -8.50 -38.01 -9.48
N THR A 378 -8.72 -38.14 -8.21
CA THR A 378 -10.10 -38.38 -7.67
C THR A 378 -10.62 -37.06 -7.11
N ARG A 379 -11.91 -36.87 -7.32
CA ARG A 379 -12.53 -35.58 -6.93
C ARG A 379 -13.47 -35.79 -5.75
N VAL A 380 -13.36 -34.91 -4.75
CA VAL A 380 -14.40 -34.83 -3.73
C VAL A 380 -14.98 -33.41 -3.85
N ASN A 381 -16.28 -33.32 -4.10
CA ASN A 381 -16.97 -32.04 -4.01
C ASN A 381 -17.09 -31.55 -2.59
N VAL A 382 -16.66 -30.28 -2.32
CA VAL A 382 -16.77 -29.79 -0.93
C VAL A 382 -18.11 -29.10 -0.82
N LYS A 383 -18.44 -28.26 -1.83
CA LYS A 383 -19.67 -27.47 -1.83
C LYS A 383 -19.73 -26.90 -3.19
N PRO A 384 -20.87 -26.25 -3.52
CA PRO A 384 -20.93 -25.87 -4.92
C PRO A 384 -19.71 -25.02 -5.38
N GLN A 385 -19.16 -25.32 -6.56
CA GLN A 385 -18.01 -24.63 -7.11
C GLN A 385 -16.72 -24.77 -6.30
N VAL A 386 -16.66 -25.73 -5.37
CA VAL A 386 -15.37 -26.04 -4.69
C VAL A 386 -15.12 -27.54 -4.70
N ASP A 387 -14.02 -27.97 -5.38
CA ASP A 387 -13.65 -29.40 -5.46
C ASP A 387 -12.25 -29.64 -4.98
N LEU A 388 -12.06 -30.76 -4.28
CA LEU A 388 -10.74 -31.16 -3.79
C LEU A 388 -10.35 -32.35 -4.72
N TRP A 389 -9.27 -32.20 -5.49
CA TRP A 389 -8.75 -33.22 -6.39
C TRP A 389 -7.49 -33.81 -5.75
N THR A 390 -7.44 -35.13 -5.70
CA THR A 390 -6.36 -35.81 -5.07
C THR A 390 -5.62 -36.71 -6.08
N PHE A 391 -4.30 -36.64 -6.03
CA PHE A 391 -3.41 -37.49 -6.95
C PHE A 391 -2.88 -38.63 -6.13
N GLY A 392 -3.36 -39.87 -6.41
CA GLY A 392 -2.91 -41.03 -5.59
C GLY A 392 -1.41 -41.29 -5.68
N ASP A 393 -0.81 -40.98 -6.82
CA ASP A 393 0.69 -41.18 -7.01
C ASP A 393 1.55 -40.29 -6.10
N THR A 394 1.10 -39.07 -5.75
CA THR A 394 1.89 -38.19 -4.93
C THR A 394 1.30 -38.02 -3.54
N GLY A 395 -0.02 -38.24 -3.43
CA GLY A 395 -0.74 -38.04 -2.19
C GLY A 395 -1.24 -36.60 -1.99
N ARG A 396 -0.96 -35.74 -2.97
CA ARG A 396 -1.30 -34.30 -2.77
C ARG A 396 -2.74 -34.07 -3.25
N SER A 397 -3.40 -33.15 -2.57
CA SER A 397 -4.66 -32.64 -3.05
C SER A 397 -4.64 -31.17 -3.40
N ILE A 398 -5.42 -30.80 -4.38
CA ILE A 398 -5.50 -29.32 -4.70
C ILE A 398 -7.02 -28.92 -4.61
N ILE A 399 -7.27 -27.66 -4.20
CA ILE A 399 -8.65 -27.13 -4.21
C ILE A 399 -8.76 -26.39 -5.52
N VAL A 400 -9.80 -26.72 -6.31
CA VAL A 400 -10.08 -26.09 -7.58
C VAL A 400 -11.44 -25.35 -7.49
N LEU A 401 -11.41 -24.08 -7.86
CA LEU A 401 -12.61 -23.18 -7.78
C LEU A 401 -13.35 -23.12 -9.13
N SER A 402 -14.68 -23.33 -9.03
CA SER A 402 -15.58 -23.16 -10.15
C SER A 402 -15.24 -24.04 -11.36
N GLU A 403 -14.65 -25.22 -11.06
CA GLU A 403 -14.18 -26.09 -12.20
C GLU A 403 -13.45 -25.27 -13.27
N GLY A 404 -12.67 -24.27 -12.83
CA GLY A 404 -11.88 -23.48 -13.76
C GLY A 404 -12.55 -22.33 -14.46
N ARG A 405 -13.90 -22.20 -14.27
CA ARG A 405 -14.65 -21.07 -14.89
C ARG A 405 -14.41 -19.82 -13.99
N LEU A 406 -14.65 -18.65 -14.56
CA LEU A 406 -14.29 -17.41 -13.87
C LEU A 406 -14.81 -17.34 -12.40
N LEU A 407 -13.84 -17.27 -11.48
CA LEU A 407 -14.16 -17.63 -10.09
C LEU A 407 -14.87 -16.50 -9.36
N ASN A 408 -14.67 -15.27 -9.77
CA ASN A 408 -15.39 -14.19 -9.06
C ASN A 408 -16.90 -14.36 -9.20
N LEU A 409 -17.38 -14.69 -10.38
CA LEU A 409 -18.85 -14.91 -10.66
C LEU A 409 -19.23 -16.29 -10.26
N GLY A 410 -18.33 -17.27 -10.30
CA GLY A 410 -18.73 -18.58 -9.97
C GLY A 410 -18.83 -18.81 -8.49
N ASN A 411 -17.84 -18.42 -7.70
CA ASN A 411 -17.82 -18.60 -6.29
C ASN A 411 -18.44 -17.42 -5.46
N ALA A 412 -18.57 -16.24 -6.07
CA ALA A 412 -19.15 -15.06 -5.37
C ALA A 412 -20.15 -14.40 -6.32
N THR A 413 -20.10 -13.05 -6.42
CA THR A 413 -21.15 -12.40 -7.15
C THR A 413 -20.61 -11.52 -8.26
N GLY A 414 -19.35 -11.76 -8.63
CA GLY A 414 -18.74 -10.92 -9.72
C GLY A 414 -18.47 -9.51 -9.19
N HIS A 415 -18.19 -8.59 -10.08
CA HIS A 415 -17.85 -7.22 -9.71
C HIS A 415 -19.08 -6.60 -9.03
N PRO A 416 -18.80 -5.61 -8.12
CA PRO A 416 -19.88 -4.82 -7.51
C PRO A 416 -20.59 -3.87 -8.43
N SER A 417 -21.89 -3.65 -8.10
CA SER A 417 -22.72 -2.71 -8.89
C SER A 417 -22.03 -1.43 -9.33
N PHE A 418 -21.40 -0.75 -8.41
CA PHE A 418 -20.90 0.62 -8.74
C PHE A 418 -19.82 0.58 -9.85
N VAL A 419 -19.02 -0.53 -9.87
CA VAL A 419 -18.05 -0.77 -10.97
C VAL A 419 -18.82 -1.12 -12.24
N MET A 420 -19.82 -2.05 -12.11
CA MET A 420 -20.56 -2.42 -13.36
C MET A 420 -21.37 -1.28 -13.92
N SER A 421 -21.68 -0.23 -13.12
CA SER A 421 -22.41 0.90 -13.67
C SER A 421 -21.56 1.59 -14.79
N ASN A 422 -20.23 1.60 -14.65
CA ASN A 422 -19.39 2.13 -15.74
C ASN A 422 -19.47 1.27 -16.94
N SER A 423 -19.28 -0.09 -16.80
CA SER A 423 -19.27 -0.99 -17.97
C SER A 423 -20.63 -0.94 -18.71
N PHE A 424 -21.69 -0.96 -17.91
CA PHE A 424 -23.04 -1.10 -18.51
C PHE A 424 -23.58 0.22 -19.00
N ALA A 425 -23.10 1.32 -18.45
CA ALA A 425 -23.41 2.73 -19.04
C ALA A 425 -22.80 2.73 -20.41
N ASN A 426 -21.51 2.24 -20.50
CA ASN A 426 -20.88 2.16 -21.82
C ASN A 426 -21.63 1.28 -22.83
N GLN A 427 -21.98 0.08 -22.35
CA GLN A 427 -22.72 -0.88 -23.22
C GLN A 427 -24.06 -0.27 -23.66
N THR A 428 -24.74 0.44 -22.75
CA THR A 428 -26.12 1.01 -23.08
C THR A 428 -25.91 2.13 -24.15
N ILE A 429 -24.88 2.95 -23.94
CA ILE A 429 -24.59 4.02 -24.94
C ILE A 429 -24.26 3.39 -26.26
N ALA A 430 -23.44 2.34 -26.28
CA ALA A 430 -23.01 1.65 -27.51
C ALA A 430 -24.24 1.12 -28.23
N GLN A 431 -25.16 0.53 -27.51
CA GLN A 431 -26.38 -0.06 -28.04
C GLN A 431 -27.24 1.10 -28.69
N ILE A 432 -27.38 2.22 -27.97
CA ILE A 432 -28.06 3.48 -28.50
C ILE A 432 -27.36 3.94 -29.81
N GLU A 433 -26.05 4.08 -29.80
CA GLU A 433 -25.31 4.56 -30.98
C GLU A 433 -25.52 3.64 -32.17
N LEU A 434 -25.38 2.33 -31.98
CA LEU A 434 -25.48 1.37 -33.11
C LEU A 434 -26.91 1.28 -33.60
N TRP A 435 -27.93 1.46 -32.74
CA TRP A 435 -29.29 1.22 -33.19
C TRP A 435 -29.75 2.46 -33.91
N THR A 436 -29.46 3.65 -33.38
CA THR A 436 -30.03 4.95 -33.82
C THR A 436 -29.23 5.65 -34.95
N LYS A 437 -27.97 5.27 -35.11
CA LYS A 437 -27.09 5.90 -36.09
C LYS A 437 -26.50 4.80 -36.98
N ASN A 438 -27.24 3.69 -37.12
CA ASN A 438 -26.72 2.51 -37.78
C ASN A 438 -26.02 2.69 -39.17
N ASP A 439 -26.57 3.61 -39.99
CA ASP A 439 -25.99 3.92 -41.34
C ASP A 439 -24.58 4.52 -41.27
N GLU A 440 -24.23 5.08 -40.14
CA GLU A 440 -22.89 5.65 -40.00
C GLU A 440 -21.77 4.55 -39.82
N TYR A 441 -22.15 3.27 -39.73
CA TYR A 441 -21.20 2.21 -39.38
C TYR A 441 -20.99 1.25 -40.52
N ASP A 442 -19.74 0.89 -40.74
CA ASP A 442 -19.48 -0.18 -41.62
C ASP A 442 -19.34 -1.43 -40.80
N ASN A 443 -19.10 -2.56 -41.50
CA ASN A 443 -18.86 -3.86 -40.90
C ASN A 443 -17.44 -4.02 -40.34
N GLU A 444 -17.14 -3.19 -39.31
CA GLU A 444 -15.82 -3.11 -38.74
C GLU A 444 -16.00 -3.05 -37.21
N VAL A 445 -14.88 -3.17 -36.46
CA VAL A 445 -14.92 -3.00 -34.96
C VAL A 445 -14.63 -1.50 -34.66
N TYR A 446 -15.51 -0.82 -33.89
CA TYR A 446 -15.40 0.56 -33.47
C TYR A 446 -15.28 0.67 -31.92
N ARG A 447 -14.68 1.75 -31.51
CA ARG A 447 -14.78 2.14 -30.10
C ARG A 447 -15.55 3.44 -29.96
N LEU A 448 -16.12 3.65 -28.75
CA LEU A 448 -16.93 4.86 -28.48
C LEU A 448 -15.97 6.07 -28.49
N PRO A 449 -16.47 7.18 -28.96
CA PRO A 449 -15.69 8.40 -28.90
C PRO A 449 -15.34 8.78 -27.42
N LYS A 450 -14.19 9.42 -27.28
CA LYS A 450 -13.71 9.77 -25.88
C LYS A 450 -14.65 10.60 -25.07
N HIS A 451 -15.41 11.54 -25.70
CA HIS A 451 -16.38 12.36 -25.01
C HIS A 451 -17.46 11.55 -24.25
N LEU A 452 -17.77 10.43 -24.84
CA LEU A 452 -18.86 9.62 -24.20
C LEU A 452 -18.28 8.89 -23.01
N ASP A 453 -17.02 8.44 -23.11
CA ASP A 453 -16.33 7.79 -21.94
C ASP A 453 -16.18 8.80 -20.82
N GLU A 454 -15.81 10.03 -21.13
CA GLU A 454 -15.81 11.15 -20.13
C GLU A 454 -17.16 11.39 -19.47
N LYS A 455 -18.20 11.40 -20.27
CA LYS A 455 -19.57 11.56 -19.74
C LYS A 455 -19.92 10.49 -18.64
N VAL A 456 -19.54 9.31 -18.92
CA VAL A 456 -19.76 8.18 -17.98
C VAL A 456 -18.90 8.37 -16.76
N ALA A 457 -17.60 8.70 -16.97
CA ALA A 457 -16.79 8.89 -15.72
C ALA A 457 -17.39 10.04 -14.84
N ARG A 458 -17.79 11.13 -15.49
CA ARG A 458 -18.27 12.31 -14.76
C ARG A 458 -19.48 11.93 -13.89
N ILE A 459 -20.44 11.11 -14.40
CA ILE A 459 -21.62 10.67 -13.53
C ILE A 459 -21.11 9.98 -12.25
N HIS A 460 -20.02 9.19 -12.44
CA HIS A 460 -19.54 8.46 -11.26
C HIS A 460 -18.71 9.27 -10.27
N VAL A 461 -17.87 10.20 -10.75
CA VAL A 461 -17.24 11.14 -9.88
C VAL A 461 -18.21 11.94 -9.05
N GLU A 462 -19.25 12.41 -9.72
CA GLU A 462 -20.34 13.19 -9.06
C GLU A 462 -21.05 12.34 -7.96
N ALA A 463 -21.32 11.06 -8.30
CA ALA A 463 -22.00 10.17 -7.39
C ALA A 463 -21.15 9.93 -6.15
N LEU A 464 -19.82 9.87 -6.32
CA LEU A 464 -18.89 9.65 -5.17
C LEU A 464 -18.55 10.95 -4.33
N GLY A 465 -19.00 12.06 -4.86
CA GLY A 465 -18.87 13.36 -4.28
C GLY A 465 -17.52 14.01 -4.57
N GLY A 466 -16.83 13.55 -5.66
CA GLY A 466 -15.62 14.25 -6.01
C GLY A 466 -16.03 15.58 -6.66
N HIS A 467 -15.09 16.53 -6.65
CA HIS A 467 -15.32 17.88 -7.20
C HIS A 467 -14.33 18.18 -8.27
N LEU A 468 -14.79 18.14 -9.51
CA LEU A 468 -14.00 18.51 -10.65
C LEU A 468 -13.68 19.98 -10.73
N THR A 469 -12.45 20.26 -11.10
CA THR A 469 -12.07 21.62 -11.40
C THR A 469 -12.52 21.91 -12.83
N LYS A 470 -12.90 23.19 -13.04
CA LYS A 470 -13.26 23.69 -14.38
C LYS A 470 -12.11 24.58 -14.92
N LEU A 471 -11.74 24.25 -16.13
CA LEU A 471 -10.72 25.01 -16.84
C LEU A 471 -11.24 26.36 -17.06
N THR A 472 -10.35 27.32 -16.90
CA THR A 472 -10.66 28.69 -17.35
C THR A 472 -10.51 28.75 -18.90
N LYS A 473 -11.04 29.83 -19.47
CA LYS A 473 -10.89 30.01 -20.90
C LYS A 473 -9.38 29.98 -21.31
N GLU A 474 -8.56 30.71 -20.53
CA GLU A 474 -7.11 30.81 -20.83
C GLU A 474 -6.43 29.44 -20.78
N GLN A 475 -6.78 28.68 -19.76
CA GLN A 475 -6.25 27.30 -19.61
C GLN A 475 -6.66 26.35 -20.69
N ALA A 476 -7.94 26.43 -21.09
CA ALA A 476 -8.46 25.59 -22.15
C ALA A 476 -7.70 25.93 -23.45
N GLU A 477 -7.48 27.22 -23.70
CA GLU A 477 -6.72 27.66 -24.88
C GLU A 477 -5.27 27.17 -24.82
N TYR A 478 -4.67 27.22 -23.63
CA TYR A 478 -3.27 26.79 -23.45
C TYR A 478 -3.12 25.32 -23.78
N LEU A 479 -4.12 24.52 -23.31
CA LEU A 479 -4.10 23.09 -23.58
C LEU A 479 -4.57 22.64 -24.97
N GLY A 480 -5.27 23.57 -25.63
CA GLY A 480 -5.94 23.33 -26.88
C GLY A 480 -7.11 22.37 -26.76
N VAL A 481 -7.89 22.52 -25.69
CA VAL A 481 -9.07 21.64 -25.49
C VAL A 481 -10.25 22.52 -25.30
N ASP A 482 -11.43 21.94 -25.41
CA ASP A 482 -12.62 22.65 -25.02
C ASP A 482 -12.81 22.53 -23.51
N VAL A 483 -13.37 23.54 -22.91
CA VAL A 483 -13.61 23.51 -21.43
C VAL A 483 -14.49 22.25 -21.08
N GLU A 484 -15.38 21.88 -21.99
CA GLU A 484 -16.23 20.68 -21.77
C GLU A 484 -15.62 19.35 -22.20
N GLY A 485 -14.34 19.39 -22.65
CA GLY A 485 -13.67 18.19 -23.23
C GLY A 485 -14.05 17.85 -24.62
N PRO A 486 -13.53 16.74 -25.23
CA PRO A 486 -12.57 15.85 -24.53
C PRO A 486 -11.18 16.45 -24.14
N TYR A 487 -10.54 15.87 -23.11
CA TYR A 487 -9.36 16.51 -22.51
C TYR A 487 -8.04 15.92 -22.90
N LYS A 488 -8.07 14.79 -23.52
CA LYS A 488 -6.82 14.02 -23.78
C LYS A 488 -6.80 13.62 -25.27
N PRO A 489 -5.55 13.47 -25.81
CA PRO A 489 -5.41 12.92 -27.16
C PRO A 489 -5.88 11.48 -27.32
N ASP A 490 -6.12 11.08 -28.57
CA ASP A 490 -6.75 9.84 -28.81
C ASP A 490 -5.94 8.61 -28.32
N HIS A 491 -4.58 8.70 -28.36
CA HIS A 491 -3.72 7.62 -27.93
C HIS A 491 -3.40 7.68 -26.37
N TYR A 492 -4.05 8.63 -25.66
CA TYR A 492 -3.77 8.81 -24.19
C TYR A 492 -4.09 7.46 -23.53
N ARG A 493 -3.21 7.01 -22.62
CA ARG A 493 -3.27 5.73 -21.97
C ARG A 493 -3.82 5.74 -20.51
N TYR A 494 -4.07 6.92 -20.00
CA TYR A 494 -4.48 7.03 -18.59
C TYR A 494 -3.67 6.16 -17.56
N LEU B 10 28.50 37.45 -21.39
CA LEU B 10 28.97 36.01 -21.38
C LEU B 10 29.48 35.61 -22.74
N THR B 11 30.64 34.94 -22.69
CA THR B 11 31.27 34.38 -23.84
C THR B 11 31.68 32.92 -23.51
N PRO B 12 31.68 32.08 -24.51
CA PRO B 12 32.01 30.66 -24.31
C PRO B 12 33.47 30.55 -23.85
N ASP B 13 33.75 29.57 -22.96
CA ASP B 13 35.14 29.16 -22.76
C ASP B 13 35.52 28.23 -23.93
N VAL B 14 36.82 28.25 -24.24
CA VAL B 14 37.30 27.31 -25.24
C VAL B 14 38.55 26.68 -24.74
N ARG B 15 38.55 25.33 -24.66
CA ARG B 15 39.74 24.58 -24.16
C ARG B 15 39.97 23.45 -25.09
N ASN B 16 41.22 23.28 -25.51
CA ASN B 16 41.53 22.21 -26.48
C ASN B 16 40.50 22.16 -27.69
N GLY B 17 40.08 23.31 -28.19
CA GLY B 17 39.21 23.35 -29.38
C GLY B 17 37.74 23.09 -29.04
N ILE B 18 37.42 22.86 -27.78
CA ILE B 18 35.99 22.59 -27.39
C ILE B 18 35.48 23.90 -26.77
N ASP B 19 34.32 24.40 -27.30
CA ASP B 19 33.67 25.54 -26.71
C ASP B 19 32.55 25.00 -25.75
N PHE B 20 32.38 25.74 -24.67
CA PHE B 20 31.46 25.31 -23.59
C PHE B 20 31.33 26.42 -22.54
N LYS B 21 30.36 26.22 -21.69
CA LYS B 21 30.17 27.13 -20.54
C LYS B 21 29.53 26.31 -19.43
N ILE B 22 30.31 26.11 -18.35
CA ILE B 22 29.87 25.26 -17.22
C ILE B 22 30.42 25.85 -15.97
N ALA B 23 29.97 25.26 -14.88
CA ALA B 23 30.35 25.76 -13.53
C ALA B 23 31.87 25.54 -13.27
N ASP B 24 32.35 24.32 -13.43
CA ASP B 24 33.73 24.02 -13.03
C ASP B 24 34.23 22.77 -13.62
N LEU B 25 35.12 22.85 -14.59
CA LEU B 25 35.68 21.68 -15.29
C LEU B 25 36.38 20.73 -14.28
N SER B 26 36.85 21.25 -13.11
CA SER B 26 37.56 20.36 -12.16
C SER B 26 36.63 19.35 -11.50
N LEU B 27 35.28 19.58 -11.61
CA LEU B 27 34.35 18.53 -11.20
C LEU B 27 34.32 17.30 -12.07
N ALA B 28 35.10 17.24 -13.16
CA ALA B 28 34.98 16.14 -14.08
C ALA B 28 35.22 14.71 -13.47
N ASP B 29 36.21 14.61 -12.55
CA ASP B 29 36.60 13.29 -12.01
C ASP B 29 35.37 12.76 -11.15
N PHE B 30 34.74 13.66 -10.38
CA PHE B 30 33.57 13.26 -9.59
C PHE B 30 32.44 12.95 -10.54
N GLY B 31 32.22 13.79 -11.56
CA GLY B 31 31.17 13.43 -12.55
C GLY B 31 31.41 12.08 -13.18
N ARG B 32 32.69 11.77 -13.56
CA ARG B 32 32.99 10.52 -14.22
C ARG B 32 32.67 9.34 -13.41
N LYS B 33 32.98 9.47 -12.13
CA LYS B 33 32.68 8.35 -11.22
C LYS B 33 31.15 7.99 -11.19
N GLU B 34 30.37 9.10 -11.09
CA GLU B 34 28.92 8.94 -11.07
C GLU B 34 28.43 8.47 -12.47
N LEU B 35 28.99 8.95 -13.60
CA LEU B 35 28.63 8.41 -14.86
C LEU B 35 28.89 6.90 -14.94
N ARG B 36 30.06 6.44 -14.49
CA ARG B 36 30.35 5.01 -14.56
C ARG B 36 29.37 4.18 -13.76
N ILE B 37 29.01 4.67 -12.53
CA ILE B 37 27.98 3.98 -11.71
C ILE B 37 26.68 3.94 -12.55
N ALA B 38 26.31 5.09 -13.14
CA ALA B 38 25.01 5.19 -13.91
C ALA B 38 25.04 4.28 -15.12
N GLU B 39 26.16 4.06 -15.78
CA GLU B 39 26.17 3.10 -16.96
C GLU B 39 25.72 1.75 -16.48
N HIS B 40 26.05 1.34 -15.23
CA HIS B 40 25.64 0.01 -14.75
C HIS B 40 24.13 -0.03 -14.46
N GLU B 41 23.58 1.16 -14.27
CA GLU B 41 22.11 1.31 -14.05
C GLU B 41 21.34 1.71 -15.32
N MET B 42 22.02 1.79 -16.48
CA MET B 42 21.34 2.18 -17.74
C MET B 42 21.62 1.14 -18.79
N PRO B 43 21.05 -0.07 -18.63
CA PRO B 43 21.34 -1.15 -19.59
C PRO B 43 20.68 -0.80 -20.92
N GLY B 44 19.63 0.04 -20.97
CA GLY B 44 18.97 0.34 -22.26
C GLY B 44 19.99 1.06 -23.12
N LEU B 45 20.68 2.03 -22.54
CA LEU B 45 21.70 2.77 -23.26
C LEU B 45 22.92 1.91 -23.61
N MET B 46 23.40 1.13 -22.64
CA MET B 46 24.61 0.31 -22.85
C MET B 46 24.35 -0.74 -23.89
N SER B 47 23.14 -1.32 -23.86
CA SER B 47 22.79 -2.29 -24.92
C SER B 47 22.81 -1.65 -26.32
N LEU B 48 22.29 -0.39 -26.48
CA LEU B 48 22.27 0.28 -27.77
C LEU B 48 23.70 0.54 -28.17
N ARG B 49 24.56 0.89 -27.21
CA ARG B 49 26.01 1.16 -27.63
C ARG B 49 26.60 -0.09 -28.25
N ARG B 50 26.32 -1.24 -27.65
CA ARG B 50 26.94 -2.54 -28.10
C ARG B 50 26.30 -2.86 -29.44
N GLU B 51 24.99 -2.70 -29.52
CA GLU B 51 24.30 -3.17 -30.74
C GLU B 51 24.64 -2.35 -31.98
N TYR B 52 24.87 -1.06 -31.80
CA TYR B 52 25.10 -0.20 -32.96
C TYR B 52 26.54 0.24 -33.16
N ALA B 53 27.46 -0.28 -32.33
CA ALA B 53 28.91 0.13 -32.35
C ALA B 53 29.51 0.02 -33.77
N GLU B 54 29.36 -1.15 -34.39
CA GLU B 54 30.03 -1.31 -35.74
C GLU B 54 29.34 -0.44 -36.78
N VAL B 55 28.00 -0.39 -36.74
CA VAL B 55 27.21 0.29 -37.75
C VAL B 55 27.42 1.83 -37.76
N GLN B 56 27.58 2.40 -36.56
CA GLN B 56 27.78 3.88 -36.48
C GLN B 56 26.59 4.59 -37.16
N PRO B 57 25.36 4.28 -36.74
CA PRO B 57 24.17 4.80 -37.41
C PRO B 57 24.08 6.33 -37.43
N LEU B 58 24.68 7.01 -36.46
CA LEU B 58 24.47 8.44 -36.30
C LEU B 58 25.63 9.25 -36.93
N LYS B 59 26.52 8.56 -37.67
CA LYS B 59 27.60 9.27 -38.36
C LYS B 59 26.94 10.32 -39.26
N GLY B 60 27.46 11.55 -39.16
CA GLY B 60 27.03 12.65 -39.99
C GLY B 60 25.98 13.52 -39.28
N ALA B 61 25.46 12.98 -38.14
CA ALA B 61 24.49 13.79 -37.38
C ALA B 61 25.15 14.87 -36.54
N ARG B 62 24.51 16.06 -36.51
CA ARG B 62 24.97 17.20 -35.77
C ARG B 62 23.69 17.54 -34.94
N ILE B 63 23.66 16.89 -33.74
CA ILE B 63 22.54 16.96 -32.87
C ILE B 63 22.68 18.05 -31.83
N SER B 64 21.72 18.94 -31.90
CA SER B 64 21.58 19.95 -30.93
C SER B 64 20.59 19.50 -29.85
N GLY B 65 21.06 19.34 -28.59
CA GLY B 65 20.24 18.74 -27.55
C GLY B 65 19.89 19.75 -26.46
N SER B 66 18.64 19.80 -26.05
CA SER B 66 18.18 20.70 -25.04
C SER B 66 17.47 19.74 -24.01
N LEU B 67 18.13 19.43 -22.88
CA LEU B 67 17.64 18.41 -21.94
C LEU B 67 18.50 18.52 -20.71
N HIS B 68 17.83 18.63 -19.58
CA HIS B 68 18.47 18.72 -18.24
C HIS B 68 19.82 18.03 -18.23
N MET B 69 20.86 18.82 -17.90
CA MET B 69 22.24 18.34 -18.02
C MET B 69 22.62 17.55 -16.73
N THR B 70 22.08 16.33 -16.61
CA THR B 70 22.29 15.52 -15.40
C THR B 70 23.22 14.32 -15.74
N VAL B 71 23.59 13.58 -14.72
CA VAL B 71 24.34 12.30 -14.90
C VAL B 71 23.69 11.41 -15.98
N GLN B 72 22.35 11.33 -15.93
CA GLN B 72 21.59 10.48 -16.82
C GLN B 72 21.67 10.91 -18.24
N THR B 73 21.54 12.22 -18.42
CA THR B 73 21.68 12.83 -19.76
C THR B 73 23.12 12.66 -20.21
N ALA B 74 24.13 12.69 -19.35
CA ALA B 74 25.52 12.52 -19.79
C ALA B 74 25.70 11.14 -20.46
N VAL B 75 25.02 10.12 -19.89
CA VAL B 75 25.16 8.68 -20.41
C VAL B 75 24.41 8.66 -21.79
N LEU B 76 23.27 9.38 -21.85
CA LEU B 76 22.64 9.58 -23.21
C LEU B 76 23.57 10.27 -24.22
N ILE B 77 24.20 11.35 -23.83
CA ILE B 77 25.06 12.11 -24.82
C ILE B 77 26.19 11.18 -25.25
N GLU B 78 26.77 10.40 -24.32
CA GLU B 78 27.91 9.56 -24.66
C GLU B 78 27.48 8.30 -25.44
N THR B 79 26.19 7.96 -25.38
CA THR B 79 25.62 6.95 -26.30
C THR B 79 25.51 7.53 -27.70
N LEU B 80 25.02 8.79 -27.84
CA LEU B 80 24.85 9.40 -29.19
C LEU B 80 26.29 9.50 -29.81
N THR B 81 27.27 9.95 -29.04
CA THR B 81 28.65 10.06 -29.66
C THR B 81 29.27 8.69 -29.95
N ALA B 82 29.02 7.71 -29.12
CA ALA B 82 29.49 6.32 -29.36
C ALA B 82 28.91 5.78 -30.64
N LEU B 83 27.76 6.32 -31.06
CA LEU B 83 27.05 5.82 -32.21
C LEU B 83 27.34 6.69 -33.43
N GLY B 84 28.26 7.67 -33.27
CA GLY B 84 28.81 8.41 -34.39
C GLY B 84 28.37 9.87 -34.51
N ALA B 85 27.45 10.33 -33.64
CA ALA B 85 26.96 11.66 -33.80
C ALA B 85 28.01 12.64 -33.23
N GLU B 86 27.93 13.88 -33.71
CA GLU B 86 28.46 15.07 -33.02
C GLU B 86 27.23 15.69 -32.36
N VAL B 87 27.52 16.24 -31.19
CA VAL B 87 26.50 16.99 -30.41
C VAL B 87 26.94 18.36 -29.90
N ARG B 88 25.98 19.21 -29.62
CA ARG B 88 26.16 20.39 -28.77
C ARG B 88 24.99 20.42 -27.78
N TRP B 89 25.30 20.68 -26.50
CA TRP B 89 24.19 20.50 -25.49
C TRP B 89 23.90 21.73 -24.63
N ALA B 90 22.66 21.80 -24.11
CA ALA B 90 22.28 22.82 -23.10
C ALA B 90 21.18 22.21 -22.22
N SER B 91 21.07 22.72 -20.96
CA SER B 91 19.92 22.19 -20.18
C SER B 91 18.59 22.82 -20.67
N CYS B 92 17.46 22.14 -20.40
CA CYS B 92 16.16 22.73 -20.57
C CYS B 92 15.57 23.29 -19.32
N ASN B 93 16.39 23.50 -18.28
CA ASN B 93 15.86 24.28 -17.12
C ASN B 93 17.03 24.93 -16.35
N ILE B 94 16.77 26.14 -15.83
CA ILE B 94 17.85 26.88 -15.20
C ILE B 94 18.41 26.23 -13.92
N PHE B 95 17.67 25.25 -13.29
CA PHE B 95 18.17 24.70 -12.06
C PHE B 95 18.48 23.22 -12.17
N SER B 96 18.33 22.62 -13.29
CA SER B 96 18.33 21.10 -13.39
C SER B 96 19.72 20.54 -13.65
N THR B 97 20.65 21.37 -14.11
CA THR B 97 22.03 20.87 -14.37
C THR B 97 22.73 20.31 -13.11
N GLN B 98 23.44 19.20 -13.29
CA GLN B 98 24.30 18.63 -12.26
C GLN B 98 25.73 18.96 -12.74
N ASP B 99 26.33 19.93 -12.04
CA ASP B 99 27.57 20.52 -12.58
C ASP B 99 28.67 19.47 -12.75
N HIS B 100 28.76 18.47 -11.86
CA HIS B 100 29.80 17.41 -12.04
C HIS B 100 29.56 16.69 -13.37
N ALA B 101 28.26 16.44 -13.76
CA ALA B 101 27.98 15.66 -15.03
C ALA B 101 28.31 16.55 -16.25
N ALA B 102 28.02 17.88 -16.12
CA ALA B 102 28.36 18.86 -17.22
C ALA B 102 29.91 18.79 -17.46
N ALA B 103 30.66 18.78 -16.34
CA ALA B 103 32.16 18.79 -16.49
C ALA B 103 32.59 17.46 -17.09
N ALA B 104 31.99 16.32 -16.69
CA ALA B 104 32.43 15.04 -17.23
C ALA B 104 32.11 14.93 -18.73
N VAL B 105 30.99 15.52 -19.17
CA VAL B 105 30.66 15.51 -20.61
C VAL B 105 31.66 16.35 -21.43
N VAL B 106 32.02 17.51 -20.94
CA VAL B 106 33.05 18.31 -21.64
C VAL B 106 34.41 17.57 -21.70
N VAL B 107 34.77 16.94 -20.59
CA VAL B 107 36.13 16.30 -20.55
C VAL B 107 36.14 14.94 -21.29
N GLY B 108 35.04 14.21 -21.24
CA GLY B 108 34.88 12.93 -21.95
C GLY B 108 35.59 11.84 -21.18
N PRO B 109 35.36 10.56 -21.64
CA PRO B 109 35.80 9.47 -20.81
C PRO B 109 37.33 9.29 -20.82
N HIS B 110 37.95 9.85 -21.83
CA HIS B 110 39.44 9.72 -21.84
C HIS B 110 40.17 11.03 -21.77
N GLY B 111 39.47 12.12 -21.52
CA GLY B 111 40.11 13.39 -21.42
C GLY B 111 40.44 13.72 -19.97
N THR B 112 41.01 14.92 -19.72
CA THR B 112 41.22 15.45 -18.35
C THR B 112 40.76 16.93 -18.38
N PRO B 113 40.63 17.57 -17.21
CA PRO B 113 40.28 19.00 -17.25
C PRO B 113 41.31 19.85 -18.11
N ASP B 114 42.62 19.55 -18.09
CA ASP B 114 43.55 20.37 -18.95
C ASP B 114 43.44 19.94 -20.43
N GLU B 115 43.10 18.66 -20.62
CA GLU B 115 43.04 18.09 -21.96
C GLU B 115 41.69 17.46 -22.21
N PRO B 116 40.65 18.30 -22.37
CA PRO B 116 39.27 17.72 -22.50
C PRO B 116 39.03 17.17 -23.90
N LYS B 117 38.25 16.08 -23.90
CA LYS B 117 38.08 15.29 -25.12
C LYS B 117 36.63 15.02 -25.39
N GLY B 118 35.77 15.84 -24.81
CA GLY B 118 34.33 15.60 -24.82
C GLY B 118 33.64 16.47 -25.82
N VAL B 119 32.46 17.00 -25.45
CA VAL B 119 31.65 17.74 -26.36
C VAL B 119 31.12 19.09 -25.74
N PRO B 120 30.73 20.02 -26.58
CA PRO B 120 30.31 21.35 -26.12
C PRO B 120 29.04 21.26 -25.28
N VAL B 121 29.15 21.80 -24.07
CA VAL B 121 27.98 21.85 -23.13
C VAL B 121 27.90 23.29 -22.68
N PHE B 122 26.68 23.83 -22.70
CA PHE B 122 26.40 25.19 -22.16
C PHE B 122 25.31 25.04 -21.11
N ALA B 123 25.71 24.85 -19.86
CA ALA B 123 24.75 24.42 -18.81
C ALA B 123 25.48 24.48 -17.51
N TRP B 124 24.79 25.17 -16.56
CA TRP B 124 25.14 25.12 -15.16
C TRP B 124 23.91 25.26 -14.26
N LYS B 125 24.05 24.86 -12.97
CA LYS B 125 22.94 24.94 -12.11
C LYS B 125 22.87 26.42 -11.65
N GLY B 126 21.68 27.00 -11.77
CA GLY B 126 21.44 28.31 -11.33
C GLY B 126 21.67 29.41 -12.37
N GLU B 127 21.28 29.11 -13.57
CA GLU B 127 21.29 30.14 -14.62
C GLU B 127 20.24 31.26 -14.37
N THR B 128 20.53 32.45 -14.91
CA THR B 128 19.44 33.44 -15.06
C THR B 128 18.67 33.12 -16.31
N LEU B 129 17.50 33.79 -16.51
CA LEU B 129 16.80 33.64 -17.79
C LEU B 129 17.59 34.00 -19.04
N GLU B 130 18.31 35.12 -18.93
CA GLU B 130 19.13 35.60 -20.03
C GLU B 130 20.20 34.55 -20.38
N GLU B 131 20.81 34.02 -19.33
CA GLU B 131 21.87 33.02 -19.55
C GLU B 131 21.33 31.70 -20.12
N TYR B 132 20.09 31.33 -19.70
CA TYR B 132 19.48 30.13 -20.22
C TYR B 132 19.30 30.24 -21.79
N TRP B 133 18.79 31.42 -22.25
CA TRP B 133 18.52 31.59 -23.66
C TRP B 133 19.83 31.78 -24.45
N TRP B 134 20.80 32.47 -23.84
CA TRP B 134 22.18 32.55 -24.43
C TRP B 134 22.74 31.14 -24.63
N ALA B 135 22.57 30.27 -23.60
CA ALA B 135 23.06 28.92 -23.70
C ALA B 135 22.31 28.11 -24.76
N ALA B 136 20.97 28.32 -24.88
CA ALA B 136 20.25 27.61 -25.87
C ALA B 136 20.68 28.03 -27.31
N GLU B 137 20.98 29.32 -27.50
CA GLU B 137 21.49 29.72 -28.78
C GLU B 137 22.89 29.14 -29.06
N GLN B 138 23.77 29.11 -28.08
CA GLN B 138 25.08 28.41 -28.23
C GLN B 138 24.84 26.98 -28.67
N MET B 139 23.97 26.27 -27.98
CA MET B 139 23.72 24.84 -28.30
C MET B 139 23.15 24.61 -29.73
N LEU B 140 22.37 25.59 -30.24
CA LEU B 140 21.80 25.51 -31.59
C LEU B 140 22.70 26.00 -32.70
N THR B 141 23.79 26.66 -32.32
CA THR B 141 24.64 27.38 -33.33
C THR B 141 25.91 26.66 -33.58
N TRP B 142 25.92 25.84 -34.62
CA TRP B 142 27.08 25.08 -34.94
C TRP B 142 28.19 26.01 -35.60
N PRO B 143 29.46 25.62 -35.42
CA PRO B 143 30.54 26.59 -35.75
C PRO B 143 30.74 26.77 -37.25
N ASP B 144 30.48 25.79 -38.08
CA ASP B 144 30.55 25.97 -39.56
C ASP B 144 29.22 26.45 -40.10
N PRO B 145 29.15 27.68 -40.69
CA PRO B 145 27.91 28.25 -41.26
C PRO B 145 27.24 27.37 -42.29
N ASP B 146 28.02 26.48 -42.91
CA ASP B 146 27.52 25.59 -43.95
C ASP B 146 27.18 24.20 -43.42
N LYS B 147 27.44 23.95 -42.14
CA LYS B 147 27.04 22.70 -41.49
C LYS B 147 26.27 23.02 -40.22
N PRO B 148 25.08 23.61 -40.40
CA PRO B 148 24.31 23.91 -39.18
C PRO B 148 23.77 22.59 -38.55
N ALA B 149 23.13 22.76 -37.40
CA ALA B 149 22.47 21.62 -36.81
C ALA B 149 21.66 20.85 -37.78
N ASN B 150 21.70 19.53 -37.66
CA ASN B 150 20.79 18.80 -38.53
C ASN B 150 19.82 17.87 -37.85
N MET B 151 19.85 17.89 -36.52
CA MET B 151 18.80 17.19 -35.79
C MET B 151 18.63 17.99 -34.47
N ILE B 152 17.45 17.82 -33.88
CA ILE B 152 17.25 18.42 -32.52
C ILE B 152 16.79 17.25 -31.59
N LEU B 153 17.23 17.29 -30.33
CA LEU B 153 16.84 16.26 -29.33
C LEU B 153 16.31 17.23 -28.21
N ASP B 154 15.00 17.24 -27.99
CA ASP B 154 14.40 18.28 -27.19
C ASP B 154 13.61 17.74 -26.04
N ASP B 155 13.58 18.48 -24.93
CA ASP B 155 12.73 18.10 -23.77
C ASP B 155 12.01 19.39 -23.34
N GLY B 156 10.72 19.51 -23.71
CA GLY B 156 9.97 20.69 -23.37
C GLY B 156 9.76 21.60 -24.57
N GLY B 157 10.44 21.31 -25.66
CA GLY B 157 10.21 22.06 -26.92
C GLY B 157 10.91 23.43 -27.00
N ASP B 158 11.80 23.77 -26.05
CA ASP B 158 12.41 25.16 -26.18
C ASP B 158 13.34 25.29 -27.40
N ALA B 159 14.10 24.24 -27.71
CA ALA B 159 15.02 24.27 -28.86
C ALA B 159 14.14 24.40 -30.14
N THR B 160 13.09 23.58 -30.22
CA THR B 160 12.23 23.61 -31.41
C THR B 160 11.57 25.02 -31.50
N MET B 161 11.05 25.56 -30.40
CA MET B 161 10.46 26.92 -30.41
C MET B 161 11.41 27.99 -30.95
N LEU B 162 12.67 27.96 -30.49
CA LEU B 162 13.63 29.02 -30.90
C LEU B 162 13.79 28.91 -32.43
N VAL B 163 13.99 27.68 -32.92
CA VAL B 163 14.18 27.51 -34.39
C VAL B 163 12.91 27.98 -35.13
N LEU B 164 11.74 27.42 -34.76
CA LEU B 164 10.55 27.68 -35.64
C LEU B 164 10.06 29.11 -35.50
N ARG B 165 10.05 29.67 -34.28
CA ARG B 165 9.68 31.10 -34.09
C ARG B 165 10.72 31.99 -34.76
N GLY B 166 12.01 31.60 -34.68
CA GLY B 166 13.10 32.41 -35.23
C GLY B 166 12.88 32.54 -36.73
N MET B 167 12.48 31.43 -37.34
CA MET B 167 12.25 31.41 -38.82
C MET B 167 11.00 32.23 -39.09
N GLN B 168 10.01 32.19 -38.20
CA GLN B 168 8.71 32.85 -38.48
C GLN B 168 8.95 34.39 -38.56
N TYR B 169 9.71 34.91 -37.61
CA TYR B 169 10.02 36.30 -37.54
C TYR B 169 10.95 36.74 -38.70
N GLU B 170 11.91 35.90 -39.06
CA GLU B 170 12.79 36.13 -40.26
C GLU B 170 11.93 36.29 -41.52
N LYS B 171 10.98 35.37 -41.72
CA LYS B 171 10.12 35.36 -42.98
C LYS B 171 9.16 36.54 -42.96
N ALA B 172 8.76 36.96 -41.78
CA ALA B 172 7.96 38.22 -41.58
C ALA B 172 8.73 39.50 -41.69
N GLY B 173 10.06 39.39 -41.61
CA GLY B 173 10.96 40.58 -41.58
C GLY B 173 11.05 41.38 -40.31
N VAL B 174 10.47 40.82 -39.24
CA VAL B 174 10.49 41.55 -37.95
C VAL B 174 10.20 40.65 -36.74
N VAL B 175 11.01 40.89 -35.67
CA VAL B 175 10.70 40.32 -34.33
C VAL B 175 9.78 41.26 -33.57
N PRO B 176 8.57 40.78 -33.28
CA PRO B 176 7.60 41.63 -32.61
C PRO B 176 8.14 42.20 -31.29
N PRO B 177 7.68 43.41 -30.93
CA PRO B 177 7.90 43.84 -29.57
C PRO B 177 7.12 42.96 -28.56
N ALA B 178 7.61 42.94 -27.31
CA ALA B 178 6.86 42.21 -26.29
C ALA B 178 5.87 43.23 -25.65
N GLU B 179 4.80 42.73 -25.07
CA GLU B 179 3.90 43.58 -24.23
C GLU B 179 4.52 43.77 -22.84
N GLU B 180 4.26 44.92 -22.18
CA GLU B 180 4.65 45.12 -20.77
C GLU B 180 4.25 43.99 -19.86
N ASP B 181 3.10 43.38 -20.09
CA ASP B 181 2.61 42.33 -19.19
C ASP B 181 2.91 40.91 -19.68
N ASP B 182 3.71 40.80 -20.75
CA ASP B 182 4.31 39.48 -21.12
C ASP B 182 5.20 38.94 -19.99
N PRO B 183 5.26 37.60 -19.85
CA PRO B 183 6.17 37.06 -18.82
C PRO B 183 7.62 37.48 -19.19
N ALA B 184 8.40 37.66 -18.12
CA ALA B 184 9.78 38.03 -18.17
C ALA B 184 10.53 37.17 -19.20
N GLU B 185 10.26 35.88 -19.21
CA GLU B 185 11.04 34.96 -20.06
C GLU B 185 10.70 35.22 -21.50
N TRP B 186 9.44 35.59 -21.75
CA TRP B 186 9.03 35.87 -23.16
C TRP B 186 9.87 37.10 -23.70
N LYS B 187 10.04 38.10 -22.85
CA LYS B 187 10.79 39.33 -23.17
C LYS B 187 12.24 38.91 -23.49
N VAL B 188 12.81 38.01 -22.72
CA VAL B 188 14.22 37.50 -22.90
C VAL B 188 14.37 36.74 -24.25
N PHE B 189 13.44 35.83 -24.48
CA PHE B 189 13.34 35.12 -25.72
C PHE B 189 13.24 36.03 -26.93
N LEU B 190 12.29 36.98 -26.90
CA LEU B 190 12.20 37.88 -28.07
C LEU B 190 13.42 38.76 -28.20
N ASN B 191 13.99 39.22 -27.09
CA ASN B 191 15.25 40.08 -27.12
C ASN B 191 16.38 39.29 -27.86
N LEU B 192 16.47 38.00 -27.62
CA LEU B 192 17.54 37.15 -28.20
C LEU B 192 17.34 37.10 -29.73
N LEU B 193 16.11 36.89 -30.11
CA LEU B 193 15.77 36.79 -31.53
C LEU B 193 15.92 38.16 -32.23
N ARG B 194 15.39 39.20 -31.60
CA ARG B 194 15.45 40.58 -32.20
C ARG B 194 16.91 41.01 -32.41
N THR B 195 17.72 40.74 -31.40
CA THR B 195 19.14 41.08 -31.43
C THR B 195 19.88 40.34 -32.53
N ARG B 196 19.65 39.03 -32.66
CA ARG B 196 20.34 38.27 -33.66
C ARG B 196 19.90 38.74 -35.04
N PHE B 197 18.62 39.12 -35.21
CA PHE B 197 18.05 39.49 -36.52
C PHE B 197 18.70 40.83 -37.03
N GLU B 198 19.25 41.61 -36.13
CA GLU B 198 19.96 42.86 -36.50
C GLU B 198 21.15 42.52 -37.44
N THR B 199 21.83 41.39 -37.19
CA THR B 199 23.10 41.06 -37.87
C THR B 199 22.99 39.77 -38.67
N ASP B 200 21.86 39.01 -38.55
CA ASP B 200 21.83 37.79 -39.34
C ASP B 200 20.36 37.52 -39.68
N LYS B 201 20.05 37.63 -40.95
CA LYS B 201 18.64 37.67 -41.36
C LYS B 201 18.00 36.35 -41.63
N ASP B 202 18.78 35.29 -41.82
CA ASP B 202 18.23 34.01 -42.16
C ASP B 202 18.84 32.85 -41.37
N LYS B 203 19.37 33.15 -40.18
CA LYS B 203 20.02 32.10 -39.42
C LYS B 203 19.05 30.98 -39.15
N TRP B 204 17.90 31.34 -38.58
CA TRP B 204 16.89 30.31 -38.15
C TRP B 204 16.23 29.59 -39.32
N THR B 205 16.01 30.31 -40.45
CA THR B 205 15.48 29.67 -41.61
C THR B 205 16.40 28.58 -42.16
N LYS B 206 17.70 28.90 -42.19
CA LYS B 206 18.69 27.93 -42.66
C LYS B 206 18.85 26.76 -41.64
N ILE B 207 18.78 27.08 -40.32
CA ILE B 207 18.80 25.93 -39.35
C ILE B 207 17.56 24.99 -39.52
N ALA B 208 16.41 25.62 -39.66
CA ALA B 208 15.10 24.85 -39.86
C ALA B 208 15.14 24.00 -41.15
N GLU B 209 15.73 24.59 -42.20
CA GLU B 209 15.99 23.86 -43.41
C GLU B 209 16.87 22.65 -43.30
N SER B 210 17.89 22.80 -42.44
CA SER B 210 18.91 21.79 -42.25
C SER B 210 18.47 20.62 -41.32
N VAL B 211 17.63 20.96 -40.34
CA VAL B 211 17.13 19.98 -39.37
C VAL B 211 16.22 18.96 -40.04
N LYS B 212 16.64 17.72 -39.87
CA LYS B 212 16.04 16.61 -40.54
C LYS B 212 14.93 16.03 -39.63
N GLY B 213 14.99 16.33 -38.32
CA GLY B 213 13.95 15.83 -37.47
C GLY B 213 14.23 16.26 -36.01
N VAL B 214 13.19 16.22 -35.22
CA VAL B 214 13.35 16.45 -33.76
C VAL B 214 12.74 15.28 -33.07
N THR B 215 13.36 14.93 -31.94
CA THR B 215 12.78 13.93 -31.00
C THR B 215 12.39 14.74 -29.74
N GLU B 216 11.21 14.49 -29.17
CA GLU B 216 10.72 15.29 -28.08
C GLU B 216 10.30 14.39 -26.90
N GLU B 217 10.85 14.73 -25.70
CA GLU B 217 10.93 13.78 -24.60
C GLU B 217 9.72 13.91 -23.61
N THR B 218 9.02 15.07 -23.58
CA THR B 218 8.07 15.34 -22.47
C THR B 218 6.67 15.76 -22.86
N THR B 219 5.66 15.46 -22.04
CA THR B 219 4.32 15.75 -22.39
C THR B 219 4.17 17.22 -22.81
N THR B 220 4.75 18.16 -22.10
CA THR B 220 4.60 19.61 -22.47
C THR B 220 5.17 19.84 -23.87
N GLY B 221 6.34 19.24 -24.14
CA GLY B 221 6.95 19.56 -25.47
C GLY B 221 6.08 18.96 -26.56
N VAL B 222 5.45 17.81 -26.29
CA VAL B 222 4.70 17.17 -27.32
C VAL B 222 3.43 17.98 -27.60
N LEU B 223 2.87 18.58 -26.59
CA LEU B 223 1.69 19.46 -26.79
C LEU B 223 2.08 20.57 -27.71
N ARG B 224 3.25 21.14 -27.50
CA ARG B 224 3.69 22.22 -28.42
C ARG B 224 3.91 21.77 -29.81
N LEU B 225 4.41 20.54 -30.02
CA LEU B 225 4.55 19.94 -31.36
C LEU B 225 3.19 19.83 -32.02
N TYR B 226 2.19 19.33 -31.28
CA TYR B 226 0.85 19.22 -31.87
C TYR B 226 0.30 20.63 -32.25
N GLN B 227 0.54 21.68 -31.44
CA GLN B 227 0.14 23.03 -31.72
C GLN B 227 0.93 23.57 -32.93
N PHE B 228 2.22 23.25 -33.12
CA PHE B 228 2.89 23.68 -34.40
C PHE B 228 2.27 22.94 -35.57
N ALA B 229 1.99 21.65 -35.42
CA ALA B 229 1.56 20.78 -36.57
C ALA B 229 0.20 21.32 -37.02
N ALA B 230 -0.66 21.62 -36.03
CA ALA B 230 -2.04 22.18 -36.32
C ALA B 230 -2.03 23.49 -37.11
N ALA B 231 -1.03 24.32 -36.86
CA ALA B 231 -0.91 25.60 -37.49
C ALA B 231 -0.17 25.51 -38.84
N GLY B 232 0.19 24.29 -39.27
CA GLY B 232 0.99 24.05 -40.48
C GLY B 232 2.42 24.54 -40.41
N ASP B 233 2.97 24.59 -39.18
CA ASP B 233 4.29 25.12 -39.00
C ASP B 233 5.31 24.08 -38.55
N LEU B 234 4.97 22.81 -38.52
CA LEU B 234 5.97 21.85 -38.15
C LEU B 234 6.81 21.60 -39.42
N ALA B 235 8.03 22.18 -39.40
CA ALA B 235 8.87 22.15 -40.61
C ALA B 235 9.76 20.94 -40.85
N PHE B 236 9.71 19.96 -39.95
CA PHE B 236 10.51 18.74 -40.06
C PHE B 236 9.75 17.64 -39.28
N PRO B 237 10.02 16.37 -39.55
CA PRO B 237 9.31 15.29 -38.83
C PRO B 237 9.67 15.37 -37.33
N ALA B 238 8.75 14.90 -36.52
CA ALA B 238 9.03 14.82 -35.03
C ALA B 238 8.65 13.43 -34.58
N ILE B 239 9.42 12.91 -33.61
CA ILE B 239 8.99 11.71 -32.89
C ILE B 239 8.70 12.12 -31.42
N ASN B 240 7.44 11.86 -31.06
CA ASN B 240 6.94 12.05 -29.75
C ASN B 240 7.46 10.76 -28.93
N VAL B 241 8.57 10.94 -28.17
CA VAL B 241 9.16 9.94 -27.35
C VAL B 241 8.42 9.89 -26.02
N ASN B 242 7.81 11.00 -25.57
CA ASN B 242 7.06 10.97 -24.28
C ASN B 242 6.05 9.77 -24.26
N ASP B 243 5.42 9.60 -25.44
CA ASP B 243 4.34 8.61 -25.55
C ASP B 243 4.71 7.24 -26.01
N SER B 244 6.02 6.91 -26.00
CA SER B 244 6.46 5.51 -25.95
C SER B 244 5.85 4.93 -24.72
N VAL B 245 5.43 3.65 -24.77
CA VAL B 245 4.79 3.08 -23.61
C VAL B 245 5.82 3.04 -22.49
N THR B 246 7.06 2.73 -22.88
CA THR B 246 8.13 2.61 -21.83
C THR B 246 8.68 3.94 -21.31
N LYS B 247 8.15 5.05 -21.83
CA LYS B 247 8.51 6.38 -21.27
C LYS B 247 7.33 6.83 -20.33
N SER B 248 6.21 7.21 -20.92
CA SER B 248 5.08 7.79 -20.14
C SER B 248 4.65 6.94 -18.94
N LYS B 249 4.55 5.63 -19.14
CA LYS B 249 4.00 4.79 -18.09
C LYS B 249 5.08 4.46 -17.06
N PHE B 250 6.35 4.80 -17.30
CA PHE B 250 7.55 4.39 -16.43
C PHE B 250 8.22 5.61 -15.85
N ASP B 251 8.75 6.45 -16.77
CA ASP B 251 9.41 7.72 -16.33
C ASP B 251 8.39 8.62 -15.61
N ASN B 252 7.33 8.95 -16.30
CA ASN B 252 6.44 9.98 -15.72
C ASN B 252 5.87 9.56 -14.41
N LYS B 253 5.58 8.25 -14.34
CA LYS B 253 4.91 7.71 -13.19
C LYS B 253 5.95 7.26 -12.10
N TYR B 254 6.73 6.17 -12.41
CA TYR B 254 7.66 5.63 -11.41
C TYR B 254 8.90 6.54 -11.17
N GLY B 255 9.24 7.28 -12.20
CA GLY B 255 10.32 8.25 -12.01
C GLY B 255 9.97 9.27 -10.95
N THR B 256 8.77 9.84 -11.11
CA THR B 256 8.27 10.88 -10.17
C THR B 256 8.06 10.26 -8.82
N ARG B 257 7.56 8.98 -8.73
CA ARG B 257 7.38 8.36 -7.40
C ARG B 257 8.70 8.37 -6.64
N HIS B 258 9.81 8.21 -7.33
CA HIS B 258 11.13 8.29 -6.70
C HIS B 258 11.51 9.75 -6.42
N SER B 259 11.44 10.58 -7.40
CA SER B 259 12.15 11.84 -7.34
C SER B 259 11.37 12.97 -6.70
N LEU B 260 10.01 12.89 -6.68
CA LEU B 260 9.32 13.96 -5.91
C LEU B 260 9.66 14.02 -4.46
N ILE B 261 9.63 12.88 -3.80
CA ILE B 261 9.93 12.93 -2.35
C ILE B 261 11.42 13.27 -2.08
N ASP B 262 12.31 12.81 -2.98
CA ASP B 262 13.74 13.23 -2.87
C ASP B 262 13.82 14.80 -2.93
N GLY B 263 13.19 15.44 -3.96
CA GLY B 263 13.25 16.91 -3.96
C GLY B 263 12.69 17.52 -2.72
N ILE B 264 11.52 17.03 -2.27
CA ILE B 264 10.99 17.57 -1.07
C ILE B 264 11.87 17.39 0.18
N ASN B 265 12.42 16.19 0.26
CA ASN B 265 13.33 15.87 1.33
C ASN B 265 14.55 16.82 1.35
N ARG B 266 15.25 16.95 0.24
CA ARG B 266 16.51 17.70 0.31
C ARG B 266 16.24 19.18 0.57
N GLY B 267 15.10 19.68 0.04
CA GLY B 267 14.75 21.09 0.24
C GLY B 267 14.31 21.36 1.67
N THR B 268 13.54 20.46 2.25
CA THR B 268 12.79 20.87 3.40
C THR B 268 13.01 19.96 4.59
N ASP B 269 13.39 18.67 4.36
CA ASP B 269 13.40 17.69 5.49
C ASP B 269 12.10 17.57 6.26
N ALA B 270 11.03 17.83 5.58
CA ALA B 270 9.73 17.86 6.27
C ALA B 270 9.14 16.46 6.30
N LEU B 271 8.72 16.07 7.48
CA LEU B 271 8.02 14.78 7.61
C LEU B 271 6.86 14.81 6.64
N ILE B 272 6.72 13.72 5.88
CA ILE B 272 5.61 13.58 4.90
C ILE B 272 4.47 12.80 5.56
N GLY B 273 4.77 11.73 6.35
CA GLY B 273 3.72 10.95 7.00
C GLY B 273 2.88 11.85 7.92
N GLY B 274 1.55 11.58 7.89
CA GLY B 274 0.66 12.32 8.80
C GLY B 274 0.22 13.71 8.24
N LYS B 275 0.92 14.23 7.16
CA LYS B 275 0.65 15.54 6.66
C LYS B 275 -0.50 15.45 5.54
N LYS B 276 -1.25 16.52 5.44
CA LYS B 276 -2.19 16.61 4.31
C LYS B 276 -1.45 17.11 3.13
N VAL B 277 -1.57 16.42 1.98
CA VAL B 277 -0.87 16.75 0.78
C VAL B 277 -1.86 16.94 -0.39
N LEU B 278 -1.72 18.02 -1.12
CA LEU B 278 -2.60 18.28 -2.20
C LEU B 278 -1.79 18.11 -3.52
N ILE B 279 -2.21 17.19 -4.34
CA ILE B 279 -1.54 16.99 -5.64
C ILE B 279 -2.48 17.51 -6.73
N CYS B 280 -1.99 18.46 -7.53
CA CYS B 280 -2.89 18.98 -8.54
C CYS B 280 -2.54 18.28 -9.87
N GLY B 281 -3.50 17.56 -10.42
CA GLY B 281 -3.35 16.75 -11.68
C GLY B 281 -3.08 15.30 -11.35
N TYR B 282 -3.71 14.42 -12.12
CA TYR B 282 -3.63 12.96 -11.88
C TYR B 282 -3.44 12.25 -13.18
N GLY B 283 -2.52 12.81 -13.96
CA GLY B 283 -1.97 12.09 -15.11
C GLY B 283 -0.84 11.22 -14.71
N ASP B 284 0.13 10.99 -15.59
CA ASP B 284 1.10 10.01 -15.14
C ASP B 284 1.98 10.59 -14.00
N VAL B 285 2.32 11.88 -14.17
CA VAL B 285 3.13 12.46 -13.06
C VAL B 285 2.38 12.57 -11.75
N GLY B 286 1.12 13.06 -11.75
CA GLY B 286 0.37 13.19 -10.52
C GLY B 286 0.11 11.78 -9.91
N LYS B 287 -0.08 10.74 -10.73
CA LYS B 287 -0.16 9.33 -10.19
C LYS B 287 1.08 8.96 -9.41
N GLY B 288 2.26 9.28 -9.99
CA GLY B 288 3.52 9.01 -9.32
C GLY B 288 3.64 9.78 -8.02
N CYS B 289 3.21 11.07 -8.04
CA CYS B 289 3.34 11.89 -6.84
C CYS B 289 2.50 11.29 -5.79
N ALA B 290 1.24 10.93 -6.13
CA ALA B 290 0.32 10.49 -5.09
C ALA B 290 0.77 9.15 -4.55
N GLU B 291 1.36 8.29 -5.43
CA GLU B 291 1.81 6.99 -4.95
C GLU B 291 2.97 7.19 -3.92
N ALA B 292 3.90 8.10 -4.26
CA ALA B 292 5.09 8.42 -3.39
C ALA B 292 4.59 8.88 -2.06
N MET B 293 3.66 9.86 -2.08
CA MET B 293 3.23 10.43 -0.81
C MET B 293 2.42 9.43 0.02
N LYS B 294 1.47 8.70 -0.58
CA LYS B 294 0.70 7.62 0.13
C LYS B 294 1.68 6.69 0.79
N GLY B 295 2.75 6.41 0.10
CA GLY B 295 3.66 5.32 0.60
C GLY B 295 4.47 5.81 1.81
N GLN B 296 4.59 7.14 1.91
CA GLN B 296 5.24 7.75 3.11
C GLN B 296 4.25 8.10 4.22
N GLY B 297 2.96 7.67 4.05
CA GLY B 297 1.99 7.89 5.15
C GLY B 297 1.28 9.21 5.10
N ALA B 298 1.36 9.89 3.94
CA ALA B 298 0.63 11.18 3.78
C ALA B 298 -0.88 10.92 3.57
N ARG B 299 -1.66 12.01 3.91
CA ARG B 299 -3.07 11.98 3.67
C ARG B 299 -3.25 12.82 2.40
N VAL B 300 -3.45 12.17 1.26
CA VAL B 300 -3.40 12.80 -0.05
C VAL B 300 -4.80 13.10 -0.62
N SER B 301 -4.94 14.33 -1.09
CA SER B 301 -6.11 14.67 -1.99
C SER B 301 -5.56 15.12 -3.31
N VAL B 302 -6.42 15.08 -4.33
CA VAL B 302 -6.01 15.30 -5.70
C VAL B 302 -7.00 16.28 -6.33
N THR B 303 -6.48 17.15 -7.15
CA THR B 303 -7.37 17.96 -8.12
C THR B 303 -7.28 17.51 -9.53
N GLU B 304 -8.39 17.67 -10.23
CA GLU B 304 -8.43 17.26 -11.62
C GLU B 304 -9.52 17.98 -12.36
N ILE B 305 -9.24 18.14 -13.65
CA ILE B 305 -10.27 18.58 -14.60
C ILE B 305 -10.88 17.46 -15.41
N ASP B 306 -10.23 16.33 -15.46
CA ASP B 306 -10.63 15.31 -16.36
C ASP B 306 -11.37 14.26 -15.52
N PRO B 307 -12.68 13.99 -15.77
CA PRO B 307 -13.44 13.12 -14.92
C PRO B 307 -12.87 11.66 -14.94
N ILE B 308 -12.19 11.24 -16.05
CA ILE B 308 -11.64 9.82 -16.10
C ILE B 308 -10.50 9.76 -15.06
N ASN B 309 -9.51 10.69 -15.22
CA ASN B 309 -8.42 10.65 -14.25
C ASN B 309 -8.92 10.86 -12.83
N ALA B 310 -9.89 11.79 -12.62
CA ALA B 310 -10.48 11.96 -11.30
C ALA B 310 -11.08 10.66 -10.72
N LEU B 311 -11.82 9.97 -11.56
CA LEU B 311 -12.42 8.67 -11.08
C LEU B 311 -11.30 7.69 -10.70
N GLN B 312 -10.21 7.71 -11.42
CA GLN B 312 -9.06 6.82 -11.03
C GLN B 312 -8.56 7.25 -9.64
N ALA B 313 -8.31 8.56 -9.41
CA ALA B 313 -7.80 9.00 -8.11
C ALA B 313 -8.72 8.45 -7.03
N MET B 314 -10.06 8.63 -7.21
CA MET B 314 -11.03 8.23 -6.12
C MET B 314 -10.97 6.68 -5.88
N MET B 315 -10.79 5.95 -6.97
CA MET B 315 -10.69 4.45 -6.96
C MET B 315 -9.39 4.00 -6.22
N GLU B 316 -8.41 4.96 -6.16
CA GLU B 316 -7.06 4.71 -5.64
C GLU B 316 -6.94 5.27 -4.21
N GLY B 317 -8.09 5.72 -3.68
CA GLY B 317 -8.15 6.10 -2.22
C GLY B 317 -7.97 7.58 -2.00
N PHE B 318 -8.15 8.43 -3.05
CA PHE B 318 -7.91 9.86 -2.76
C PHE B 318 -9.18 10.67 -2.96
N ASP B 319 -9.51 11.57 -2.03
CA ASP B 319 -10.57 12.55 -2.41
C ASP B 319 -10.13 13.43 -3.59
N VAL B 320 -11.14 13.84 -4.39
CA VAL B 320 -10.92 14.71 -5.52
C VAL B 320 -11.60 16.06 -5.15
N VAL B 321 -10.79 17.09 -5.04
CA VAL B 321 -11.28 18.37 -4.35
C VAL B 321 -10.75 19.48 -5.28
N THR B 322 -11.24 20.72 -5.07
CA THR B 322 -10.69 21.91 -5.75
C THR B 322 -9.65 22.52 -4.91
N VAL B 323 -8.72 23.24 -5.57
CA VAL B 323 -7.75 24.03 -4.79
C VAL B 323 -8.40 25.05 -3.91
N GLU B 324 -9.57 25.62 -4.34
CA GLU B 324 -10.26 26.63 -3.45
C GLU B 324 -10.69 26.00 -2.19
N GLU B 325 -11.18 24.75 -2.28
CA GLU B 325 -11.69 24.18 -0.98
C GLU B 325 -10.62 23.60 -0.08
N ALA B 326 -9.47 23.17 -0.64
CA ALA B 326 -8.51 22.39 0.10
C ALA B 326 -7.27 23.09 0.48
N ILE B 327 -7.02 24.24 -0.21
CA ILE B 327 -5.71 24.92 -0.12
C ILE B 327 -5.39 25.28 1.34
N GLY B 328 -6.40 25.75 2.13
CA GLY B 328 -6.02 26.21 3.51
C GLY B 328 -5.64 25.15 4.47
N ASP B 329 -5.97 23.89 4.11
CA ASP B 329 -5.70 22.77 5.03
C ASP B 329 -4.41 21.97 4.60
N ALA B 330 -3.86 22.26 3.44
CA ALA B 330 -2.75 21.46 2.92
C ALA B 330 -1.45 21.83 3.56
N ASP B 331 -0.67 20.79 3.94
CA ASP B 331 0.67 21.02 4.50
C ASP B 331 1.70 21.13 3.33
N ILE B 332 1.41 20.41 2.26
CA ILE B 332 2.25 20.34 1.08
C ILE B 332 1.36 20.40 -0.13
N VAL B 333 1.69 21.31 -1.03
CA VAL B 333 1.00 21.42 -2.33
C VAL B 333 1.93 21.23 -3.45
N VAL B 334 1.60 20.34 -4.36
CA VAL B 334 2.41 20.03 -5.53
C VAL B 334 1.57 20.14 -6.78
N THR B 335 2.03 20.91 -7.78
CA THR B 335 1.43 20.99 -9.12
C THR B 335 2.06 20.00 -10.09
N ALA B 336 1.17 19.25 -10.80
CA ALA B 336 1.67 18.24 -11.69
C ALA B 336 0.84 18.19 -12.98
N THR B 337 0.41 19.39 -13.44
CA THR B 337 -0.53 19.37 -14.50
C THR B 337 -0.05 19.54 -15.94
N GLY B 338 1.07 20.29 -16.11
CA GLY B 338 1.45 20.65 -17.47
C GLY B 338 0.61 21.86 -17.96
N ASN B 339 -0.24 22.33 -17.08
CA ASN B 339 -1.05 23.52 -17.44
C ASN B 339 -0.56 24.76 -16.75
N LYS B 340 -1.07 25.93 -17.05
CA LYS B 340 -0.71 27.11 -16.29
C LYS B 340 -1.73 27.56 -15.24
N ASP B 341 -1.33 28.42 -14.32
CA ASP B 341 -2.26 29.11 -13.41
C ASP B 341 -3.05 28.13 -12.55
N ILE B 342 -2.32 27.21 -11.89
CA ILE B 342 -2.97 26.24 -10.99
C ILE B 342 -3.02 26.83 -9.65
N ILE B 343 -1.90 27.43 -9.16
CA ILE B 343 -1.81 27.95 -7.83
C ILE B 343 -1.49 29.45 -7.93
N MET B 344 -2.56 30.20 -7.79
CA MET B 344 -2.48 31.66 -8.01
C MET B 344 -2.18 32.37 -6.74
N LEU B 345 -1.82 33.67 -6.86
CA LEU B 345 -1.52 34.41 -5.65
C LEU B 345 -2.56 34.30 -4.45
N GLU B 346 -3.84 34.46 -4.81
CA GLU B 346 -4.88 34.30 -3.79
C GLU B 346 -4.87 32.93 -3.11
N HIS B 347 -4.45 31.90 -3.86
CA HIS B 347 -4.31 30.55 -3.24
C HIS B 347 -3.08 30.53 -2.32
N ILE B 348 -1.94 31.09 -2.79
CA ILE B 348 -0.79 31.12 -1.91
C ILE B 348 -1.07 31.86 -0.60
N LYS B 349 -1.84 33.00 -0.66
CA LYS B 349 -2.13 33.75 0.55
C LYS B 349 -3.13 33.02 1.49
N ALA B 350 -3.77 31.97 0.92
CA ALA B 350 -4.71 31.12 1.66
C ALA B 350 -3.98 29.97 2.32
N MET B 351 -2.68 29.76 2.04
CA MET B 351 -2.07 28.55 2.59
C MET B 351 -1.79 28.67 4.06
N LYS B 352 -1.68 27.56 4.75
CA LYS B 352 -1.37 27.66 6.16
C LYS B 352 0.10 28.06 6.40
N ASP B 353 0.38 28.61 7.58
CA ASP B 353 1.72 29.02 7.92
C ASP B 353 2.69 27.84 7.87
N HIS B 354 3.82 28.09 7.22
CA HIS B 354 4.92 27.11 6.98
C HIS B 354 4.51 25.91 6.13
N ALA B 355 3.39 26.04 5.41
CA ALA B 355 3.12 25.10 4.29
C ALA B 355 4.26 25.11 3.22
N ILE B 356 4.39 23.98 2.48
CA ILE B 356 5.36 23.93 1.39
C ILE B 356 4.66 23.89 0.05
N LEU B 357 5.23 24.64 -0.89
CA LEU B 357 4.66 24.75 -2.24
C LEU B 357 5.73 24.38 -3.31
N GLY B 358 5.39 23.42 -4.18
CA GLY B 358 6.36 23.10 -5.29
C GLY B 358 5.61 22.73 -6.54
N ASN B 359 6.32 22.70 -7.64
CA ASN B 359 5.77 22.32 -8.95
C ASN B 359 6.68 21.19 -9.51
N ILE B 360 6.11 20.19 -10.15
CA ILE B 360 6.93 19.11 -10.77
C ILE B 360 6.63 19.02 -12.27
N GLY B 361 5.76 19.90 -12.76
CA GLY B 361 5.40 19.93 -14.17
C GLY B 361 6.63 20.53 -14.90
N HIS B 362 6.65 20.41 -16.26
CA HIS B 362 7.81 20.92 -16.94
C HIS B 362 8.04 22.44 -16.73
N PHE B 363 6.96 23.30 -16.76
CA PHE B 363 7.32 24.78 -16.68
C PHE B 363 6.83 25.39 -15.37
N ASP B 364 7.44 26.53 -14.94
CA ASP B 364 7.12 27.10 -13.65
C ASP B 364 5.74 27.87 -13.60
N ASN B 365 5.11 28.14 -14.75
CA ASN B 365 3.89 28.92 -14.73
C ASN B 365 2.67 28.13 -14.23
N GLU B 366 2.87 26.88 -13.71
CA GLU B 366 1.78 26.24 -12.91
C GLU B 366 1.49 27.02 -11.63
N ILE B 367 2.51 27.64 -11.07
CA ILE B 367 2.48 28.39 -9.74
C ILE B 367 2.66 29.87 -10.20
N ASP B 368 1.81 30.79 -9.72
CA ASP B 368 1.91 32.19 -10.08
C ASP B 368 3.13 32.90 -9.41
N MET B 369 4.35 32.50 -9.78
CA MET B 369 5.52 33.07 -9.13
C MET B 369 5.68 34.58 -9.43
N ALA B 370 5.30 34.93 -10.65
CA ALA B 370 5.25 36.41 -10.97
C ALA B 370 4.38 37.21 -9.96
N GLY B 371 3.16 36.71 -9.71
CA GLY B 371 2.26 37.33 -8.77
C GLY B 371 2.89 37.37 -7.37
N LEU B 372 3.53 36.28 -6.94
CA LEU B 372 4.10 36.21 -5.63
C LEU B 372 5.27 37.23 -5.48
N GLU B 373 6.11 37.30 -6.50
CA GLU B 373 7.32 38.14 -6.50
C GLU B 373 7.00 39.63 -6.51
N ARG B 374 5.84 39.95 -7.08
CA ARG B 374 5.38 41.38 -7.19
C ARG B 374 4.37 41.70 -6.07
N SER B 375 3.96 40.71 -5.22
CA SER B 375 2.87 40.95 -4.27
C SER B 375 3.17 41.81 -3.08
N GLY B 376 4.44 42.01 -2.76
CA GLY B 376 4.87 42.61 -1.55
C GLY B 376 5.26 41.67 -0.42
N ALA B 377 5.01 40.36 -0.62
CA ALA B 377 5.61 39.34 0.28
C ALA B 377 7.12 39.48 0.28
N THR B 378 7.70 39.25 1.42
CA THR B 378 9.20 39.36 1.55
C THR B 378 9.79 37.96 1.48
N ARG B 379 10.94 37.88 0.85
CA ARG B 379 11.64 36.57 0.70
C ARG B 379 12.89 36.50 1.57
N VAL B 380 13.02 35.38 2.22
CA VAL B 380 14.29 35.01 2.86
C VAL B 380 14.75 33.74 2.14
N ASN B 381 15.98 33.77 1.60
CA ASN B 381 16.54 32.57 1.06
C ASN B 381 17.04 31.68 2.14
N VAL B 382 16.65 30.38 2.11
CA VAL B 382 17.13 29.49 3.19
C VAL B 382 18.40 28.82 2.72
N LYS B 383 18.41 28.36 1.43
CA LYS B 383 19.57 27.68 0.85
C LYS B 383 19.19 27.56 -0.60
N PRO B 384 20.11 27.11 -1.42
CA PRO B 384 19.77 27.14 -2.82
C PRO B 384 18.43 26.40 -3.09
N GLN B 385 17.58 27.03 -3.91
CA GLN B 385 16.29 26.51 -4.31
C GLN B 385 15.29 26.32 -3.19
N VAL B 386 15.52 26.98 -2.00
CA VAL B 386 14.51 26.99 -0.92
C VAL B 386 14.36 28.43 -0.42
N ASP B 387 13.13 28.96 -0.57
CA ASP B 387 12.82 30.33 -0.10
C ASP B 387 11.65 30.37 0.82
N LEU B 388 11.77 31.21 1.84
CA LEU B 388 10.60 31.36 2.75
C LEU B 388 10.02 32.71 2.38
N TRP B 389 8.75 32.74 1.98
CA TRP B 389 8.02 33.97 1.59
C TRP B 389 7.04 34.32 2.71
N THR B 390 7.10 35.56 3.17
CA THR B 390 6.26 36.02 4.31
C THR B 390 5.31 37.11 3.85
N PHE B 391 4.02 36.96 4.19
CA PHE B 391 2.97 38.04 3.87
C PHE B 391 2.76 38.84 5.14
N GLY B 392 3.16 40.14 5.14
CA GLY B 392 3.06 40.95 6.38
C GLY B 392 1.60 41.19 6.85
N ASP B 393 0.67 41.21 5.88
CA ASP B 393 -0.79 41.33 6.23
C ASP B 393 -1.36 40.17 7.06
N THR B 394 -1.01 38.91 6.75
CA THR B 394 -1.53 37.80 7.53
C THR B 394 -0.53 37.26 8.55
N GLY B 395 0.76 37.54 8.34
CA GLY B 395 1.78 37.03 9.20
C GLY B 395 2.32 35.64 8.72
N ARG B 396 1.76 35.09 7.63
CA ARG B 396 2.04 33.63 7.37
C ARG B 396 3.22 33.59 6.40
N SER B 397 4.03 32.57 6.52
CA SER B 397 5.09 32.33 5.53
C SER B 397 4.95 30.98 4.88
N ILE B 398 5.31 30.94 3.62
CA ILE B 398 5.26 29.68 2.83
C ILE B 398 6.69 29.33 2.32
N ILE B 399 6.96 28.02 2.21
CA ILE B 399 8.32 27.55 1.77
C ILE B 399 8.02 27.26 0.30
N VAL B 400 8.79 27.86 -0.60
CA VAL B 400 8.66 27.66 -2.03
C VAL B 400 9.92 26.96 -2.56
N LEU B 401 9.71 25.83 -3.24
CA LEU B 401 10.89 25.05 -3.83
C LEU B 401 11.24 25.42 -5.24
N SER B 402 12.55 25.65 -5.47
CA SER B 402 13.08 25.90 -6.79
C SER B 402 12.39 27.03 -7.48
N GLU B 403 11.96 28.05 -6.75
CA GLU B 403 11.24 29.18 -7.40
C GLU B 403 10.17 28.72 -8.39
N GLY B 404 9.51 27.59 -8.07
CA GLY B 404 8.38 27.10 -8.83
C GLY B 404 8.83 26.25 -10.03
N ARG B 405 10.18 26.12 -10.26
CA ARG B 405 10.66 25.26 -11.40
C ARG B 405 10.59 23.77 -10.95
N LEU B 406 10.65 22.83 -11.90
CA LEU B 406 10.42 21.42 -11.49
C LEU B 406 11.33 20.95 -10.36
N LEU B 407 10.69 20.52 -9.25
CA LEU B 407 11.44 20.49 -7.96
C LEU B 407 12.30 19.25 -7.81
N ASN B 408 11.92 18.20 -8.53
CA ASN B 408 12.73 16.94 -8.41
C ASN B 408 14.16 17.22 -8.97
N LEU B 409 14.26 17.93 -10.11
CA LEU B 409 15.61 18.34 -10.74
C LEU B 409 16.19 19.53 -10.05
N GLY B 410 15.37 20.40 -9.44
CA GLY B 410 15.90 21.58 -8.90
C GLY B 410 16.42 21.39 -7.51
N ASN B 411 15.67 20.68 -6.69
CA ASN B 411 16.05 20.46 -5.30
C ASN B 411 16.83 19.11 -5.05
N ALA B 412 16.81 18.17 -6.02
CA ALA B 412 17.51 16.88 -5.89
C ALA B 412 18.13 16.56 -7.25
N THR B 413 17.98 15.29 -7.72
CA THR B 413 18.76 14.95 -8.91
C THR B 413 17.88 14.43 -10.01
N GLY B 414 16.58 14.63 -9.87
CA GLY B 414 15.70 14.19 -10.96
C GLY B 414 15.45 12.69 -10.79
N HIS B 415 14.91 12.07 -11.87
CA HIS B 415 14.62 10.65 -11.82
C HIS B 415 15.95 9.88 -11.74
N PRO B 416 15.86 8.64 -11.17
CA PRO B 416 17.06 7.75 -11.09
C PRO B 416 17.45 7.13 -12.44
N SER B 417 18.80 6.92 -12.56
CA SER B 417 19.34 6.32 -13.80
C SER B 417 18.53 5.15 -14.36
N PHE B 418 18.09 4.21 -13.58
CA PHE B 418 17.49 2.97 -14.17
C PHE B 418 16.14 3.32 -14.82
N VAL B 419 15.44 4.37 -14.32
CA VAL B 419 14.19 4.87 -15.00
C VAL B 419 14.55 5.62 -16.26
N MET B 420 15.55 6.49 -16.15
CA MET B 420 15.92 7.25 -17.35
C MET B 420 16.50 6.37 -18.47
N SER B 421 16.97 5.17 -18.11
CA SER B 421 17.48 4.25 -19.13
C SER B 421 16.26 3.93 -20.09
N ASN B 422 15.03 3.78 -19.57
CA ASN B 422 13.91 3.57 -20.52
C ASN B 422 13.72 4.75 -21.39
N SER B 423 13.61 6.01 -20.86
CA SER B 423 13.29 7.17 -21.66
C SER B 423 14.40 7.42 -22.70
N PHE B 424 15.64 7.25 -22.27
CA PHE B 424 16.74 7.65 -23.15
C PHE B 424 17.07 6.55 -24.18
N ALA B 425 16.72 5.28 -23.88
CA ALA B 425 16.77 4.15 -24.92
C ALA B 425 15.77 4.54 -25.98
N ASN B 426 14.56 4.96 -25.53
CA ASN B 426 13.59 5.41 -26.54
C ASN B 426 14.06 6.59 -27.31
N GLN B 427 14.62 7.57 -26.64
CA GLN B 427 15.13 8.75 -27.38
C GLN B 427 16.21 8.39 -28.44
N THR B 428 17.10 7.49 -28.03
CA THR B 428 18.31 7.10 -28.83
C THR B 428 17.72 6.39 -30.09
N ILE B 429 16.75 5.47 -29.85
CA ILE B 429 16.18 4.70 -30.98
C ILE B 429 15.48 5.71 -31.87
N ALA B 430 14.72 6.65 -31.34
CA ALA B 430 14.00 7.67 -32.13
C ALA B 430 15.02 8.49 -32.96
N GLN B 431 16.13 8.86 -32.38
CA GLN B 431 17.15 9.64 -33.09
C GLN B 431 17.69 8.75 -34.30
N ILE B 432 18.03 7.51 -34.04
CA ILE B 432 18.50 6.49 -35.08
C ILE B 432 17.43 6.40 -36.20
N GLU B 433 16.16 6.25 -35.85
CA GLU B 433 15.11 6.01 -36.86
C GLU B 433 15.02 7.26 -37.72
N LEU B 434 14.94 8.47 -37.15
CA LEU B 434 14.78 9.75 -37.89
C LEU B 434 15.99 10.04 -38.76
N TRP B 435 17.19 9.68 -38.31
CA TRP B 435 18.41 10.01 -39.03
C TRP B 435 18.58 9.08 -40.18
N THR B 436 18.36 7.77 -39.97
CA THR B 436 18.73 6.69 -40.93
C THR B 436 17.61 6.32 -41.88
N LYS B 437 16.38 6.68 -41.54
CA LYS B 437 15.23 6.37 -42.38
C LYS B 437 14.43 7.64 -42.69
N ASN B 438 15.10 8.80 -42.73
CA ASN B 438 14.51 10.10 -42.74
C ASN B 438 13.49 10.27 -43.86
N ASP B 439 13.76 9.66 -45.03
CA ASP B 439 12.75 9.75 -46.15
C ASP B 439 11.40 9.10 -45.87
N GLU B 440 11.37 8.17 -44.93
CA GLU B 440 10.11 7.51 -44.56
C GLU B 440 9.13 8.37 -43.68
N TYR B 441 9.55 9.61 -43.32
CA TYR B 441 8.79 10.46 -42.39
C TYR B 441 8.37 11.74 -43.07
N ASP B 442 7.10 12.11 -42.95
CA ASP B 442 6.67 13.43 -43.36
C ASP B 442 6.73 14.39 -42.23
N ASN B 443 6.33 15.64 -42.47
CA ASN B 443 6.42 16.68 -41.48
C ASN B 443 5.24 16.61 -40.51
N GLU B 444 5.20 15.48 -39.73
CA GLU B 444 4.10 15.24 -38.80
C GLU B 444 4.73 14.74 -37.50
N VAL B 445 3.86 14.53 -36.52
CA VAL B 445 4.30 13.92 -35.21
C VAL B 445 4.05 12.41 -35.32
N TYR B 446 5.10 11.61 -35.11
CA TYR B 446 5.07 10.16 -35.04
C TYR B 446 5.33 9.59 -33.62
N ARG B 447 4.81 8.43 -33.37
CA ARG B 447 5.31 7.66 -32.26
C ARG B 447 6.04 6.41 -32.74
N LEU B 448 6.93 5.91 -31.86
CA LEU B 448 7.72 4.70 -32.25
C LEU B 448 6.78 3.49 -32.35
N PRO B 449 7.08 2.57 -33.24
CA PRO B 449 6.28 1.34 -33.24
C PRO B 449 6.36 0.52 -31.96
N LYS B 450 5.29 -0.20 -31.67
CA LYS B 450 5.19 -1.01 -30.43
C LYS B 450 6.33 -1.97 -30.19
N HIS B 451 6.85 -2.63 -31.28
CA HIS B 451 7.94 -3.58 -31.14
C HIS B 451 9.20 -2.97 -30.50
N LEU B 452 9.40 -1.71 -30.84
CA LEU B 452 10.67 -1.07 -30.34
C LEU B 452 10.46 -0.71 -28.90
N ASP B 453 9.24 -0.34 -28.48
CA ASP B 453 8.98 -0.18 -26.98
C ASP B 453 9.07 -1.44 -26.28
N GLU B 454 8.58 -2.54 -26.82
CA GLU B 454 8.80 -3.86 -26.21
C GLU B 454 10.28 -4.26 -26.07
N LYS B 455 11.06 -3.99 -27.10
CA LYS B 455 12.51 -4.19 -27.07
C LYS B 455 13.21 -3.50 -25.82
N VAL B 456 12.81 -2.28 -25.62
CA VAL B 456 13.27 -1.49 -24.48
C VAL B 456 12.87 -2.08 -23.18
N ALA B 457 11.56 -2.41 -23.07
CA ALA B 457 11.12 -3.00 -21.79
C ALA B 457 11.88 -4.34 -21.50
N ARG B 458 12.07 -5.16 -22.53
CA ARG B 458 12.71 -6.48 -22.37
C ARG B 458 14.12 -6.36 -21.80
N ILE B 459 14.87 -5.32 -22.21
CA ILE B 459 16.25 -5.14 -21.69
C ILE B 459 16.20 -4.86 -20.19
N HIS B 460 15.15 -4.13 -19.80
CA HIS B 460 15.11 -3.77 -18.38
C HIS B 460 14.54 -4.90 -17.52
N VAL B 461 13.55 -5.66 -18.01
CA VAL B 461 13.13 -6.87 -17.30
C VAL B 461 14.30 -7.82 -17.01
N GLU B 462 15.06 -8.03 -18.07
CA GLU B 462 16.27 -8.89 -18.02
C GLU B 462 17.32 -8.42 -16.93
N ALA B 463 17.54 -7.09 -16.96
CA ALA B 463 18.48 -6.47 -16.05
C ALA B 463 18.07 -6.61 -14.61
N LEU B 464 16.73 -6.62 -14.38
CA LEU B 464 16.17 -6.78 -13.00
C LEU B 464 15.98 -8.25 -12.57
N GLY B 465 16.28 -9.17 -13.47
CA GLY B 465 16.22 -10.57 -13.25
C GLY B 465 14.87 -11.17 -13.38
N GLY B 466 13.94 -10.41 -14.02
CA GLY B 466 12.64 -11.04 -14.21
C GLY B 466 12.72 -12.11 -15.35
N HIS B 467 11.84 -13.11 -15.28
CA HIS B 467 11.77 -14.22 -16.27
C HIS B 467 10.51 -14.17 -17.09
N LEU B 468 10.61 -13.75 -18.33
CA LEU B 468 9.48 -13.78 -19.24
C LEU B 468 9.09 -15.19 -19.60
N THR B 469 7.79 -15.38 -19.70
CA THR B 469 7.26 -16.64 -20.27
C THR B 469 7.24 -16.51 -21.82
N LYS B 470 7.54 -17.62 -22.56
CA LYS B 470 7.51 -17.63 -24.00
C LYS B 470 6.22 -18.38 -24.45
N LEU B 471 5.49 -17.71 -25.30
CA LEU B 471 4.28 -18.31 -25.86
C LEU B 471 4.63 -19.52 -26.68
N THR B 472 3.79 -20.53 -26.54
CA THR B 472 3.87 -21.73 -27.39
C THR B 472 3.27 -21.34 -28.74
N LYS B 473 3.61 -22.13 -29.75
CA LYS B 473 3.04 -21.91 -31.09
C LYS B 473 1.48 -21.82 -31.06
N GLU B 474 0.88 -22.76 -30.30
CA GLU B 474 -0.62 -22.86 -30.20
C GLU B 474 -1.17 -21.61 -29.50
N GLN B 475 -0.49 -21.21 -28.41
CA GLN B 475 -0.91 -19.93 -27.72
C GLN B 475 -0.81 -18.66 -28.56
N ALA B 476 0.28 -18.51 -29.35
CA ALA B 476 0.51 -17.40 -30.24
C ALA B 476 -0.61 -17.31 -31.30
N GLU B 477 -0.99 -18.48 -31.83
CA GLU B 477 -2.06 -18.65 -32.84
C GLU B 477 -3.39 -18.23 -32.23
N TYR B 478 -3.60 -18.61 -30.97
CA TYR B 478 -4.86 -18.34 -30.23
C TYR B 478 -5.09 -16.85 -30.03
N LEU B 479 -3.99 -16.15 -29.67
CA LEU B 479 -3.97 -14.71 -29.53
C LEU B 479 -3.83 -13.87 -30.79
N GLY B 480 -3.43 -14.57 -31.85
CA GLY B 480 -3.22 -13.95 -33.13
C GLY B 480 -2.00 -13.01 -33.06
N VAL B 481 -0.95 -13.46 -32.39
CA VAL B 481 0.27 -12.65 -32.29
C VAL B 481 1.44 -13.50 -32.74
N ASP B 482 2.56 -12.84 -33.00
CA ASP B 482 3.80 -13.57 -33.21
C ASP B 482 4.47 -13.90 -31.85
N VAL B 483 5.15 -15.05 -31.73
CA VAL B 483 5.80 -15.42 -30.44
C VAL B 483 6.77 -14.24 -29.98
N GLU B 484 7.38 -13.58 -30.95
CA GLU B 484 8.32 -12.47 -30.62
C GLU B 484 7.67 -11.07 -30.44
N GLY B 485 6.33 -11.04 -30.50
CA GLY B 485 5.55 -9.83 -30.53
C GLY B 485 5.57 -9.01 -31.75
N PRO B 486 4.90 -7.85 -31.79
CA PRO B 486 4.18 -7.22 -30.64
C PRO B 486 2.96 -7.98 -30.09
N TYR B 487 2.74 -7.81 -28.76
CA TYR B 487 1.73 -8.63 -28.07
C TYR B 487 0.35 -7.96 -27.88
N LYS B 488 0.26 -6.70 -28.13
CA LYS B 488 -0.97 -5.93 -27.83
C LYS B 488 -1.42 -5.16 -29.04
N PRO B 489 -2.75 -4.87 -29.08
CA PRO B 489 -3.21 -3.96 -30.10
C PRO B 489 -2.71 -2.52 -29.97
N ASP B 490 -2.80 -1.76 -31.05
CA ASP B 490 -2.26 -0.45 -31.12
C ASP B 490 -2.86 0.46 -30.05
N HIS B 491 -4.15 0.32 -29.74
CA HIS B 491 -4.78 1.21 -28.76
C HIS B 491 -4.67 0.66 -27.28
N TYR B 492 -3.92 -0.44 -27.10
CA TYR B 492 -3.76 -0.99 -25.75
C TYR B 492 -3.21 0.12 -24.81
N ARG B 493 -3.77 0.19 -23.63
CA ARG B 493 -3.41 1.24 -22.65
C ARG B 493 -2.47 0.84 -21.52
N TYR B 494 -2.18 -0.46 -21.40
CA TYR B 494 -1.37 -0.93 -20.27
C TYR B 494 -1.87 -0.40 -18.91
N LEU C 10 -38.24 -25.61 25.13
CA LEU C 10 -36.82 -25.74 24.60
C LEU C 10 -36.11 -26.83 25.37
N THR C 11 -35.90 -28.00 24.80
CA THR C 11 -35.20 -29.00 25.61
C THR C 11 -34.10 -29.63 24.80
N PRO C 12 -33.01 -30.09 25.47
CA PRO C 12 -31.93 -30.71 24.65
C PRO C 12 -32.41 -31.96 23.89
N ASP C 13 -31.86 -32.21 22.68
CA ASP C 13 -31.90 -33.47 21.95
C ASP C 13 -30.85 -34.44 22.56
N VAL C 14 -31.13 -35.73 22.49
CA VAL C 14 -30.17 -36.72 23.00
C VAL C 14 -30.06 -37.85 22.03
N ARG C 15 -28.83 -38.19 21.60
CA ARG C 15 -28.60 -39.31 20.66
C ARG C 15 -27.29 -39.96 20.98
N ASN C 16 -27.29 -41.29 21.00
CA ASN C 16 -26.07 -42.02 21.31
C ASN C 16 -25.33 -41.49 22.53
N GLY C 17 -26.10 -41.06 23.53
CA GLY C 17 -25.49 -40.67 24.75
C GLY C 17 -24.92 -39.23 24.78
N ILE C 18 -25.23 -38.47 23.74
CA ILE C 18 -24.82 -37.07 23.70
C ILE C 18 -26.06 -36.19 23.65
N ASP C 19 -26.12 -35.16 24.53
CA ASP C 19 -27.15 -34.11 24.55
C ASP C 19 -26.60 -32.96 23.75
N PHE C 20 -27.45 -32.35 22.94
CA PHE C 20 -27.01 -31.24 22.09
C PHE C 20 -28.26 -30.51 21.64
N LYS C 21 -28.07 -29.31 21.08
CA LYS C 21 -29.13 -28.62 20.40
C LYS C 21 -28.45 -27.86 19.26
N ILE C 22 -28.72 -28.31 18.06
CA ILE C 22 -28.13 -27.67 16.82
C ILE C 22 -29.14 -27.58 15.68
N ALA C 23 -28.81 -26.87 14.62
CA ALA C 23 -29.76 -26.79 13.50
C ALA C 23 -30.02 -28.13 12.85
N ASP C 24 -29.00 -28.85 12.42
CA ASP C 24 -29.26 -29.95 11.48
C ASP C 24 -28.08 -30.90 11.45
N LEU C 25 -28.23 -32.07 12.09
CA LEU C 25 -27.20 -33.09 12.07
C LEU C 25 -26.71 -33.53 10.71
N SER C 26 -27.60 -33.51 9.73
CA SER C 26 -27.25 -33.90 8.41
C SER C 26 -26.16 -33.06 7.75
N LEU C 27 -25.85 -31.89 8.36
CA LEU C 27 -24.82 -31.05 7.78
C LEU C 27 -23.42 -31.56 8.13
N ALA C 28 -23.35 -32.65 8.90
CA ALA C 28 -22.09 -33.12 9.50
C ALA C 28 -21.08 -33.48 8.40
N ASP C 29 -21.52 -34.11 7.31
CA ASP C 29 -20.57 -34.46 6.21
C ASP C 29 -19.87 -33.21 5.60
N PHE C 30 -20.69 -32.20 5.24
CA PHE C 30 -20.19 -30.95 4.78
C PHE C 30 -19.26 -30.38 5.84
N GLY C 31 -19.70 -30.29 7.10
CA GLY C 31 -18.83 -29.76 8.18
C GLY C 31 -17.50 -30.46 8.26
N ARG C 32 -17.51 -31.80 8.21
CA ARG C 32 -16.31 -32.58 8.32
C ARG C 32 -15.32 -32.30 7.16
N LYS C 33 -15.81 -32.13 5.90
CA LYS C 33 -14.92 -31.82 4.80
C LYS C 33 -14.21 -30.46 5.13
N GLU C 34 -15.00 -29.49 5.58
CA GLU C 34 -14.32 -28.21 5.93
C GLU C 34 -13.40 -28.26 7.16
N LEU C 35 -13.76 -29.07 8.13
CA LEU C 35 -12.89 -29.29 9.24
C LEU C 35 -11.53 -29.87 8.75
N ARG C 36 -11.58 -30.85 7.84
CA ARG C 36 -10.34 -31.47 7.38
C ARG C 36 -9.45 -30.44 6.65
N ILE C 37 -10.03 -29.56 5.84
CA ILE C 37 -9.27 -28.58 5.14
C ILE C 37 -8.71 -27.59 6.19
N ALA C 38 -9.51 -27.20 7.21
CA ALA C 38 -9.06 -26.30 8.29
C ALA C 38 -7.91 -26.94 8.98
N GLU C 39 -7.96 -28.28 9.24
CA GLU C 39 -6.80 -28.83 9.93
C GLU C 39 -5.45 -28.60 9.21
N HIS C 40 -5.45 -28.56 7.88
CA HIS C 40 -4.24 -28.27 7.11
C HIS C 40 -3.84 -26.80 7.30
N GLU C 41 -4.83 -25.96 7.62
CA GLU C 41 -4.56 -24.48 7.78
C GLU C 41 -4.39 -24.16 9.29
N MET C 42 -4.38 -25.13 10.20
CA MET C 42 -4.22 -24.83 11.60
C MET C 42 -3.07 -25.66 12.24
N PRO C 43 -1.84 -25.37 11.77
CA PRO C 43 -0.68 -26.19 12.23
C PRO C 43 -0.42 -25.92 13.72
N GLY C 44 -0.93 -24.84 14.29
CA GLY C 44 -0.74 -24.58 15.74
C GLY C 44 -1.43 -25.67 16.58
N LEU C 45 -2.69 -25.91 16.28
CA LEU C 45 -3.52 -26.96 16.94
C LEU C 45 -3.02 -28.38 16.58
N MET C 46 -2.68 -28.61 15.31
CA MET C 46 -2.26 -29.99 14.90
C MET C 46 -0.88 -30.29 15.63
N SER C 47 0.02 -29.30 15.73
CA SER C 47 1.30 -29.53 16.33
C SER C 47 1.06 -29.86 17.78
N LEU C 48 0.06 -29.21 18.40
CA LEU C 48 -0.23 -29.49 19.83
C LEU C 48 -0.87 -30.90 20.03
N ARG C 49 -1.70 -31.33 19.08
CA ARG C 49 -2.31 -32.66 19.18
C ARG C 49 -1.09 -33.64 19.21
N ARG C 50 -0.14 -33.46 18.29
CA ARG C 50 1.00 -34.43 18.14
C ARG C 50 1.83 -34.39 19.38
N GLU C 51 2.08 -33.17 19.88
CA GLU C 51 2.98 -32.99 20.97
C GLU C 51 2.53 -33.65 22.24
N TYR C 52 1.22 -33.54 22.52
CA TYR C 52 0.65 -33.92 23.81
C TYR C 52 -0.22 -35.17 23.70
N ALA C 53 -0.27 -35.79 22.50
CA ALA C 53 -0.99 -37.09 22.25
C ALA C 53 -0.75 -38.12 23.36
N GLU C 54 0.53 -38.38 23.70
CA GLU C 54 0.86 -39.43 24.69
C GLU C 54 0.56 -39.01 26.17
N VAL C 55 0.88 -37.75 26.49
CA VAL C 55 0.74 -37.15 27.80
C VAL C 55 -0.72 -37.04 28.24
N GLN C 56 -1.63 -36.69 27.30
CA GLN C 56 -3.04 -36.53 27.70
C GLN C 56 -3.20 -35.52 28.83
N PRO C 57 -2.74 -34.28 28.58
CA PRO C 57 -2.62 -33.36 29.70
C PRO C 57 -3.99 -32.88 30.26
N LEU C 58 -5.03 -32.98 29.44
CA LEU C 58 -6.33 -32.47 29.88
C LEU C 58 -7.24 -33.57 30.40
N LYS C 59 -6.63 -34.75 30.56
CA LYS C 59 -7.43 -35.80 31.25
C LYS C 59 -8.01 -35.28 32.59
N GLY C 60 -9.32 -35.52 32.80
CA GLY C 60 -10.03 -35.12 34.02
C GLY C 60 -10.64 -33.70 33.91
N ALA C 61 -10.24 -32.95 32.85
CA ALA C 61 -10.90 -31.66 32.62
C ALA C 61 -12.32 -31.87 32.07
N ARG C 62 -13.22 -31.02 32.51
CA ARG C 62 -14.60 -30.92 32.04
C ARG C 62 -14.76 -29.40 31.73
N ILE C 63 -14.45 -29.08 30.49
CA ILE C 63 -14.37 -27.66 30.01
C ILE C 63 -15.73 -27.21 29.43
N SER C 64 -16.27 -26.14 30.03
CA SER C 64 -17.40 -25.46 29.44
C SER C 64 -16.81 -24.34 28.58
N GLY C 65 -17.15 -24.42 27.27
CA GLY C 65 -16.65 -23.53 26.23
C GLY C 65 -17.75 -22.63 25.73
N SER C 66 -17.50 -21.30 25.77
CA SER C 66 -18.46 -20.32 25.14
C SER C 66 -17.63 -19.59 24.07
N LEU C 67 -17.85 -19.96 22.81
CA LEU C 67 -16.97 -19.39 21.78
C LEU C 67 -17.64 -19.76 20.47
N HIS C 68 -17.85 -18.73 19.62
CA HIS C 68 -18.39 -18.83 18.26
C HIS C 68 -18.18 -20.21 17.66
N MET C 69 -19.30 -20.88 17.41
CA MET C 69 -19.25 -22.27 16.99
C MET C 69 -18.97 -22.37 15.52
N THR C 70 -17.72 -22.13 15.14
CA THR C 70 -17.33 -22.11 13.72
C THR C 70 -16.49 -23.33 13.37
N VAL C 71 -16.11 -23.45 12.08
CA VAL C 71 -15.16 -24.51 11.65
C VAL C 71 -13.86 -24.41 12.49
N GLN C 72 -13.35 -23.19 12.73
CA GLN C 72 -12.08 -23.00 13.48
C GLN C 72 -12.22 -23.45 14.91
N THR C 73 -13.36 -23.12 15.51
CA THR C 73 -13.61 -23.57 16.90
C THR C 73 -13.73 -25.10 16.92
N ALA C 74 -14.33 -25.69 15.94
CA ALA C 74 -14.47 -27.17 15.85
C ALA C 74 -13.10 -27.84 15.97
N VAL C 75 -12.07 -27.30 15.30
CA VAL C 75 -10.67 -27.92 15.27
C VAL C 75 -10.12 -27.67 16.69
N LEU C 76 -10.40 -26.52 17.32
CA LEU C 76 -10.05 -26.32 18.73
C LEU C 76 -10.69 -27.38 19.64
N ILE C 77 -12.00 -27.48 19.53
CA ILE C 77 -12.75 -28.48 20.36
C ILE C 77 -12.10 -29.91 20.24
N GLU C 78 -11.84 -30.34 19.02
CA GLU C 78 -11.32 -31.69 18.81
C GLU C 78 -9.85 -31.76 19.18
N THR C 79 -9.20 -30.62 19.45
CA THR C 79 -7.82 -30.65 20.00
C THR C 79 -7.90 -30.84 21.49
N LEU C 80 -8.85 -30.15 22.13
CA LEU C 80 -9.05 -30.32 23.57
C LEU C 80 -9.39 -31.79 23.82
N THR C 81 -10.34 -32.33 23.08
CA THR C 81 -10.75 -33.77 23.31
C THR C 81 -9.60 -34.71 22.97
N ALA C 82 -8.84 -34.45 21.92
CA ALA C 82 -7.61 -35.25 21.60
C ALA C 82 -6.62 -35.31 22.75
N LEU C 83 -6.55 -34.24 23.54
CA LEU C 83 -5.60 -34.08 24.72
C LEU C 83 -6.20 -34.58 26.03
N GLY C 84 -7.42 -35.09 25.89
CA GLY C 84 -8.09 -35.86 27.01
C GLY C 84 -9.22 -35.16 27.73
N ALA C 85 -9.50 -33.90 27.39
CA ALA C 85 -10.58 -33.24 28.01
C ALA C 85 -11.96 -33.75 27.57
N GLU C 86 -12.94 -33.58 28.47
CA GLU C 86 -14.30 -33.57 28.04
C GLU C 86 -14.72 -32.10 27.90
N VAL C 87 -15.72 -31.90 27.01
CA VAL C 87 -16.21 -30.53 26.72
C VAL C 87 -17.74 -30.50 26.52
N ARG C 88 -18.29 -29.30 26.77
CA ARG C 88 -19.61 -28.95 26.51
C ARG C 88 -19.49 -27.49 25.97
N TRP C 89 -20.19 -27.26 24.85
CA TRP C 89 -19.97 -26.00 24.12
C TRP C 89 -21.25 -25.24 23.81
N ALA C 90 -21.08 -23.93 23.76
CA ALA C 90 -22.11 -23.01 23.16
C ALA C 90 -21.35 -21.90 22.40
N SER C 91 -22.11 -21.26 21.52
CA SER C 91 -21.55 -20.05 20.86
C SER C 91 -21.57 -18.89 21.85
N CYS C 92 -20.73 -17.84 21.56
CA CYS C 92 -20.91 -16.60 22.29
C CYS C 92 -21.53 -15.46 21.52
N ASN C 93 -22.15 -15.81 20.37
CA ASN C 93 -22.98 -14.86 19.76
C ASN C 93 -24.16 -15.56 19.03
N ILE C 94 -25.31 -14.86 18.96
CA ILE C 94 -26.54 -15.44 18.39
C ILE C 94 -26.39 -15.68 16.90
N PHE C 95 -25.41 -15.03 16.19
CA PHE C 95 -25.36 -15.22 14.73
C PHE C 95 -24.04 -15.85 14.22
N SER C 96 -23.14 -16.14 15.11
CA SER C 96 -21.78 -16.55 14.67
C SER C 96 -21.64 -18.05 14.43
N THR C 97 -22.57 -18.83 14.92
CA THR C 97 -22.44 -20.26 14.61
C THR C 97 -22.40 -20.64 13.15
N GLN C 98 -21.62 -21.66 12.79
CA GLN C 98 -21.66 -22.19 11.41
C GLN C 98 -22.30 -23.59 11.57
N ASP C 99 -23.52 -23.66 11.12
CA ASP C 99 -24.29 -24.88 11.38
C ASP C 99 -23.60 -26.18 10.98
N HIS C 100 -22.87 -26.20 9.87
CA HIS C 100 -22.24 -27.46 9.44
C HIS C 100 -21.12 -27.81 10.40
N ALA C 101 -20.36 -26.82 10.93
CA ALA C 101 -19.38 -27.09 12.03
C ALA C 101 -19.96 -27.65 13.33
N ALA C 102 -21.09 -27.07 13.74
CA ALA C 102 -21.78 -27.51 15.01
C ALA C 102 -22.14 -29.02 14.76
N ALA C 103 -22.68 -29.32 13.59
CA ALA C 103 -23.08 -30.68 13.24
C ALA C 103 -21.89 -31.60 13.20
N ALA C 104 -20.75 -31.20 12.60
CA ALA C 104 -19.55 -32.07 12.64
C ALA C 104 -18.99 -32.31 14.01
N VAL C 105 -19.09 -31.34 14.87
CA VAL C 105 -18.57 -31.45 16.25
C VAL C 105 -19.43 -32.45 17.13
N VAL C 106 -20.74 -32.42 16.91
CA VAL C 106 -21.64 -33.36 17.61
C VAL C 106 -21.44 -34.77 17.05
N VAL C 107 -21.44 -34.90 15.72
CA VAL C 107 -21.18 -36.20 15.11
C VAL C 107 -19.76 -36.78 15.35
N GLY C 108 -18.71 -35.92 15.39
CA GLY C 108 -17.34 -36.39 15.64
C GLY C 108 -16.73 -36.89 14.40
N PRO C 109 -15.41 -37.13 14.50
CA PRO C 109 -14.72 -37.58 13.30
C PRO C 109 -15.12 -38.98 12.85
N HIS C 110 -15.71 -39.76 13.75
CA HIS C 110 -16.01 -41.15 13.44
C HIS C 110 -17.46 -41.52 13.65
N GLY C 111 -18.30 -40.53 13.99
CA GLY C 111 -19.72 -40.80 14.20
C GLY C 111 -20.51 -40.71 12.90
N THR C 112 -21.82 -40.84 13.02
CA THR C 112 -22.74 -40.55 11.87
C THR C 112 -23.91 -39.69 12.47
N PRO C 113 -24.71 -39.04 11.64
CA PRO C 113 -25.90 -38.33 12.21
C PRO C 113 -26.86 -39.17 13.01
N ASP C 114 -27.05 -40.42 12.59
CA ASP C 114 -27.88 -41.38 13.36
C ASP C 114 -27.23 -41.89 14.64
N GLU C 115 -25.88 -42.01 14.65
CA GLU C 115 -25.12 -42.41 15.85
C GLU C 115 -23.93 -41.47 16.01
N PRO C 116 -24.20 -40.29 16.53
CA PRO C 116 -23.08 -39.35 16.78
C PRO C 116 -22.10 -39.79 17.86
N LYS C 117 -20.84 -39.38 17.69
CA LYS C 117 -19.77 -39.78 18.58
C LYS C 117 -18.81 -38.57 18.85
N GLY C 118 -19.37 -37.37 18.83
CA GLY C 118 -18.58 -36.16 19.20
C GLY C 118 -19.06 -35.72 20.54
N VAL C 119 -19.39 -34.43 20.67
CA VAL C 119 -19.46 -33.81 22.06
C VAL C 119 -20.64 -32.87 22.06
N PRO C 120 -21.18 -32.58 23.24
CA PRO C 120 -22.35 -31.72 23.40
C PRO C 120 -22.10 -30.28 22.85
N VAL C 121 -23.00 -29.91 21.91
CA VAL C 121 -22.99 -28.52 21.36
C VAL C 121 -24.41 -27.96 21.46
N PHE C 122 -24.53 -26.73 21.94
CA PHE C 122 -25.84 -26.05 22.03
C PHE C 122 -25.60 -24.72 21.32
N ALA C 123 -25.91 -24.77 19.99
CA ALA C 123 -25.56 -23.59 19.18
C ALA C 123 -26.15 -23.78 17.83
N TRP C 124 -26.70 -22.69 17.31
CA TRP C 124 -27.19 -22.59 15.90
C TRP C 124 -27.12 -21.14 15.44
N LYS C 125 -27.04 -20.97 14.10
CA LYS C 125 -27.00 -19.58 13.65
C LYS C 125 -28.46 -18.98 13.74
N GLY C 126 -28.64 -17.82 14.36
CA GLY C 126 -29.95 -17.19 14.44
C GLY C 126 -30.73 -17.50 15.68
N GLU C 127 -30.05 -17.58 16.77
CA GLU C 127 -30.70 -17.73 18.09
C GLU C 127 -31.42 -16.47 18.43
N THR C 128 -32.52 -16.61 19.16
CA THR C 128 -32.97 -15.51 19.96
C THR C 128 -32.12 -15.33 21.23
N LEU C 129 -32.34 -14.20 21.91
CA LEU C 129 -31.65 -13.94 23.19
C LEU C 129 -31.99 -14.99 24.24
N GLU C 130 -33.27 -15.38 24.30
CA GLU C 130 -33.71 -16.40 25.28
C GLU C 130 -32.99 -17.73 25.00
N GLU C 131 -32.93 -18.09 23.71
CA GLU C 131 -32.28 -19.34 23.27
C GLU C 131 -30.81 -19.24 23.53
N TYR C 132 -30.22 -18.06 23.32
CA TYR C 132 -28.78 -17.90 23.60
C TYR C 132 -28.40 -18.21 25.06
N TRP C 133 -29.19 -17.62 25.97
CA TRP C 133 -28.94 -17.84 27.41
C TRP C 133 -29.34 -19.24 27.84
N TRP C 134 -30.40 -19.80 27.25
CA TRP C 134 -30.71 -21.21 27.50
C TRP C 134 -29.52 -22.12 27.14
N ALA C 135 -28.99 -21.91 25.95
CA ALA C 135 -27.82 -22.68 25.49
C ALA C 135 -26.56 -22.51 26.38
N ALA C 136 -26.29 -21.29 26.86
CA ALA C 136 -25.17 -20.96 27.75
C ALA C 136 -25.36 -21.78 29.05
N GLU C 137 -26.60 -21.81 29.55
CA GLU C 137 -26.84 -22.65 30.78
C GLU C 137 -26.62 -24.15 30.57
N GLN C 138 -27.04 -24.66 29.41
CA GLN C 138 -26.82 -26.03 29.06
C GLN C 138 -25.35 -26.33 28.97
N MET C 139 -24.60 -25.36 28.41
CA MET C 139 -23.19 -25.59 28.24
C MET C 139 -22.43 -25.59 29.54
N LEU C 140 -22.98 -24.86 30.54
CA LEU C 140 -22.30 -24.72 31.85
C LEU C 140 -22.77 -25.82 32.84
N THR C 141 -23.76 -26.63 32.41
CA THR C 141 -24.47 -27.56 33.36
C THR C 141 -24.15 -28.98 32.99
N TRP C 142 -23.18 -29.56 33.72
CA TRP C 142 -22.73 -30.88 33.47
C TRP C 142 -23.77 -31.86 34.04
N PRO C 143 -23.85 -33.06 33.43
CA PRO C 143 -24.93 -34.04 33.72
C PRO C 143 -24.85 -34.62 35.15
N ASP C 144 -23.66 -34.87 35.67
CA ASP C 144 -23.51 -35.40 37.05
C ASP C 144 -23.31 -34.24 38.03
N PRO C 145 -24.30 -33.99 38.95
CA PRO C 145 -24.17 -32.90 39.94
C PRO C 145 -22.94 -33.02 40.86
N ASP C 146 -22.37 -34.22 40.97
CA ASP C 146 -21.11 -34.34 41.72
C ASP C 146 -19.89 -33.98 40.88
N LYS C 147 -20.09 -33.72 39.58
CA LYS C 147 -18.91 -33.40 38.72
C LYS C 147 -19.28 -32.18 37.88
N PRO C 148 -19.36 -30.98 38.52
CA PRO C 148 -19.77 -29.84 37.66
C PRO C 148 -18.58 -29.47 36.78
N ALA C 149 -18.77 -28.40 35.96
CA ALA C 149 -17.67 -27.90 35.13
C ALA C 149 -16.49 -27.67 36.03
N ASN C 150 -15.27 -27.93 35.52
CA ASN C 150 -14.10 -27.57 36.24
C ASN C 150 -13.08 -26.67 35.52
N MET C 151 -13.40 -26.28 34.27
CA MET C 151 -12.67 -25.15 33.66
C MET C 151 -13.71 -24.42 32.79
N ILE C 152 -13.37 -23.16 32.48
CA ILE C 152 -14.18 -22.42 31.49
C ILE C 152 -13.18 -21.96 30.40
N LEU C 153 -13.67 -22.04 29.18
CA LEU C 153 -12.94 -21.45 28.01
C LEU C 153 -13.93 -20.43 27.45
N ASP C 154 -13.57 -19.15 27.59
CA ASP C 154 -14.55 -18.09 27.28
C ASP C 154 -14.08 -17.07 26.24
N ASP C 155 -15.05 -16.42 25.56
CA ASP C 155 -14.64 -15.40 24.54
C ASP C 155 -15.75 -14.34 24.81
N GLY C 156 -15.41 -13.26 25.49
CA GLY C 156 -16.40 -12.21 25.75
C GLY C 156 -16.94 -12.20 27.17
N GLY C 157 -16.65 -13.28 27.87
CA GLY C 157 -16.87 -13.32 29.34
C GLY C 157 -18.30 -13.68 29.70
N ASP C 158 -19.18 -13.99 28.74
CA ASP C 158 -20.57 -14.39 29.15
C ASP C 158 -20.66 -15.62 29.98
N ALA C 159 -19.80 -16.62 29.79
CA ALA C 159 -19.81 -17.85 30.68
C ALA C 159 -19.35 -17.51 32.07
N THR C 160 -18.30 -16.75 32.13
CA THR C 160 -17.74 -16.31 33.39
C THR C 160 -18.78 -15.46 34.10
N MET C 161 -19.45 -14.57 33.39
CA MET C 161 -20.39 -13.68 34.04
C MET C 161 -21.59 -14.45 34.67
N LEU C 162 -22.09 -15.46 33.94
CA LEU C 162 -23.26 -16.28 34.39
C LEU C 162 -22.86 -17.01 35.68
N VAL C 163 -21.68 -17.64 35.69
CA VAL C 163 -21.14 -18.26 36.93
C VAL C 163 -20.99 -17.26 38.12
N LEU C 164 -20.17 -16.22 37.98
CA LEU C 164 -19.88 -15.25 39.05
C LEU C 164 -21.10 -14.39 39.50
N ARG C 165 -21.88 -13.82 38.56
CA ARG C 165 -23.14 -13.12 38.95
C ARG C 165 -24.11 -14.09 39.61
N GLY C 166 -24.23 -15.28 39.05
CA GLY C 166 -25.15 -16.34 39.52
C GLY C 166 -24.83 -16.69 40.99
N MET C 167 -23.54 -16.88 41.28
CA MET C 167 -23.06 -17.09 42.69
C MET C 167 -23.33 -15.90 43.57
N GLN C 168 -23.00 -14.72 43.07
CA GLN C 168 -23.28 -13.46 43.70
C GLN C 168 -24.77 -13.36 44.16
N TYR C 169 -25.74 -13.62 43.25
CA TYR C 169 -27.16 -13.59 43.64
C TYR C 169 -27.57 -14.69 44.65
N GLU C 170 -27.03 -15.88 44.49
CA GLU C 170 -27.23 -16.97 45.46
C GLU C 170 -26.79 -16.59 46.88
N LYS C 171 -25.65 -15.91 47.01
CA LYS C 171 -25.12 -15.52 48.35
C LYS C 171 -25.94 -14.31 48.89
N ALA C 172 -26.48 -13.50 48.00
CA ALA C 172 -27.35 -12.42 48.47
C ALA C 172 -28.75 -12.98 48.85
N GLY C 173 -29.04 -14.23 48.48
CA GLY C 173 -30.38 -14.81 48.69
C GLY C 173 -31.47 -14.30 47.74
N VAL C 174 -31.11 -13.50 46.74
CA VAL C 174 -32.17 -13.06 45.83
C VAL C 174 -31.60 -12.74 44.42
N VAL C 175 -32.35 -12.96 43.35
CA VAL C 175 -31.92 -12.35 42.04
C VAL C 175 -32.66 -11.01 41.88
N PRO C 176 -31.93 -9.92 41.65
CA PRO C 176 -32.63 -8.64 41.68
C PRO C 176 -33.57 -8.49 40.50
N PRO C 177 -34.72 -7.78 40.69
CA PRO C 177 -35.59 -7.45 39.53
C PRO C 177 -34.85 -6.60 38.48
N ALA C 178 -35.30 -6.67 37.22
CA ALA C 178 -34.72 -5.82 36.17
C ALA C 178 -35.44 -4.47 36.19
N GLU C 179 -34.71 -3.42 35.84
CA GLU C 179 -35.32 -2.11 35.58
C GLU C 179 -35.94 -2.10 34.19
N GLU C 180 -37.11 -1.46 34.09
CA GLU C 180 -37.86 -1.25 32.83
C GLU C 180 -36.99 -0.85 31.62
N ASP C 181 -35.91 -0.11 31.88
CA ASP C 181 -35.00 0.44 30.85
C ASP C 181 -33.55 -0.14 30.88
N ASP C 182 -33.36 -1.18 31.68
CA ASP C 182 -32.28 -2.14 31.47
C ASP C 182 -32.51 -2.74 30.08
N PRO C 183 -31.42 -3.17 29.42
CA PRO C 183 -31.50 -3.79 28.11
C PRO C 183 -32.26 -5.11 28.05
N ALA C 184 -32.86 -5.38 26.91
CA ALA C 184 -33.62 -6.60 26.75
C ALA C 184 -32.79 -7.85 27.15
N GLU C 185 -31.51 -7.85 26.84
CA GLU C 185 -30.78 -9.03 27.10
C GLU C 185 -30.40 -9.16 28.60
N TRP C 186 -30.15 -8.02 29.27
CA TRP C 186 -30.10 -8.03 30.76
C TRP C 186 -31.36 -8.67 31.43
N LYS C 187 -32.56 -8.34 30.96
CA LYS C 187 -33.74 -9.03 31.48
C LYS C 187 -33.76 -10.51 31.26
N VAL C 188 -33.36 -10.97 30.08
CA VAL C 188 -33.26 -12.39 29.79
C VAL C 188 -32.28 -13.14 30.69
N PHE C 189 -31.11 -12.55 30.85
CA PHE C 189 -30.09 -13.03 31.69
C PHE C 189 -30.64 -13.14 33.14
N LEU C 190 -31.20 -12.05 33.66
CA LEU C 190 -31.71 -12.08 35.09
C LEU C 190 -32.91 -13.09 35.16
N ASN C 191 -33.72 -13.20 34.10
CA ASN C 191 -34.79 -14.25 34.10
C ASN C 191 -34.29 -15.68 34.20
N LEU C 192 -33.18 -16.00 33.50
CA LEU C 192 -32.58 -17.31 33.61
C LEU C 192 -32.19 -17.62 35.07
N LEU C 193 -31.51 -16.66 35.70
CA LEU C 193 -30.93 -16.87 37.00
C LEU C 193 -32.04 -16.92 38.06
N ARG C 194 -33.04 -16.08 37.89
CA ARG C 194 -34.19 -16.00 38.87
C ARG C 194 -35.02 -17.26 38.84
N THR C 195 -35.30 -17.80 37.64
CA THR C 195 -35.99 -19.07 37.44
C THR C 195 -35.22 -20.23 38.04
N ARG C 196 -33.91 -20.29 37.83
CA ARG C 196 -33.13 -21.39 38.32
C ARG C 196 -33.06 -21.30 39.86
N PHE C 197 -32.93 -20.08 40.38
CA PHE C 197 -32.80 -19.84 41.83
C PHE C 197 -34.05 -20.29 42.62
N GLU C 198 -35.18 -20.45 41.91
CA GLU C 198 -36.45 -20.98 42.48
C GLU C 198 -36.35 -22.44 42.83
N THR C 199 -35.56 -23.22 42.08
CA THR C 199 -35.50 -24.70 42.26
C THR C 199 -34.15 -25.21 42.72
N ASP C 200 -33.12 -24.34 42.72
CA ASP C 200 -31.72 -24.66 42.98
C ASP C 200 -31.03 -23.45 43.60
N LYS C 201 -30.72 -23.54 44.91
CA LYS C 201 -30.18 -22.38 45.62
C LYS C 201 -28.67 -22.19 45.61
N ASP C 202 -27.90 -23.21 45.21
CA ASP C 202 -26.43 -23.05 45.28
C ASP C 202 -25.75 -23.56 44.02
N LYS C 203 -26.52 -23.63 42.93
CA LYS C 203 -25.98 -24.17 41.64
C LYS C 203 -24.65 -23.42 41.27
N TRP C 204 -24.74 -22.10 41.18
CA TRP C 204 -23.62 -21.31 40.64
C TRP C 204 -22.44 -21.26 41.59
N THR C 205 -22.77 -21.24 42.88
CA THR C 205 -21.79 -21.34 43.96
C THR C 205 -21.00 -22.67 43.87
N LYS C 206 -21.69 -23.79 43.63
CA LYS C 206 -21.00 -25.07 43.40
C LYS C 206 -20.14 -25.14 42.11
N ILE C 207 -20.67 -24.62 41.00
CA ILE C 207 -19.83 -24.52 39.77
C ILE C 207 -18.55 -23.64 39.99
N ALA C 208 -18.68 -22.45 40.60
CA ALA C 208 -17.57 -21.53 40.86
C ALA C 208 -16.53 -22.19 41.75
N GLU C 209 -17.03 -22.96 42.76
CA GLU C 209 -16.10 -23.72 43.60
C GLU C 209 -15.37 -24.79 42.84
N SER C 210 -16.02 -25.39 41.82
CA SER C 210 -15.47 -26.46 41.02
C SER C 210 -14.52 -26.00 39.87
N VAL C 211 -14.85 -24.85 39.30
CA VAL C 211 -13.97 -24.25 38.26
C VAL C 211 -12.58 -23.90 38.79
N LYS C 212 -11.57 -24.48 38.15
CA LYS C 212 -10.20 -24.30 38.53
C LYS C 212 -9.48 -23.18 37.74
N GLY C 213 -10.11 -22.68 36.69
CA GLY C 213 -9.47 -21.67 35.87
C GLY C 213 -10.40 -21.31 34.71
N VAL C 214 -10.22 -20.08 34.19
CA VAL C 214 -10.95 -19.70 32.91
C VAL C 214 -9.81 -19.13 31.98
N THR C 215 -9.93 -19.46 30.69
CA THR C 215 -9.04 -18.78 29.67
C THR C 215 -9.99 -17.87 28.90
N GLU C 216 -9.54 -16.65 28.64
CA GLU C 216 -10.41 -15.64 28.03
C GLU C 216 -9.77 -15.11 26.76
N GLU C 217 -10.56 -15.19 25.66
CA GLU C 217 -10.04 -15.12 24.34
C GLU C 217 -10.02 -13.65 23.80
N THR C 218 -10.83 -12.75 24.33
CA THR C 218 -11.03 -11.43 23.61
C THR C 218 -10.93 -10.23 24.46
N THR C 219 -10.55 -9.08 23.86
CA THR C 219 -10.38 -7.83 24.57
C THR C 219 -11.53 -7.45 25.46
N THR C 220 -12.78 -7.51 24.98
CA THR C 220 -13.92 -7.20 25.88
C THR C 220 -14.02 -8.19 27.07
N GLY C 221 -13.80 -9.49 26.86
CA GLY C 221 -13.82 -10.41 28.04
C GLY C 221 -12.75 -10.06 29.04
N VAL C 222 -11.53 -9.72 28.59
CA VAL C 222 -10.44 -9.48 29.50
C VAL C 222 -10.72 -8.24 30.35
N LEU C 223 -11.36 -7.26 29.75
CA LEU C 223 -11.72 -6.06 30.45
C LEU C 223 -12.68 -6.43 31.65
N ARG C 224 -13.60 -7.37 31.42
CA ARG C 224 -14.60 -7.76 32.41
C ARG C 224 -13.87 -8.55 33.48
N LEU C 225 -12.77 -9.26 33.11
CA LEU C 225 -11.99 -10.02 34.06
C LEU C 225 -11.30 -9.04 34.97
N TYR C 226 -10.69 -7.98 34.41
CA TYR C 226 -10.12 -6.97 35.30
C TYR C 226 -11.14 -6.30 36.19
N GLN C 227 -12.34 -6.06 35.66
CA GLN C 227 -13.40 -5.44 36.50
C GLN C 227 -13.80 -6.42 37.66
N PHE C 228 -13.92 -7.72 37.36
CA PHE C 228 -14.20 -8.69 38.46
C PHE C 228 -13.04 -8.71 39.48
N ALA C 229 -11.82 -8.75 38.98
CA ALA C 229 -10.62 -8.81 39.81
C ALA C 229 -10.49 -7.57 40.70
N ALA C 230 -10.77 -6.39 40.14
CA ALA C 230 -10.70 -5.14 40.93
C ALA C 230 -11.77 -5.13 42.03
N ALA C 231 -12.96 -5.69 41.74
CA ALA C 231 -14.03 -5.82 42.78
C ALA C 231 -13.77 -6.84 43.89
N GLY C 232 -12.68 -7.61 43.80
CA GLY C 232 -12.45 -8.76 44.68
C GLY C 232 -13.29 -10.00 44.37
N ASP C 233 -13.79 -10.14 43.15
CA ASP C 233 -14.82 -11.11 42.84
C ASP C 233 -14.39 -12.20 41.83
N LEU C 234 -13.11 -12.21 41.46
CA LEU C 234 -12.58 -13.21 40.52
C LEU C 234 -12.33 -14.45 41.40
N ALA C 235 -13.21 -15.44 41.25
CA ALA C 235 -13.23 -16.61 42.16
C ALA C 235 -12.20 -17.67 41.77
N PHE C 236 -11.56 -17.56 40.60
CA PHE C 236 -10.61 -18.61 40.21
C PHE C 236 -9.59 -17.89 39.28
N PRO C 237 -8.45 -18.51 39.03
CA PRO C 237 -7.39 -17.87 38.19
C PRO C 237 -7.91 -17.76 36.74
N ALA C 238 -7.35 -16.76 36.00
CA ALA C 238 -7.73 -16.53 34.57
C ALA C 238 -6.45 -16.35 33.86
N ILE C 239 -6.43 -16.88 32.64
CA ILE C 239 -5.42 -16.46 31.69
C ILE C 239 -6.07 -15.65 30.54
N ASN C 240 -5.49 -14.45 30.42
CA ASN C 240 -5.82 -13.49 29.39
C ASN C 240 -5.06 -13.98 28.14
N VAL C 241 -5.82 -14.59 27.23
CA VAL C 241 -5.23 -15.18 26.03
C VAL C 241 -5.19 -14.02 24.99
N ASN C 242 -6.20 -13.13 25.03
CA ASN C 242 -6.24 -12.00 24.06
C ASN C 242 -4.87 -11.31 23.94
N ASP C 243 -4.18 -11.12 25.08
CA ASP C 243 -2.94 -10.35 25.17
C ASP C 243 -1.67 -11.22 25.03
N SER C 244 -1.78 -12.51 24.71
CA SER C 244 -0.65 -13.21 23.96
C SER C 244 -0.24 -12.34 22.80
N VAL C 245 1.05 -12.23 22.60
CA VAL C 245 1.54 -11.43 21.49
C VAL C 245 0.95 -12.01 20.14
N THR C 246 0.95 -13.35 20.03
CA THR C 246 0.51 -14.01 18.83
C THR C 246 -1.01 -14.01 18.71
N LYS C 247 -1.73 -13.39 19.67
CA LYS C 247 -3.15 -13.36 19.56
C LYS C 247 -3.47 -11.92 19.14
N SER C 248 -3.37 -10.96 20.06
CA SER C 248 -3.75 -9.55 19.82
C SER C 248 -3.14 -8.97 18.52
N LYS C 249 -1.87 -9.25 18.26
CA LYS C 249 -1.25 -8.56 17.16
C LYS C 249 -1.47 -9.28 15.81
N PHE C 250 -2.10 -10.48 15.83
CA PHE C 250 -2.33 -11.24 14.60
C PHE C 250 -3.81 -11.42 14.41
N ASP C 251 -4.53 -12.09 15.31
CA ASP C 251 -5.97 -12.30 15.17
C ASP C 251 -6.61 -10.91 15.07
N ASN C 252 -6.43 -10.06 16.12
CA ASN C 252 -7.27 -8.86 16.16
C ASN C 252 -6.99 -7.96 14.98
N LYS C 253 -5.69 -7.94 14.54
CA LYS C 253 -5.31 -7.10 13.43
C LYS C 253 -5.48 -7.82 12.03
N TYR C 254 -4.66 -8.89 11.80
CA TYR C 254 -4.70 -9.51 10.43
C TYR C 254 -5.96 -10.34 10.19
N GLY C 255 -6.50 -10.93 11.28
CA GLY C 255 -7.79 -11.63 11.19
C GLY C 255 -8.85 -10.73 10.60
N THR C 256 -8.91 -9.57 11.25
CA THR C 256 -9.95 -8.57 10.93
C THR C 256 -9.70 -8.00 9.54
N ARG C 257 -8.40 -7.78 9.16
CA ARG C 257 -8.07 -7.35 7.79
C ARG C 257 -8.73 -8.27 6.75
N HIS C 258 -8.75 -9.56 7.08
CA HIS C 258 -9.40 -10.54 6.20
C HIS C 258 -10.91 -10.46 6.31
N SER C 259 -11.46 -10.56 7.52
CA SER C 259 -12.88 -10.96 7.74
C SER C 259 -13.83 -9.77 7.76
N LEU C 260 -13.29 -8.58 7.97
CA LEU C 260 -14.16 -7.36 7.82
C LEU C 260 -14.64 -7.22 6.38
N ILE C 261 -13.74 -7.24 5.45
CA ILE C 261 -14.26 -7.09 4.07
C ILE C 261 -15.12 -8.23 3.62
N ASP C 262 -14.81 -9.44 4.06
CA ASP C 262 -15.63 -10.62 3.73
C ASP C 262 -17.05 -10.37 4.23
N GLY C 263 -17.25 -9.88 5.47
CA GLY C 263 -18.60 -9.70 6.02
C GLY C 263 -19.36 -8.66 5.14
N ILE C 264 -18.64 -7.57 4.82
CA ILE C 264 -19.32 -6.50 4.15
C ILE C 264 -19.64 -6.94 2.69
N ASN C 265 -18.72 -7.74 2.13
CA ASN C 265 -18.98 -8.28 0.79
C ASN C 265 -20.23 -9.18 0.75
N ARG C 266 -20.26 -10.14 1.68
CA ARG C 266 -21.37 -11.14 1.63
C ARG C 266 -22.70 -10.45 1.95
N GLY C 267 -22.66 -9.40 2.82
CA GLY C 267 -23.90 -8.75 3.20
C GLY C 267 -24.43 -7.83 2.12
N THR C 268 -23.51 -7.16 1.40
CA THR C 268 -23.92 -6.01 0.65
C THR C 268 -23.42 -6.01 -0.82
N ASP C 269 -22.35 -6.74 -1.08
CA ASP C 269 -21.63 -6.66 -2.37
C ASP C 269 -21.37 -5.19 -2.78
N ALA C 270 -21.18 -4.28 -1.87
CA ALA C 270 -20.96 -2.86 -2.20
C ALA C 270 -19.49 -2.63 -2.53
N LEU C 271 -19.22 -1.94 -3.60
CA LEU C 271 -17.87 -1.52 -3.91
C LEU C 271 -17.28 -0.78 -2.71
N ILE C 272 -16.04 -1.18 -2.34
CA ILE C 272 -15.33 -0.51 -1.23
C ILE C 272 -14.41 0.57 -1.78
N GLY C 273 -13.67 0.21 -2.86
CA GLY C 273 -12.81 1.23 -3.59
C GLY C 273 -13.59 2.54 -3.95
N GLY C 274 -12.94 3.70 -3.71
CA GLY C 274 -13.63 5.02 -4.04
C GLY C 274 -14.56 5.50 -2.92
N LYS C 275 -14.96 4.62 -2.02
CA LYS C 275 -15.93 5.01 -1.04
C LYS C 275 -15.29 5.63 0.22
N LYS C 276 -16.03 6.50 0.85
CA LYS C 276 -15.61 7.04 2.12
C LYS C 276 -15.96 6.13 3.27
N VAL C 277 -14.97 5.70 4.04
CA VAL C 277 -15.22 4.72 5.05
C VAL C 277 -14.80 5.26 6.42
N LEU C 278 -15.67 5.11 7.43
CA LEU C 278 -15.38 5.63 8.72
C LEU C 278 -15.21 4.46 9.65
N ILE C 279 -13.97 4.32 10.20
CA ILE C 279 -13.63 3.24 11.18
C ILE C 279 -13.56 3.89 12.61
N CYS C 280 -14.42 3.46 13.45
CA CYS C 280 -14.49 3.91 14.88
C CYS C 280 -13.59 3.11 15.79
N GLY C 281 -12.44 3.70 16.17
CA GLY C 281 -11.46 2.98 17.04
C GLY C 281 -10.30 2.51 16.21
N TYR C 282 -9.11 2.64 16.80
CA TYR C 282 -7.89 2.31 16.03
C TYR C 282 -6.93 1.50 16.96
N GLY C 283 -7.50 0.57 17.68
CA GLY C 283 -6.72 -0.47 18.40
C GLY C 283 -6.42 -1.57 17.41
N ASP C 284 -6.18 -2.83 17.83
CA ASP C 284 -5.70 -3.80 16.83
C ASP C 284 -6.80 -4.10 15.82
N VAL C 285 -8.06 -4.22 16.30
CA VAL C 285 -9.18 -4.47 15.31
C VAL C 285 -9.29 -3.29 14.40
N GLY C 286 -9.38 -2.05 14.89
CA GLY C 286 -9.54 -0.87 13.97
C GLY C 286 -8.35 -0.76 13.00
N LYS C 287 -7.11 -0.98 13.47
CA LYS C 287 -5.93 -1.00 12.59
C LYS C 287 -6.18 -2.03 11.43
N GLY C 288 -6.70 -3.24 11.75
CA GLY C 288 -6.94 -4.28 10.67
C GLY C 288 -8.03 -3.78 9.74
N CYS C 289 -9.12 -3.14 10.31
CA CYS C 289 -10.20 -2.64 9.42
C CYS C 289 -9.65 -1.63 8.42
N ALA C 290 -8.94 -0.63 8.93
CA ALA C 290 -8.46 0.46 8.08
C ALA C 290 -7.49 -0.09 7.00
N GLU C 291 -6.62 -0.99 7.41
CA GLU C 291 -5.67 -1.62 6.44
C GLU C 291 -6.49 -2.38 5.39
N ALA C 292 -7.58 -3.15 5.76
CA ALA C 292 -8.32 -3.91 4.74
C ALA C 292 -8.99 -2.91 3.75
N MET C 293 -9.60 -1.87 4.35
CA MET C 293 -10.32 -0.90 3.48
C MET C 293 -9.38 -0.11 2.58
N LYS C 294 -8.27 0.31 3.16
CA LYS C 294 -7.26 1.04 2.33
C LYS C 294 -6.76 0.17 1.22
N GLY C 295 -6.58 -1.12 1.47
CA GLY C 295 -6.12 -2.05 0.43
C GLY C 295 -7.12 -2.22 -0.69
N GLN C 296 -8.38 -1.95 -0.42
CA GLN C 296 -9.37 -2.01 -1.51
C GLN C 296 -9.65 -0.67 -2.15
N GLY C 297 -8.87 0.34 -1.87
CA GLY C 297 -9.00 1.65 -2.49
C GLY C 297 -10.02 2.55 -1.83
N ALA C 298 -10.37 2.22 -0.55
CA ALA C 298 -11.26 3.11 0.17
C ALA C 298 -10.56 4.42 0.58
N ARG C 299 -11.39 5.46 0.81
CA ARG C 299 -10.88 6.74 1.42
C ARG C 299 -11.27 6.66 2.92
N VAL C 300 -10.33 6.27 3.76
CA VAL C 300 -10.62 5.85 5.10
C VAL C 300 -10.34 6.99 6.08
N SER C 301 -11.29 7.28 7.00
CA SER C 301 -10.97 8.09 8.18
C SER C 301 -11.28 7.27 9.43
N VAL C 302 -10.69 7.69 10.53
CA VAL C 302 -10.68 6.99 11.77
C VAL C 302 -11.11 7.89 12.97
N THR C 303 -11.94 7.34 13.84
CA THR C 303 -12.17 8.06 15.14
C THR C 303 -11.39 7.38 16.33
N GLU C 304 -11.04 8.19 17.27
CA GLU C 304 -10.31 7.67 18.38
C GLU C 304 -10.47 8.62 19.62
N ILE C 305 -10.40 7.99 20.76
CA ILE C 305 -10.23 8.75 22.06
C ILE C 305 -8.82 8.82 22.57
N ASP C 306 -8.00 7.93 22.07
CA ASP C 306 -6.63 7.77 22.69
C ASP C 306 -5.68 8.51 21.74
N PRO C 307 -4.95 9.53 22.22
CA PRO C 307 -4.12 10.29 21.36
C PRO C 307 -2.97 9.46 20.71
N ILE C 308 -2.52 8.42 21.42
CA ILE C 308 -1.38 7.54 20.87
C ILE C 308 -1.98 6.79 19.65
N ASN C 309 -3.11 6.08 19.84
CA ASN C 309 -3.70 5.41 18.62
C ASN C 309 -4.06 6.40 17.52
N ALA C 310 -4.56 7.62 17.87
CA ALA C 310 -4.86 8.58 16.83
C ALA C 310 -3.64 8.99 16.06
N LEU C 311 -2.49 9.21 16.75
CA LEU C 311 -1.30 9.70 16.07
C LEU C 311 -0.81 8.53 15.11
N GLN C 312 -0.97 7.27 15.51
CA GLN C 312 -0.66 6.16 14.58
C GLN C 312 -1.50 6.20 13.34
N ALA C 313 -2.79 6.43 13.57
CA ALA C 313 -3.68 6.49 12.34
C ALA C 313 -3.26 7.58 11.43
N MET C 314 -2.91 8.77 11.92
CA MET C 314 -2.51 9.82 11.06
C MET C 314 -1.19 9.51 10.34
N MET C 315 -0.28 8.89 11.08
CA MET C 315 1.01 8.50 10.48
C MET C 315 0.86 7.35 9.41
N GLU C 316 -0.29 6.66 9.40
CA GLU C 316 -0.65 5.62 8.46
C GLU C 316 -1.55 6.16 7.31
N GLY C 317 -1.72 7.54 7.25
CA GLY C 317 -2.37 8.12 6.12
C GLY C 317 -3.89 8.26 6.28
N PHE C 318 -4.37 8.26 7.56
CA PHE C 318 -5.82 8.40 7.78
C PHE C 318 -6.11 9.73 8.55
N ASP C 319 -7.05 10.56 8.09
CA ASP C 319 -7.62 11.65 8.91
C ASP C 319 -8.20 11.06 10.17
N VAL C 320 -8.07 11.79 11.29
CA VAL C 320 -8.71 11.38 12.56
C VAL C 320 -9.80 12.43 12.87
N VAL C 321 -11.04 11.97 12.81
CA VAL C 321 -12.24 12.81 12.80
C VAL C 321 -13.17 12.29 13.93
N THR C 322 -14.20 13.10 14.29
CA THR C 322 -15.29 12.61 15.11
C THR C 322 -16.39 12.07 14.28
N VAL C 323 -17.15 11.19 14.93
CA VAL C 323 -18.38 10.71 14.32
C VAL C 323 -19.28 11.90 13.86
N GLU C 324 -19.47 12.91 14.71
CA GLU C 324 -20.36 13.97 14.30
C GLU C 324 -19.93 14.69 13.04
N GLU C 325 -18.58 14.91 12.87
CA GLU C 325 -18.16 15.54 11.65
C GLU C 325 -18.24 14.76 10.35
N ALA C 326 -18.13 13.42 10.49
CA ALA C 326 -17.86 12.61 9.35
C ALA C 326 -19.09 11.73 8.96
N ILE C 327 -20.04 11.60 9.88
CA ILE C 327 -21.15 10.65 9.71
C ILE C 327 -22.01 10.95 8.47
N GLY C 328 -22.22 12.23 8.16
CA GLY C 328 -23.05 12.66 7.09
C GLY C 328 -22.58 12.25 5.71
N ASP C 329 -21.27 12.09 5.49
CA ASP C 329 -20.77 11.80 4.15
C ASP C 329 -20.18 10.36 4.08
N ALA C 330 -20.19 9.57 5.19
CA ALA C 330 -19.61 8.18 5.16
C ALA C 330 -20.46 7.28 4.34
N ASP C 331 -19.87 6.50 3.45
CA ASP C 331 -20.64 5.45 2.75
C ASP C 331 -20.67 4.17 3.55
N ILE C 332 -19.63 3.87 4.34
CA ILE C 332 -19.56 2.69 5.20
C ILE C 332 -19.01 3.12 6.53
N VAL C 333 -19.76 2.69 7.53
CA VAL C 333 -19.39 3.00 8.94
C VAL C 333 -19.20 1.69 9.72
N VAL C 334 -18.01 1.53 10.32
CA VAL C 334 -17.70 0.31 11.12
C VAL C 334 -17.26 0.71 12.50
N THR C 335 -17.89 0.15 13.50
CA THR C 335 -17.47 0.33 14.91
C THR C 335 -16.58 -0.77 15.42
N ALA C 336 -15.40 -0.35 15.95
CA ALA C 336 -14.38 -1.29 16.29
C ALA C 336 -13.77 -1.01 17.68
N THR C 337 -14.56 -0.51 18.63
CA THR C 337 -13.97 0.08 19.87
C THR C 337 -14.02 -0.84 21.08
N GLY C 338 -14.99 -1.79 21.18
CA GLY C 338 -15.20 -2.49 22.51
C GLY C 338 -15.88 -1.60 23.52
N ASN C 339 -16.32 -0.43 23.12
CA ASN C 339 -17.03 0.48 24.06
C ASN C 339 -18.43 0.54 23.65
N LYS C 340 -19.24 1.29 24.32
CA LYS C 340 -20.67 1.38 23.97
C LYS C 340 -21.04 2.76 23.44
N ASP C 341 -22.21 2.86 22.73
CA ASP C 341 -22.78 4.19 22.41
C ASP C 341 -21.85 4.98 21.47
N ILE C 342 -21.30 4.30 20.46
CA ILE C 342 -20.51 4.94 19.44
C ILE C 342 -21.37 5.57 18.28
N ILE C 343 -22.34 4.78 17.82
CA ILE C 343 -23.18 5.33 16.74
C ILE C 343 -24.59 5.34 17.31
N MET C 344 -24.95 6.50 17.73
CA MET C 344 -26.30 6.65 18.33
C MET C 344 -27.38 6.92 17.26
N LEU C 345 -28.65 6.85 17.70
CA LEU C 345 -29.74 7.10 16.75
C LEU C 345 -29.54 8.43 16.01
N GLU C 346 -29.19 9.51 16.76
CA GLU C 346 -29.01 10.83 16.11
C GLU C 346 -28.00 10.79 14.94
N HIS C 347 -26.97 9.93 15.11
CA HIS C 347 -25.97 9.77 14.08
C HIS C 347 -26.55 8.98 12.89
N ILE C 348 -27.32 7.91 13.23
CA ILE C 348 -27.89 7.12 12.12
C ILE C 348 -28.87 7.92 11.28
N LYS C 349 -29.69 8.79 11.92
CA LYS C 349 -30.57 9.71 11.09
C LYS C 349 -29.81 10.69 10.20
N ALA C 350 -28.53 10.99 10.57
CA ALA C 350 -27.68 11.86 9.81
C ALA C 350 -27.00 11.15 8.58
N MET C 351 -27.03 9.79 8.53
CA MET C 351 -26.32 9.10 7.45
C MET C 351 -26.86 9.39 6.10
N LYS C 352 -25.99 9.15 5.10
CA LYS C 352 -26.44 9.28 3.71
C LYS C 352 -27.33 8.08 3.27
N ASP C 353 -28.10 8.33 2.22
CA ASP C 353 -29.04 7.30 1.83
C ASP C 353 -28.24 6.06 1.36
N HIS C 354 -28.66 4.86 1.83
CA HIS C 354 -28.05 3.59 1.42
C HIS C 354 -26.61 3.43 1.92
N ALA C 355 -26.20 4.28 2.85
CA ALA C 355 -24.95 3.99 3.61
C ALA C 355 -25.07 2.63 4.42
N ILE C 356 -23.88 2.05 4.70
CA ILE C 356 -23.87 0.76 5.36
C ILE C 356 -23.28 0.96 6.76
N LEU C 357 -23.93 0.34 7.69
CA LEU C 357 -23.51 0.46 9.12
C LEU C 357 -23.33 -0.98 9.69
N GLY C 358 -22.16 -1.19 10.31
CA GLY C 358 -21.89 -2.46 10.97
C GLY C 358 -20.97 -2.32 12.16
N ASN C 359 -20.91 -3.34 13.04
CA ASN C 359 -20.08 -3.39 14.18
C ASN C 359 -19.21 -4.64 14.14
N ILE C 360 -17.91 -4.49 14.48
CA ILE C 360 -17.02 -5.63 14.58
C ILE C 360 -16.45 -5.81 15.93
N GLY C 361 -16.78 -4.93 16.86
CA GLY C 361 -16.39 -5.17 18.28
C GLY C 361 -17.20 -6.38 18.83
N HIS C 362 -16.88 -6.83 20.06
CA HIS C 362 -17.50 -8.10 20.53
C HIS C 362 -19.03 -7.95 20.78
N PHE C 363 -19.49 -6.78 21.25
CA PHE C 363 -20.93 -6.69 21.61
C PHE C 363 -21.64 -5.62 20.79
N ASP C 364 -22.92 -5.87 20.47
CA ASP C 364 -23.78 -4.93 19.62
C ASP C 364 -24.08 -3.49 20.13
N ASN C 365 -23.80 -3.25 21.41
CA ASN C 365 -24.09 -1.93 21.98
C ASN C 365 -23.20 -0.78 21.55
N GLU C 366 -22.24 -1.12 20.66
CA GLU C 366 -21.51 -0.01 20.08
C GLU C 366 -22.44 0.83 19.18
N ILE C 367 -23.47 0.19 18.67
CA ILE C 367 -24.46 0.84 17.77
C ILE C 367 -25.74 0.82 18.57
N ASP C 368 -26.45 1.99 18.51
CA ASP C 368 -27.71 2.15 19.29
C ASP C 368 -28.91 1.45 18.62
N MET C 369 -28.85 0.08 18.53
CA MET C 369 -29.92 -0.69 17.92
C MET C 369 -31.26 -0.50 18.65
N ALA C 370 -31.18 -0.38 19.94
CA ALA C 370 -32.40 -0.14 20.73
C ALA C 370 -33.07 1.13 20.35
N GLY C 371 -32.29 2.20 20.18
CA GLY C 371 -32.82 3.47 19.76
C GLY C 371 -33.38 3.38 18.31
N LEU C 372 -32.67 2.72 17.38
CA LEU C 372 -33.18 2.49 16.02
C LEU C 372 -34.52 1.76 16.00
N GLU C 373 -34.60 0.66 16.80
CA GLU C 373 -35.79 -0.17 16.79
C GLU C 373 -37.02 0.61 17.24
N ARG C 374 -36.83 1.60 18.10
CA ARG C 374 -37.99 2.41 18.66
C ARG C 374 -38.11 3.80 18.05
N SER C 375 -37.39 4.09 16.94
CA SER C 375 -37.30 5.42 16.37
C SER C 375 -38.45 5.83 15.39
N GLY C 376 -39.24 4.81 15.01
CA GLY C 376 -40.21 5.00 13.87
C GLY C 376 -39.64 4.69 12.54
N ALA C 377 -38.30 4.47 12.45
CA ALA C 377 -37.83 3.94 11.17
C ALA C 377 -38.40 2.55 10.90
N THR C 378 -38.55 2.20 9.61
CA THR C 378 -39.14 0.88 9.28
C THR C 378 -38.07 -0.05 8.68
N ARG C 379 -38.21 -1.32 8.97
CA ARG C 379 -37.22 -2.31 8.56
C ARG C 379 -37.73 -3.17 7.48
N VAL C 380 -36.87 -3.40 6.46
CA VAL C 380 -37.14 -4.45 5.49
C VAL C 380 -35.98 -5.38 5.50
N ASN C 381 -36.24 -6.67 5.85
CA ASN C 381 -35.16 -7.68 5.75
C ASN C 381 -34.86 -7.94 4.29
N VAL C 382 -33.57 -7.82 3.91
CA VAL C 382 -33.12 -8.19 2.54
C VAL C 382 -32.76 -9.69 2.45
N LYS C 383 -31.96 -10.17 3.44
CA LYS C 383 -31.58 -11.57 3.51
C LYS C 383 -31.05 -11.74 4.91
N PRO C 384 -30.68 -12.95 5.25
CA PRO C 384 -30.20 -13.10 6.66
C PRO C 384 -29.09 -12.12 7.05
N GLN C 385 -29.30 -11.50 8.24
CA GLN C 385 -28.34 -10.50 8.71
C GLN C 385 -28.15 -9.29 7.87
N VAL C 386 -29.07 -9.02 6.90
CA VAL C 386 -28.96 -7.72 6.29
C VAL C 386 -30.33 -7.09 6.32
N ASP C 387 -30.40 -5.85 6.85
CA ASP C 387 -31.70 -5.15 6.96
C ASP C 387 -31.61 -3.77 6.45
N LEU C 388 -32.65 -3.28 5.75
CA LEU C 388 -32.69 -1.94 5.25
C LEU C 388 -33.66 -1.18 6.18
N TRP C 389 -33.17 -0.12 6.79
CA TRP C 389 -33.98 0.70 7.64
C TRP C 389 -34.30 2.03 6.98
N THR C 390 -35.59 2.44 6.96
CA THR C 390 -35.90 3.66 6.27
C THR C 390 -36.59 4.65 7.23
N PHE C 391 -36.11 5.89 7.20
CA PHE C 391 -36.70 7.00 7.93
C PHE C 391 -37.61 7.78 7.02
N GLY C 392 -38.92 7.71 7.35
CA GLY C 392 -39.84 8.31 6.36
C GLY C 392 -39.77 9.82 6.41
N ASP C 393 -39.27 10.37 7.51
CA ASP C 393 -39.14 11.87 7.53
C ASP C 393 -38.13 12.43 6.54
N THR C 394 -37.04 11.68 6.37
CA THR C 394 -36.08 12.18 5.35
C THR C 394 -36.08 11.39 4.04
N GLY C 395 -36.64 10.14 4.08
CA GLY C 395 -36.70 9.30 2.95
C GLY C 395 -35.46 8.41 2.83
N ARG C 396 -34.52 8.61 3.73
CA ARG C 396 -33.23 7.93 3.60
C ARG C 396 -33.24 6.60 4.27
N SER C 397 -32.43 5.66 3.76
CA SER C 397 -32.37 4.28 4.29
C SER C 397 -30.89 3.99 4.58
N ILE C 398 -30.76 3.12 5.60
CA ILE C 398 -29.41 2.64 5.94
C ILE C 398 -29.46 1.11 5.93
N ILE C 399 -28.33 0.52 5.47
CA ILE C 399 -28.23 -0.96 5.49
C ILE C 399 -27.50 -1.27 6.78
N VAL C 400 -28.13 -2.12 7.60
CA VAL C 400 -27.54 -2.51 8.88
C VAL C 400 -27.16 -4.00 8.83
N LEU C 401 -25.87 -4.28 9.16
CA LEU C 401 -25.39 -5.67 9.10
C LEU C 401 -25.53 -6.40 10.46
N SER C 402 -26.07 -7.60 10.43
CA SER C 402 -26.07 -8.47 11.62
C SER C 402 -26.81 -7.90 12.85
N GLU C 403 -27.75 -6.99 12.58
CA GLU C 403 -28.50 -6.26 13.70
C GLU C 403 -27.45 -5.72 14.71
N GLY C 404 -26.31 -5.23 14.19
CA GLY C 404 -25.31 -4.66 15.07
C GLY C 404 -24.34 -5.62 15.66
N ARG C 405 -24.60 -6.95 15.52
CA ARG C 405 -23.71 -7.92 16.14
C ARG C 405 -22.43 -8.08 15.24
N LEU C 406 -21.41 -8.66 15.79
CA LEU C 406 -20.11 -8.58 15.07
C LEU C 406 -20.26 -9.12 13.67
N LEU C 407 -19.87 -8.33 12.64
CA LEU C 407 -20.43 -8.59 11.29
C LEU C 407 -19.62 -9.64 10.60
N ASN C 408 -18.35 -9.77 10.97
CA ASN C 408 -17.46 -10.70 10.26
C ASN C 408 -18.00 -12.13 10.43
N LEU C 409 -18.36 -12.44 11.69
CA LEU C 409 -18.98 -13.77 11.94
C LEU C 409 -20.47 -13.84 11.58
N GLY C 410 -21.21 -12.73 11.68
CA GLY C 410 -22.65 -12.67 11.34
C GLY C 410 -22.88 -12.88 9.84
N ASN C 411 -22.25 -12.00 9.08
CA ASN C 411 -22.42 -11.95 7.63
C ASN C 411 -21.49 -12.87 6.87
N ALA C 412 -20.40 -13.32 7.47
CA ALA C 412 -19.48 -14.21 6.74
C ALA C 412 -19.04 -15.35 7.71
N THR C 413 -17.76 -15.69 7.72
CA THR C 413 -17.33 -16.92 8.47
C THR C 413 -16.28 -16.52 9.52
N GLY C 414 -16.14 -15.20 9.84
CA GLY C 414 -15.15 -14.84 10.86
C GLY C 414 -13.76 -14.95 10.30
N HIS C 415 -12.79 -14.83 11.20
CA HIS C 415 -11.38 -14.92 10.75
C HIS C 415 -11.07 -16.28 10.11
N PRO C 416 -10.07 -16.33 9.16
CA PRO C 416 -9.70 -17.62 8.52
C PRO C 416 -8.95 -18.50 9.47
N SER C 417 -9.03 -19.81 9.13
CA SER C 417 -8.40 -20.83 9.98
C SER C 417 -6.92 -20.52 10.30
N PHE C 418 -6.12 -20.08 9.35
CA PHE C 418 -4.64 -19.92 9.65
C PHE C 418 -4.39 -18.83 10.74
N VAL C 419 -5.28 -17.80 10.83
CA VAL C 419 -5.18 -16.81 11.88
C VAL C 419 -5.57 -17.41 13.18
N MET C 420 -6.79 -18.08 13.19
CA MET C 420 -7.34 -18.74 14.42
C MET C 420 -6.46 -19.82 15.01
N SER C 421 -5.54 -20.34 14.21
CA SER C 421 -4.57 -21.29 14.65
C SER C 421 -3.62 -20.65 15.68
N ASN C 422 -3.26 -19.34 15.51
CA ASN C 422 -2.49 -18.66 16.55
C ASN C 422 -3.32 -18.53 17.80
N SER C 423 -4.55 -17.99 17.72
CA SER C 423 -5.38 -17.72 18.88
C SER C 423 -5.70 -19.01 19.63
N PHE C 424 -6.02 -20.06 18.86
CA PHE C 424 -6.48 -21.32 19.45
C PHE C 424 -5.28 -22.15 19.97
N ALA C 425 -4.07 -22.04 19.35
CA ALA C 425 -2.92 -22.69 20.02
C ALA C 425 -2.66 -21.98 21.33
N ASN C 426 -2.70 -20.60 21.39
CA ASN C 426 -2.62 -19.91 22.64
C ASN C 426 -3.64 -20.41 23.70
N GLN C 427 -4.88 -20.56 23.32
CA GLN C 427 -5.94 -20.88 24.25
C GLN C 427 -5.79 -22.34 24.77
N THR C 428 -5.38 -23.24 23.89
CA THR C 428 -5.04 -24.70 24.22
C THR C 428 -3.86 -24.72 25.20
N ILE C 429 -2.82 -23.97 24.90
CA ILE C 429 -1.65 -23.90 25.88
C ILE C 429 -2.09 -23.33 27.22
N ALA C 430 -2.98 -22.34 27.25
CA ALA C 430 -3.41 -21.73 28.49
C ALA C 430 -4.24 -22.77 29.27
N GLN C 431 -5.07 -23.51 28.54
CA GLN C 431 -5.96 -24.53 29.23
C GLN C 431 -5.05 -25.59 29.85
N ILE C 432 -3.99 -25.94 29.12
CA ILE C 432 -2.98 -26.97 29.55
C ILE C 432 -2.31 -26.45 30.82
N GLU C 433 -1.88 -25.18 30.81
CA GLU C 433 -1.10 -24.62 31.89
C GLU C 433 -1.97 -24.49 33.12
N LEU C 434 -3.19 -24.00 32.99
CA LEU C 434 -4.11 -23.74 34.16
C LEU C 434 -4.53 -25.07 34.76
N TRP C 435 -4.67 -26.11 33.89
CA TRP C 435 -5.20 -27.43 34.34
C TRP C 435 -4.08 -28.23 35.00
N THR C 436 -2.91 -28.22 34.42
CA THR C 436 -1.80 -29.10 34.92
C THR C 436 -0.91 -28.48 35.97
N LYS C 437 -0.94 -27.16 36.07
CA LYS C 437 -0.05 -26.41 36.98
C LYS C 437 -0.91 -25.52 37.86
N ASN C 438 -2.10 -26.03 38.21
CA ASN C 438 -3.14 -25.19 38.75
C ASN C 438 -2.78 -24.49 40.09
N ASP C 439 -2.02 -25.23 40.93
CA ASP C 439 -1.51 -24.69 42.25
C ASP C 439 -0.58 -23.48 42.16
N GLU C 440 0.05 -23.31 40.97
CA GLU C 440 0.97 -22.16 40.73
C GLU C 440 0.21 -20.81 40.60
N TYR C 441 -1.11 -20.87 40.39
CA TYR C 441 -1.87 -19.63 40.11
C TYR C 441 -2.78 -19.11 41.28
N ASP C 442 -2.72 -17.82 41.56
CA ASP C 442 -3.72 -17.18 42.48
C ASP C 442 -4.96 -16.79 41.69
N ASN C 443 -5.96 -16.16 42.34
CA ASN C 443 -7.21 -15.73 41.67
C ASN C 443 -6.92 -14.34 41.10
N GLU C 444 -6.10 -14.32 40.05
CA GLU C 444 -5.76 -13.07 39.40
C GLU C 444 -5.75 -13.38 37.88
N VAL C 445 -5.55 -12.29 37.10
CA VAL C 445 -5.49 -12.47 35.67
C VAL C 445 -3.99 -12.53 35.31
N TYR C 446 -3.61 -13.54 34.52
CA TYR C 446 -2.25 -13.78 34.11
C TYR C 446 -2.15 -13.76 32.57
N ARG C 447 -0.94 -13.56 32.06
CA ARG C 447 -0.67 -13.69 30.63
C ARG C 447 0.36 -14.78 30.49
N LEU C 448 0.31 -15.47 29.36
CA LEU C 448 1.29 -16.52 29.10
C LEU C 448 2.70 -15.99 28.98
N PRO C 449 3.70 -16.80 29.39
CA PRO C 449 5.10 -16.34 29.27
C PRO C 449 5.54 -16.20 27.81
N LYS C 450 6.52 -15.32 27.64
CA LYS C 450 6.84 -14.96 26.25
C LYS C 450 7.32 -16.16 25.43
N HIS C 451 8.02 -17.12 26.06
CA HIS C 451 8.55 -18.21 25.29
C HIS C 451 7.46 -19.08 24.65
N LEU C 452 6.24 -19.12 25.27
CA LEU C 452 5.09 -19.95 24.75
C LEU C 452 4.48 -19.20 23.57
N ASP C 453 4.45 -17.87 23.63
CA ASP C 453 4.10 -17.11 22.42
C ASP C 453 5.02 -17.28 21.24
N GLU C 454 6.32 -17.21 21.53
CA GLU C 454 7.37 -17.48 20.49
C GLU C 454 7.20 -18.88 19.92
N LYS C 455 6.87 -19.90 20.74
CA LYS C 455 6.72 -21.27 20.28
C LYS C 455 5.55 -21.31 19.25
N VAL C 456 4.46 -20.58 19.57
CA VAL C 456 3.26 -20.58 18.67
C VAL C 456 3.63 -19.88 17.35
N ALA C 457 4.33 -18.75 17.44
CA ALA C 457 4.74 -18.06 16.19
C ALA C 457 5.62 -18.98 15.29
N ARG C 458 6.59 -19.68 15.92
CA ARG C 458 7.59 -20.48 15.19
C ARG C 458 6.87 -21.55 14.33
N ILE C 459 5.81 -22.19 14.86
CA ILE C 459 5.04 -23.21 14.20
C ILE C 459 4.44 -22.59 12.91
N HIS C 460 3.95 -21.31 12.98
CA HIS C 460 3.28 -20.77 11.74
C HIS C 460 4.27 -20.21 10.75
N VAL C 461 5.40 -19.69 11.25
CA VAL C 461 6.49 -19.22 10.37
C VAL C 461 6.90 -20.47 9.53
N GLU C 462 7.10 -21.63 10.22
CA GLU C 462 7.56 -22.80 9.47
C GLU C 462 6.48 -23.24 8.44
N ALA C 463 5.21 -23.17 8.88
CA ALA C 463 4.10 -23.58 7.96
C ALA C 463 4.03 -22.77 6.74
N LEU C 464 4.38 -21.48 6.86
CA LEU C 464 4.43 -20.56 5.66
C LEU C 464 5.77 -20.63 4.89
N GLY C 465 6.74 -21.38 5.39
CA GLY C 465 7.98 -21.52 4.68
C GLY C 465 8.92 -20.39 5.02
N GLY C 466 8.78 -19.67 6.17
CA GLY C 466 9.72 -18.59 6.39
C GLY C 466 10.98 -19.25 6.95
N HIS C 467 12.10 -18.58 6.79
CA HIS C 467 13.38 -19.15 7.19
C HIS C 467 13.97 -18.25 8.22
N LEU C 468 13.94 -18.65 9.50
CA LEU C 468 14.57 -17.99 10.59
C LEU C 468 16.09 -18.10 10.65
N THR C 469 16.73 -16.96 11.00
CA THR C 469 18.21 -16.92 11.25
C THR C 469 18.40 -17.45 12.69
N LYS C 470 19.48 -18.26 12.87
CA LYS C 470 19.87 -18.70 14.23
C LYS C 470 21.02 -17.81 14.70
N LEU C 471 20.87 -17.26 15.93
CA LEU C 471 21.94 -16.46 16.52
C LEU C 471 23.15 -17.33 16.74
N THR C 472 24.32 -16.73 16.56
CA THR C 472 25.57 -17.44 16.98
C THR C 472 25.60 -17.29 18.52
N LYS C 473 26.52 -18.06 19.16
CA LYS C 473 26.73 -17.88 20.57
C LYS C 473 27.21 -16.41 20.88
N GLU C 474 28.12 -15.84 20.08
CA GLU C 474 28.64 -14.48 20.28
C GLU C 474 27.50 -13.45 20.12
N GLN C 475 26.70 -13.59 19.07
CA GLN C 475 25.48 -12.70 18.94
C GLN C 475 24.48 -12.83 20.10
N ALA C 476 24.20 -14.06 20.56
CA ALA C 476 23.28 -14.22 21.69
C ALA C 476 23.86 -13.57 22.94
N GLU C 477 25.19 -13.71 23.17
CA GLU C 477 25.83 -13.03 24.28
C GLU C 477 25.78 -11.51 24.17
N TYR C 478 25.87 -11.00 22.93
CA TYR C 478 25.85 -9.55 22.75
C TYR C 478 24.49 -9.00 23.09
N LEU C 479 23.44 -9.73 22.70
CA LEU C 479 22.05 -9.34 22.97
C LEU C 479 21.63 -9.64 24.37
N GLY C 480 22.43 -10.46 25.08
CA GLY C 480 21.97 -11.03 26.35
C GLY C 480 20.77 -11.95 26.28
N VAL C 481 20.68 -12.78 25.26
CA VAL C 481 19.57 -13.70 25.09
C VAL C 481 20.05 -15.11 24.94
N ASP C 482 19.19 -16.11 25.21
CA ASP C 482 19.51 -17.48 24.84
C ASP C 482 19.31 -17.68 23.35
N VAL C 483 20.09 -18.53 22.70
CA VAL C 483 19.85 -18.73 21.25
C VAL C 483 18.42 -19.16 21.00
N GLU C 484 17.84 -19.93 21.96
CA GLU C 484 16.45 -20.39 21.81
C GLU C 484 15.37 -19.47 22.27
N GLY C 485 15.75 -18.25 22.64
CA GLY C 485 14.87 -17.23 23.19
C GLY C 485 14.53 -17.49 24.62
N PRO C 486 13.66 -16.65 25.21
CA PRO C 486 12.98 -15.57 24.49
C PRO C 486 13.90 -14.40 24.09
N TYR C 487 13.45 -13.63 23.05
CA TYR C 487 14.39 -12.69 22.38
C TYR C 487 14.15 -11.22 22.73
N LYS C 488 13.08 -10.95 23.51
CA LYS C 488 12.66 -9.57 23.77
C LYS C 488 12.36 -9.37 25.24
N PRO C 489 12.54 -8.12 25.66
CA PRO C 489 12.17 -7.74 27.03
C PRO C 489 10.68 -7.83 27.25
N ASP C 490 10.27 -7.97 28.49
CA ASP C 490 8.92 -8.29 28.74
C ASP C 490 7.98 -7.17 28.29
N HIS C 491 8.45 -5.91 28.33
CA HIS C 491 7.58 -4.78 27.90
C HIS C 491 7.66 -4.54 26.39
N TYR C 492 8.30 -5.45 25.65
CA TYR C 492 8.46 -5.18 24.19
C TYR C 492 7.04 -5.19 23.53
N ARG C 493 6.88 -4.29 22.53
CA ARG C 493 5.51 -4.05 22.01
C ARG C 493 5.28 -4.58 20.58
N TYR C 494 6.38 -5.06 19.98
CA TYR C 494 6.37 -5.60 18.60
C TYR C 494 5.68 -4.58 17.69
N LEU D 10 44.30 17.84 19.52
CA LEU D 10 43.36 18.98 19.36
C LEU D 10 43.14 19.70 20.69
N THR D 11 42.85 20.98 20.65
CA THR D 11 42.43 21.67 21.88
C THR D 11 41.16 22.45 21.57
N PRO D 12 40.31 22.65 22.61
CA PRO D 12 39.08 23.42 22.32
C PRO D 12 39.34 24.89 21.96
N ASP D 13 38.43 25.48 21.18
CA ASP D 13 38.40 26.91 20.82
C ASP D 13 37.60 27.58 21.96
N VAL D 14 37.88 28.86 22.22
CA VAL D 14 37.17 29.60 23.28
C VAL D 14 36.85 30.99 22.71
N ARG D 15 35.60 31.39 22.81
CA ARG D 15 35.18 32.68 22.26
C ARG D 15 34.02 33.16 23.11
N ASN D 16 34.08 34.42 23.59
CA ASN D 16 33.01 34.94 24.46
C ASN D 16 32.63 34.01 25.65
N GLY D 17 33.65 33.36 26.17
CA GLY D 17 33.48 32.58 27.36
C GLY D 17 32.88 31.20 27.08
N ILE D 18 32.77 30.88 25.79
CA ILE D 18 32.25 29.53 25.41
C ILE D 18 33.42 28.72 24.80
N ASP D 19 33.66 27.53 25.33
CA ASP D 19 34.57 26.55 24.74
C ASP D 19 33.77 25.64 23.76
N PHE D 20 34.39 25.30 22.65
CA PHE D 20 33.64 24.51 21.65
C PHE D 20 34.65 24.01 20.61
N LYS D 21 34.29 22.97 19.87
CA LYS D 21 35.05 22.59 18.73
C LYS D 21 34.09 22.20 17.64
N ILE D 22 34.00 23.02 16.61
CA ILE D 22 33.10 22.72 15.44
C ILE D 22 33.73 23.01 14.09
N ALA D 23 33.06 22.62 13.02
CA ALA D 23 33.63 22.84 11.69
C ALA D 23 33.75 24.33 11.41
N ASP D 24 32.68 25.12 11.58
CA ASP D 24 32.72 26.47 11.02
C ASP D 24 31.60 27.35 11.62
N LEU D 25 31.97 28.33 12.44
CA LEU D 25 30.99 29.24 13.06
C LEU D 25 30.14 30.03 12.07
N SER D 26 30.70 30.31 10.91
CA SER D 26 30.01 31.13 9.91
C SER D 26 28.77 30.47 9.37
N LEU D 27 28.62 29.18 9.72
CA LEU D 27 27.44 28.46 9.24
C LEU D 27 26.22 28.77 10.11
N ALA D 28 26.40 29.59 11.16
CA ALA D 28 25.36 29.79 12.18
C ALA D 28 24.12 30.42 11.59
N ASP D 29 24.29 31.38 10.69
CA ASP D 29 23.12 31.97 10.02
C ASP D 29 22.17 30.96 9.31
N PHE D 30 22.78 30.12 8.45
CA PHE D 30 22.11 29.06 7.79
C PHE D 30 21.51 28.12 8.82
N GLY D 31 22.27 27.69 9.82
CA GLY D 31 21.66 26.81 10.80
C GLY D 31 20.47 27.41 11.54
N ARG D 32 20.52 28.71 11.88
CA ARG D 32 19.47 29.35 12.60
C ARG D 32 18.20 29.42 11.73
N LYS D 33 18.32 29.60 10.37
CA LYS D 33 17.15 29.63 9.53
C LYS D 33 16.47 28.22 9.60
N GLU D 34 17.31 27.17 9.53
CA GLU D 34 16.73 25.80 9.72
C GLU D 34 16.20 25.46 11.09
N LEU D 35 16.85 25.98 12.12
CA LEU D 35 16.33 25.82 13.42
C LEU D 35 14.94 26.45 13.52
N ARG D 36 14.77 27.68 12.98
CA ARG D 36 13.46 28.32 13.12
C ARG D 36 12.37 27.54 12.38
N ILE D 37 12.68 26.98 11.23
CA ILE D 37 11.66 26.21 10.50
C ILE D 37 11.41 24.96 11.34
N ALA D 38 12.48 24.36 11.91
CA ALA D 38 12.33 23.14 12.76
C ALA D 38 11.42 23.40 13.98
N GLU D 39 11.56 24.57 14.58
CA GLU D 39 10.70 24.87 15.74
C GLU D 39 9.21 24.79 15.38
N HIS D 40 8.83 25.21 14.17
CA HIS D 40 7.42 25.12 13.69
C HIS D 40 7.00 23.66 13.48
N GLU D 41 8.03 22.82 13.21
CA GLU D 41 7.81 21.37 13.07
C GLU D 41 7.99 20.57 14.40
N MET D 42 8.28 21.23 15.51
CA MET D 42 8.51 20.50 16.73
C MET D 42 7.63 21.03 17.87
N PRO D 43 6.31 20.85 17.72
CA PRO D 43 5.38 21.42 18.72
C PRO D 43 5.57 20.75 20.10
N GLY D 44 6.15 19.53 20.18
CA GLY D 44 6.37 18.87 21.49
C GLY D 44 7.32 19.70 22.34
N LEU D 45 8.44 20.06 21.74
CA LEU D 45 9.50 20.91 22.38
C LEU D 45 9.01 22.34 22.65
N MET D 46 8.33 22.94 21.70
CA MET D 46 7.87 24.34 21.89
C MET D 46 6.78 24.40 22.97
N SER D 47 5.92 23.36 23.04
CA SER D 47 4.88 23.30 24.01
C SER D 47 5.53 23.18 25.40
N LEU D 48 6.62 22.43 25.48
CA LEU D 48 7.27 22.29 26.74
C LEU D 48 7.99 23.62 27.14
N ARG D 49 8.55 24.35 26.20
CA ARG D 49 9.25 25.60 26.50
C ARG D 49 8.17 26.49 27.17
N ARG D 50 6.97 26.52 26.59
CA ARG D 50 5.89 27.44 27.05
C ARG D 50 5.40 26.99 28.42
N GLU D 51 5.22 25.68 28.56
CA GLU D 51 4.67 25.17 29.79
C GLU D 51 5.56 25.44 30.99
N TYR D 52 6.84 25.27 30.79
CA TYR D 52 7.78 25.30 31.89
C TYR D 52 8.64 26.59 31.95
N ALA D 53 8.36 27.58 31.11
CA ALA D 53 9.11 28.85 31.03
C ALA D 53 9.22 29.49 32.43
N GLU D 54 8.09 29.52 33.17
CA GLU D 54 8.10 30.26 34.46
C GLU D 54 8.80 29.49 35.60
N VAL D 55 8.57 28.17 35.64
CA VAL D 55 9.03 27.24 36.65
C VAL D 55 10.54 27.05 36.56
N GLN D 56 11.09 26.99 35.34
CA GLN D 56 12.53 26.82 35.21
C GLN D 56 12.99 25.52 35.91
N PRO D 57 12.39 24.37 35.48
CA PRO D 57 12.56 23.15 36.24
C PRO D 57 14.02 22.64 36.23
N LEU D 58 14.82 22.97 35.19
CA LEU D 58 16.17 22.39 35.09
C LEU D 58 17.24 23.34 35.61
N LYS D 59 16.78 24.38 36.35
CA LYS D 59 17.82 25.30 36.98
C LYS D 59 18.74 24.44 37.84
N GLY D 60 20.06 24.62 37.68
CA GLY D 60 21.02 23.93 38.49
C GLY D 60 21.61 22.70 37.75
N ALA D 61 20.86 22.20 36.73
CA ALA D 61 21.32 21.04 35.95
C ALA D 61 22.51 21.45 35.11
N ARG D 62 23.47 20.54 35.04
CA ARG D 62 24.65 20.62 34.26
C ARG D 62 24.62 19.32 33.41
N ILE D 63 23.98 19.41 32.25
CA ILE D 63 23.67 18.19 31.42
C ILE D 63 24.77 17.99 30.34
N SER D 64 25.43 16.83 30.42
CA SER D 64 26.36 16.38 29.38
C SER D 64 25.53 15.56 28.38
N GLY D 65 25.47 16.07 27.12
CA GLY D 65 24.59 15.44 26.06
C GLY D 65 25.48 14.76 25.04
N SER D 66 25.19 13.51 24.70
CA SER D 66 25.91 12.75 23.62
C SER D 66 24.74 12.32 22.70
N LEU D 67 24.57 13.07 21.60
CA LEU D 67 23.44 12.81 20.73
C LEU D 67 23.72 13.56 19.45
N HIS D 68 23.60 12.85 18.30
CA HIS D 68 23.70 13.41 16.99
C HIS D 68 23.44 14.88 16.96
N MET D 69 24.46 15.62 16.52
CA MET D 69 24.37 17.10 16.54
C MET D 69 23.69 17.62 15.27
N THR D 70 22.37 17.42 15.24
CA THR D 70 21.52 17.84 14.09
C THR D 70 20.70 19.08 14.34
N VAL D 71 19.96 19.52 13.31
CA VAL D 71 19.02 20.64 13.53
C VAL D 71 17.99 20.25 14.63
N GLN D 72 17.53 18.98 14.66
CA GLN D 72 16.53 18.54 15.64
C GLN D 72 17.11 18.56 17.04
N THR D 73 18.32 18.05 17.17
CA THR D 73 19.00 18.10 18.50
C THR D 73 19.14 19.57 18.92
N ALA D 74 19.53 20.41 18.05
CA ALA D 74 19.70 21.88 18.34
C ALA D 74 18.46 22.42 19.07
N VAL D 75 17.24 22.12 18.52
CA VAL D 75 15.91 22.59 19.15
C VAL D 75 15.77 21.95 20.54
N LEU D 76 16.18 20.67 20.71
CA LEU D 76 16.18 20.06 22.04
C LEU D 76 17.12 20.81 22.98
N ILE D 77 18.36 20.99 22.52
CA ILE D 77 19.37 21.68 23.41
C ILE D 77 18.83 23.05 23.93
N GLU D 78 18.26 23.82 23.02
CA GLU D 78 17.70 25.17 23.32
C GLU D 78 16.42 25.04 24.08
N THR D 79 15.78 23.84 24.16
CA THR D 79 14.64 23.68 25.03
C THR D 79 15.18 23.47 26.46
N LEU D 80 16.23 22.66 26.57
CA LEU D 80 16.83 22.45 27.88
C LEU D 80 17.30 23.78 28.44
N THR D 81 18.02 24.55 27.67
CA THR D 81 18.58 25.82 28.22
C THR D 81 17.40 26.81 28.48
N ALA D 82 16.36 26.82 27.63
CA ALA D 82 15.13 27.61 27.97
C ALA D 82 14.52 27.29 29.28
N LEU D 83 14.63 26.02 29.64
CA LEU D 83 14.12 25.41 30.91
C LEU D 83 15.05 25.56 32.12
N GLY D 84 16.18 26.20 31.86
CA GLY D 84 17.11 26.55 33.00
C GLY D 84 18.40 25.76 33.08
N ALA D 85 18.56 24.71 32.25
CA ALA D 85 19.76 23.90 32.30
C ALA D 85 20.98 24.62 31.70
N GLU D 86 22.17 24.23 32.16
CA GLU D 86 23.37 24.44 31.40
C GLU D 86 23.70 23.11 30.68
N VAL D 87 24.34 23.21 29.51
CA VAL D 87 24.67 21.96 28.72
C VAL D 87 26.08 22.06 28.14
N ARG D 88 26.62 20.88 27.79
CA ARG D 88 27.79 20.70 27.04
C ARG D 88 27.42 19.49 26.17
N TRP D 89 27.82 19.58 24.90
CA TRP D 89 27.29 18.60 23.92
C TRP D 89 28.36 18.01 23.06
N ALA D 90 28.14 16.77 22.64
CA ALA D 90 28.97 16.12 21.54
C ALA D 90 28.00 15.24 20.75
N SER D 91 28.38 14.94 19.51
CA SER D 91 27.60 13.95 18.75
C SER D 91 27.81 12.51 19.26
N CYS D 92 26.87 11.58 18.96
CA CYS D 92 27.17 10.22 19.24
C CYS D 92 27.52 9.37 18.00
N ASN D 93 27.87 10.05 16.91
CA ASN D 93 28.46 9.37 15.83
C ASN D 93 29.36 10.30 15.03
N ILE D 94 30.38 9.72 14.36
CA ILE D 94 31.42 10.53 13.68
C ILE D 94 30.91 11.20 12.40
N PHE D 95 29.74 10.72 11.89
CA PHE D 95 29.27 11.30 10.63
C PHE D 95 27.86 12.00 10.76
N SER D 96 27.29 12.04 11.92
CA SER D 96 25.86 12.42 12.04
C SER D 96 25.68 13.94 12.27
N THR D 97 26.77 14.63 12.62
CA THR D 97 26.67 16.10 12.83
C THR D 97 26.25 16.82 11.63
N GLN D 98 25.36 17.80 11.83
CA GLN D 98 25.03 18.77 10.73
C GLN D 98 25.75 20.10 11.13
N ASP D 99 26.82 20.39 10.42
CA ASP D 99 27.72 21.49 10.80
C ASP D 99 26.96 22.82 11.00
N HIS D 100 25.97 23.11 10.19
CA HIS D 100 25.28 24.41 10.34
C HIS D 100 24.51 24.40 11.65
N ALA D 101 23.90 23.25 12.06
CA ALA D 101 23.25 23.19 13.36
C ALA D 101 24.22 23.35 14.56
N ALA D 102 25.37 22.69 14.46
CA ALA D 102 26.40 22.80 15.54
C ALA D 102 26.78 24.33 15.68
N ALA D 103 27.03 24.96 14.55
CA ALA D 103 27.35 26.41 14.55
C ALA D 103 26.21 27.23 15.17
N ALA D 104 24.95 26.95 14.83
CA ALA D 104 23.86 27.74 15.42
C ALA D 104 23.72 27.52 16.92
N VAL D 105 23.97 26.30 17.44
CA VAL D 105 23.91 26.04 18.85
C VAL D 105 25.04 26.80 19.65
N VAL D 106 26.23 26.89 19.10
CA VAL D 106 27.34 27.60 19.80
C VAL D 106 27.02 29.07 19.76
N VAL D 107 26.55 29.57 18.63
CA VAL D 107 26.29 31.03 18.51
C VAL D 107 25.02 31.47 19.29
N GLY D 108 23.97 30.61 19.37
CA GLY D 108 22.77 30.93 20.08
C GLY D 108 21.84 31.77 19.26
N PRO D 109 20.60 31.90 19.79
CA PRO D 109 19.60 32.66 19.07
C PRO D 109 19.95 34.13 18.95
N HIS D 110 20.80 34.63 19.83
CA HIS D 110 20.99 36.10 19.86
C HIS D 110 22.47 36.45 19.69
N GLY D 111 23.31 35.43 19.43
CA GLY D 111 24.72 35.67 19.33
C GLY D 111 25.15 35.95 17.93
N THR D 112 26.46 36.11 17.73
CA THR D 112 27.01 36.15 16.38
C THR D 112 28.25 35.23 16.35
N PRO D 113 28.76 34.86 15.17
CA PRO D 113 30.01 34.12 15.11
C PRO D 113 31.19 34.79 15.77
N ASP D 114 31.31 36.13 15.73
CA ASP D 114 32.35 36.84 16.49
C ASP D 114 32.15 36.84 18.02
N GLU D 115 30.88 36.92 18.45
CA GLU D 115 30.48 37.00 19.85
C GLU D 115 29.34 35.98 20.12
N PRO D 116 29.71 34.70 20.15
CA PRO D 116 28.69 33.67 20.33
C PRO D 116 28.11 33.69 21.71
N LYS D 117 26.85 33.25 21.84
CA LYS D 117 26.12 33.36 23.06
C LYS D 117 25.25 32.11 23.22
N GLY D 118 25.74 30.98 22.67
CA GLY D 118 25.00 29.71 22.85
C GLY D 118 25.76 28.86 23.82
N VAL D 119 26.03 27.60 23.46
CA VAL D 119 26.49 26.61 24.52
C VAL D 119 27.65 25.77 23.94
N PRO D 120 28.48 25.19 24.76
CA PRO D 120 29.61 24.36 24.29
C PRO D 120 29.14 23.15 23.47
N VAL D 121 29.66 23.09 22.24
CA VAL D 121 29.46 21.91 21.35
C VAL D 121 30.82 21.46 20.83
N PHE D 122 31.05 20.15 20.85
CA PHE D 122 32.28 19.53 20.35
C PHE D 122 31.81 18.45 19.38
N ALA D 123 31.69 18.88 18.11
CA ALA D 123 31.04 18.01 17.15
C ALA D 123 31.24 18.63 15.75
N TRP D 124 31.60 17.74 14.81
CA TRP D 124 31.63 18.07 13.34
C TRP D 124 31.38 16.81 12.56
N LYS D 125 30.88 17.00 11.31
CA LYS D 125 30.75 15.84 10.46
C LYS D 125 32.15 15.33 9.99
N GLY D 126 32.41 14.02 10.10
CA GLY D 126 33.60 13.36 9.58
C GLY D 126 34.73 13.40 10.63
N GLU D 127 34.37 13.13 11.84
CA GLU D 127 35.38 12.99 12.90
C GLU D 127 36.11 11.70 12.65
N THR D 128 37.35 11.63 13.14
CA THR D 128 38.00 10.37 13.25
C THR D 128 37.62 9.79 14.60
N LEU D 129 37.96 8.50 14.77
CA LEU D 129 37.66 7.85 16.08
C LEU D 129 38.33 8.57 17.26
N GLU D 130 39.58 8.98 17.06
CA GLU D 130 40.29 9.60 18.21
C GLU D 130 39.63 10.93 18.54
N GLU D 131 39.21 11.66 17.50
CA GLU D 131 38.49 12.95 17.63
C GLU D 131 37.12 12.79 18.27
N TYR D 132 36.44 11.69 17.95
CA TYR D 132 35.14 11.44 18.56
C TYR D 132 35.26 11.27 20.05
N TRP D 133 36.25 10.49 20.45
CA TRP D 133 36.36 10.22 21.90
C TRP D 133 36.94 11.44 22.61
N TRP D 134 37.84 12.16 21.98
CA TRP D 134 38.30 13.45 22.51
C TRP D 134 37.08 14.41 22.81
N ALA D 135 36.22 14.55 21.81
CA ALA D 135 35.02 15.39 21.96
C ALA D 135 34.10 14.87 23.07
N ALA D 136 33.91 13.54 23.18
CA ALA D 136 33.03 12.99 24.21
C ALA D 136 33.63 13.39 25.64
N GLU D 137 34.98 13.24 25.78
CA GLU D 137 35.63 13.63 27.07
C GLU D 137 35.45 15.15 27.30
N GLN D 138 35.53 15.99 26.27
CA GLN D 138 35.28 17.45 26.44
C GLN D 138 33.84 17.69 26.94
N MET D 139 32.92 16.92 26.35
CA MET D 139 31.51 17.09 26.69
C MET D 139 31.16 16.64 28.13
N LEU D 140 31.91 15.66 28.64
CA LEU D 140 31.64 15.20 29.97
C LEU D 140 32.48 15.92 31.02
N THR D 141 33.37 16.80 30.61
CA THR D 141 34.35 17.51 31.56
C THR D 141 33.94 18.97 31.70
N TRP D 142 33.15 19.26 32.76
CA TRP D 142 32.79 20.60 33.11
C TRP D 142 34.00 21.41 33.65
N PRO D 143 33.98 22.74 33.41
CA PRO D 143 35.19 23.59 33.69
C PRO D 143 35.55 23.66 35.19
N ASP D 144 34.56 23.73 36.10
CA ASP D 144 34.82 23.76 37.56
C ASP D 144 34.87 22.33 38.16
N PRO D 145 36.06 21.90 38.65
CA PRO D 145 36.23 20.55 39.28
C PRO D 145 35.32 20.25 40.44
N ASP D 146 34.76 21.26 41.09
CA ASP D 146 33.76 20.99 42.11
C ASP D 146 32.35 21.02 41.61
N LYS D 147 32.14 21.24 40.32
CA LYS D 147 30.77 21.21 39.75
C LYS D 147 30.86 20.40 38.42
N PRO D 148 31.09 19.07 38.58
CA PRO D 148 31.17 18.27 37.39
C PRO D 148 29.76 18.11 36.85
N ALA D 149 29.64 17.41 35.72
CA ALA D 149 28.33 17.01 35.17
C ALA D 149 27.45 16.48 36.25
N ASN D 150 26.17 16.87 36.26
CA ASN D 150 25.28 16.22 37.15
C ASN D 150 24.05 15.55 36.49
N MET D 151 24.01 15.56 35.12
CA MET D 151 23.03 14.63 34.47
C MET D 151 23.68 14.25 33.11
N ILE D 152 23.19 13.17 32.53
CA ILE D 152 23.67 12.77 31.20
C ILE D 152 22.41 12.61 30.41
N LEU D 153 22.52 13.00 29.14
CA LEU D 153 21.42 12.74 28.20
C LEU D 153 22.16 11.98 27.06
N ASP D 154 21.78 10.69 26.87
CA ASP D 154 22.65 9.78 26.08
C ASP D 154 21.84 9.15 24.91
N ASP D 155 22.51 8.89 23.79
CA ASP D 155 21.80 8.16 22.68
C ASP D 155 22.88 7.12 22.28
N GLY D 156 22.71 5.88 22.73
CA GLY D 156 23.65 4.81 22.34
C GLY D 156 24.60 4.40 23.50
N GLY D 157 24.59 5.21 24.55
CA GLY D 157 25.30 4.80 25.76
C GLY D 157 26.80 5.09 25.80
N ASP D 158 27.36 5.76 24.81
CA ASP D 158 28.82 6.01 24.89
C ASP D 158 29.15 6.94 26.06
N ALA D 159 28.35 7.98 26.37
CA ALA D 159 28.66 8.93 27.53
C ALA D 159 28.61 8.09 28.75
N THR D 160 27.56 7.27 28.87
CA THR D 160 27.39 6.48 30.08
C THR D 160 28.50 5.47 30.26
N MET D 161 28.92 4.89 29.14
CA MET D 161 29.99 3.85 29.22
C MET D 161 31.31 4.54 29.62
N LEU D 162 31.57 5.74 29.12
CA LEU D 162 32.86 6.42 29.45
C LEU D 162 32.94 6.67 30.99
N VAL D 163 31.87 7.23 31.52
CA VAL D 163 31.80 7.48 32.96
C VAL D 163 31.89 6.17 33.77
N LEU D 164 31.03 5.17 33.49
CA LEU D 164 30.99 3.92 34.28
C LEU D 164 32.25 3.05 34.10
N ARG D 165 32.70 2.83 32.85
CA ARG D 165 33.99 2.08 32.63
C ARG D 165 35.17 2.87 33.26
N GLY D 166 35.20 4.19 33.14
CA GLY D 166 36.29 5.04 33.65
C GLY D 166 36.41 4.90 35.17
N MET D 167 35.26 4.88 35.83
CA MET D 167 35.18 4.65 37.28
C MET D 167 35.64 3.24 37.66
N GLN D 168 35.14 2.23 36.93
CA GLN D 168 35.55 0.87 37.08
C GLN D 168 37.08 0.75 37.05
N TYR D 169 37.75 1.37 36.06
CA TYR D 169 39.24 1.27 36.00
C TYR D 169 39.93 2.02 37.13
N GLU D 170 39.39 3.19 37.49
CA GLU D 170 39.94 3.98 38.60
C GLU D 170 39.89 3.14 39.87
N LYS D 171 38.78 2.44 40.12
CA LYS D 171 38.61 1.61 41.34
C LYS D 171 39.59 0.42 41.29
N ALA D 172 39.77 -0.17 40.10
CA ALA D 172 40.74 -1.27 39.94
C ALA D 172 42.19 -0.77 40.02
N GLY D 173 42.44 0.54 39.86
CA GLY D 173 43.83 1.05 39.95
C GLY D 173 44.64 0.91 38.66
N VAL D 174 43.98 0.46 37.56
CA VAL D 174 44.67 0.31 36.27
C VAL D 174 43.65 0.29 35.11
N VAL D 175 44.01 0.89 33.95
CA VAL D 175 43.25 0.70 32.72
C VAL D 175 43.88 -0.47 31.94
N PRO D 176 43.12 -1.55 31.68
CA PRO D 176 43.83 -2.71 31.12
C PRO D 176 44.34 -2.41 29.70
N PRO D 177 45.38 -3.15 29.21
CA PRO D 177 45.71 -2.98 27.79
C PRO D 177 44.58 -3.52 26.88
N ALA D 178 44.61 -3.12 25.62
CA ALA D 178 43.73 -3.74 24.64
C ALA D 178 44.44 -5.04 24.15
N GLU D 179 43.65 -5.98 23.61
CA GLU D 179 44.17 -7.12 22.86
C GLU D 179 44.44 -6.63 21.43
N GLU D 180 45.41 -7.25 20.76
CA GLU D 180 45.72 -6.89 19.36
C GLU D 180 44.50 -7.06 18.41
N ASP D 181 43.70 -8.12 18.63
CA ASP D 181 42.45 -8.34 17.86
C ASP D 181 41.21 -7.59 18.41
N ASP D 182 41.40 -6.75 19.43
CA ASP D 182 40.34 -5.84 19.91
C ASP D 182 40.04 -4.83 18.82
N PRO D 183 38.77 -4.35 18.73
CA PRO D 183 38.42 -3.35 17.71
C PRO D 183 39.23 -2.05 17.83
N ALA D 184 39.38 -1.34 16.72
CA ALA D 184 40.18 -0.10 16.69
C ALA D 184 39.55 0.94 17.64
N GLU D 185 38.23 0.97 17.70
CA GLU D 185 37.54 1.96 18.49
C GLU D 185 37.74 1.67 20.00
N TRP D 186 37.73 0.38 20.37
CA TRP D 186 38.04 -0.07 21.74
C TRP D 186 39.48 0.36 22.16
N LYS D 187 40.47 0.21 21.29
CA LYS D 187 41.82 0.73 21.62
C LYS D 187 41.85 2.24 21.89
N VAL D 188 41.13 3.03 21.07
CA VAL D 188 41.03 4.46 21.27
C VAL D 188 40.36 4.86 22.58
N PHE D 189 39.25 4.19 22.90
CA PHE D 189 38.51 4.40 24.12
C PHE D 189 39.46 4.14 25.34
N LEU D 190 40.08 2.93 25.37
CA LEU D 190 41.04 2.63 26.47
C LEU D 190 42.24 3.66 26.47
N ASN D 191 42.71 4.07 25.30
CA ASN D 191 43.82 5.05 25.32
C ASN D 191 43.42 6.34 26.00
N LEU D 192 42.19 6.84 25.75
CA LEU D 192 41.71 8.02 26.41
C LEU D 192 41.72 7.84 27.96
N LEU D 193 41.21 6.71 28.45
CA LEU D 193 40.98 6.51 29.88
C LEU D 193 42.34 6.34 30.56
N ARG D 194 43.25 5.63 29.84
CA ARG D 194 44.58 5.26 30.38
C ARG D 194 45.41 6.50 30.48
N THR D 195 45.34 7.34 29.44
CA THR D 195 46.05 8.59 29.40
C THR D 195 45.54 9.50 30.49
N ARG D 196 44.21 9.62 30.64
CA ARG D 196 43.70 10.51 31.65
C ARG D 196 44.11 10.00 33.11
N PHE D 197 44.06 8.69 33.32
CA PHE D 197 44.34 8.07 34.63
C PHE D 197 45.84 8.24 35.03
N GLU D 198 46.76 8.57 34.09
CA GLU D 198 48.13 9.06 34.46
C GLU D 198 48.19 10.37 35.27
N THR D 199 47.24 11.26 35.07
CA THR D 199 47.24 12.58 35.70
C THR D 199 46.10 12.78 36.65
N ASP D 200 45.10 11.91 36.60
CA ASP D 200 43.85 12.11 37.40
C ASP D 200 43.30 10.76 37.86
N LYS D 201 43.37 10.47 39.15
CA LYS D 201 43.06 9.15 39.60
C LYS D 201 41.58 8.92 39.95
N ASP D 202 40.78 9.97 40.08
CA ASP D 202 39.36 9.76 40.44
C ASP D 202 38.39 10.67 39.65
N LYS D 203 38.86 11.10 38.51
CA LYS D 203 37.97 11.94 37.65
C LYS D 203 36.54 11.32 37.41
N TRP D 204 36.51 10.08 36.88
CA TRP D 204 35.23 9.39 36.50
C TRP D 204 34.44 8.94 37.70
N THR D 205 35.15 8.60 38.78
CA THR D 205 34.49 8.30 40.05
C THR D 205 33.74 9.51 40.60
N LYS D 206 34.37 10.69 40.51
CA LYS D 206 33.76 11.96 40.96
C LYS D 206 32.59 12.36 40.03
N ILE D 207 32.79 12.21 38.73
CA ILE D 207 31.63 12.45 37.78
C ILE D 207 30.44 11.52 38.08
N ALA D 208 30.71 10.23 38.30
CA ALA D 208 29.71 9.22 38.60
C ALA D 208 28.88 9.59 39.81
N GLU D 209 29.62 10.05 40.85
CA GLU D 209 28.97 10.50 42.06
C GLU D 209 28.07 11.74 41.91
N SER D 210 28.45 12.68 41.04
CA SER D 210 27.74 13.90 40.79
C SER D 210 26.53 13.65 39.85
N VAL D 211 26.68 12.73 38.92
CA VAL D 211 25.55 12.49 37.97
C VAL D 211 24.30 12.01 38.74
N LYS D 212 23.20 12.76 38.69
CA LYS D 212 21.95 12.36 39.36
C LYS D 212 21.08 11.35 38.52
N GLY D 213 21.37 11.24 37.23
CA GLY D 213 20.58 10.29 36.48
C GLY D 213 21.03 10.45 35.01
N VAL D 214 20.62 9.45 34.24
CA VAL D 214 20.87 9.49 32.76
C VAL D 214 19.53 9.25 32.05
N THR D 215 19.33 9.94 30.95
CA THR D 215 18.17 9.56 30.02
C THR D 215 18.75 8.97 28.76
N GLU D 216 18.21 7.85 28.31
CA GLU D 216 18.76 7.15 27.16
C GLU D 216 17.75 6.97 26.04
N GLU D 217 18.22 7.33 24.88
CA GLU D 217 17.30 7.62 23.78
C GLU D 217 17.11 6.43 22.84
N THR D 218 18.00 5.45 22.81
CA THR D 218 17.87 4.45 21.73
C THR D 218 17.98 3.02 22.16
N THR D 219 17.44 2.07 21.38
CA THR D 219 17.37 0.66 21.70
C THR D 219 18.74 0.09 22.12
N THR D 220 19.80 0.34 21.32
CA THR D 220 21.16 -0.16 21.66
C THR D 220 21.59 0.45 23.04
N GLY D 221 21.33 1.74 23.30
CA GLY D 221 21.81 2.34 24.55
C GLY D 221 21.09 1.68 25.71
N VAL D 222 19.79 1.39 25.54
CA VAL D 222 18.99 0.79 26.62
C VAL D 222 19.45 -0.63 26.90
N LEU D 223 19.83 -1.38 25.88
CA LEU D 223 20.34 -2.72 26.13
C LEU D 223 21.57 -2.59 27.07
N ARG D 224 22.43 -1.64 26.77
CA ARG D 224 23.68 -1.47 27.55
C ARG D 224 23.33 -1.10 28.97
N LEU D 225 22.27 -0.32 29.17
CA LEU D 225 21.84 -0.01 30.56
C LEU D 225 21.39 -1.29 31.28
N TYR D 226 20.58 -2.13 30.58
CA TYR D 226 20.16 -3.38 31.17
C TYR D 226 21.40 -4.24 31.52
N GLN D 227 22.43 -4.19 30.65
CA GLN D 227 23.63 -5.00 30.94
C GLN D 227 24.40 -4.44 32.19
N PHE D 228 24.52 -3.11 32.30
CA PHE D 228 25.14 -2.48 33.50
C PHE D 228 24.35 -2.84 34.76
N ALA D 229 23.03 -2.75 34.66
CA ALA D 229 22.14 -2.98 35.82
C ALA D 229 22.22 -4.43 36.29
N ALA D 230 22.29 -5.37 35.36
CA ALA D 230 22.39 -6.81 35.71
C ALA D 230 23.72 -7.14 36.38
N ALA D 231 24.79 -6.49 35.92
CA ALA D 231 26.13 -6.56 36.61
C ALA D 231 26.29 -5.81 37.99
N GLY D 232 25.26 -5.07 38.41
CA GLY D 232 25.24 -4.31 39.69
C GLY D 232 26.04 -3.05 39.53
N ASP D 233 26.14 -2.52 38.31
CA ASP D 233 27.06 -1.42 37.97
C ASP D 233 26.36 -0.14 37.47
N LEU D 234 25.03 -0.19 37.50
CA LEU D 234 24.24 1.01 37.21
C LEU D 234 24.31 1.90 38.46
N ALA D 235 25.15 2.91 38.37
CA ALA D 235 25.58 3.69 39.58
C ALA D 235 24.57 4.81 39.86
N PHE D 236 23.66 5.06 38.91
CA PHE D 236 22.67 6.16 39.05
C PHE D 236 21.41 5.79 38.26
N PRO D 237 20.30 6.44 38.59
CA PRO D 237 19.02 6.08 37.93
C PRO D 237 19.12 6.37 36.40
N ALA D 238 18.27 5.65 35.67
CA ALA D 238 18.19 5.84 34.17
C ALA D 238 16.73 5.82 33.82
N ILE D 239 16.42 6.71 32.88
CA ILE D 239 15.10 6.55 32.17
C ILE D 239 15.39 6.09 30.74
N ASN D 240 14.72 4.97 30.43
CA ASN D 240 14.71 4.38 29.05
C ASN D 240 13.65 5.21 28.29
N VAL D 241 14.11 6.16 27.48
CA VAL D 241 13.22 7.01 26.70
C VAL D 241 12.86 6.24 25.42
N ASN D 242 13.76 5.38 24.94
CA ASN D 242 13.50 4.63 23.67
C ASN D 242 12.13 3.93 23.75
N ASP D 243 11.80 3.40 24.94
CA ASP D 243 10.58 2.58 25.10
C ASP D 243 9.36 3.38 25.57
N SER D 244 9.40 4.73 25.63
CA SER D 244 8.12 5.51 25.60
C SER D 244 7.39 5.05 24.35
N VAL D 245 6.09 4.91 24.48
CA VAL D 245 5.26 4.49 23.34
C VAL D 245 5.48 5.49 22.15
N THR D 246 5.47 6.76 22.45
CA THR D 246 5.57 7.79 21.45
C THR D 246 7.02 7.88 20.87
N LYS D 247 7.97 7.09 21.41
CA LYS D 247 9.30 7.12 20.85
C LYS D 247 9.42 5.87 19.98
N SER D 248 9.52 4.69 20.53
CA SER D 248 9.81 3.49 19.75
C SER D 248 8.80 3.27 18.62
N LYS D 249 7.47 3.52 18.86
CA LYS D 249 6.53 3.18 17.78
C LYS D 249 6.43 4.30 16.73
N PHE D 250 7.06 5.51 16.90
CA PHE D 250 6.95 6.58 15.96
C PHE D 250 8.30 6.89 15.41
N ASP D 251 9.28 7.24 16.23
CA ASP D 251 10.64 7.56 15.71
C ASP D 251 11.19 6.26 15.07
N ASN D 252 11.28 5.12 15.82
CA ASN D 252 12.07 3.96 15.27
C ASN D 252 11.38 3.53 13.94
N LYS D 253 10.05 3.51 13.90
CA LYS D 253 9.24 3.03 12.74
C LYS D 253 9.09 4.19 11.69
N TYR D 254 8.34 5.27 12.01
CA TYR D 254 7.97 6.30 10.97
C TYR D 254 9.14 7.20 10.64
N GLY D 255 9.99 7.35 11.66
CA GLY D 255 11.18 8.18 11.41
C GLY D 255 12.01 7.50 10.32
N THR D 256 12.31 6.21 10.55
CA THR D 256 13.14 5.43 9.65
C THR D 256 12.40 5.32 8.29
N ARG D 257 11.03 5.14 8.28
CA ARG D 257 10.33 5.13 6.98
C ARG D 257 10.71 6.34 6.14
N HIS D 258 10.86 7.49 6.76
CA HIS D 258 11.32 8.69 6.06
C HIS D 258 12.80 8.66 5.71
N SER D 259 13.66 8.45 6.74
CA SER D 259 15.05 8.82 6.58
C SER D 259 15.88 7.71 5.90
N LEU D 260 15.42 6.47 5.97
CA LEU D 260 16.20 5.41 5.22
C LEU D 260 16.19 5.69 3.69
N ILE D 261 15.08 5.94 3.08
CA ILE D 261 15.04 6.27 1.64
C ILE D 261 15.89 7.50 1.35
N ASP D 262 15.78 8.47 2.21
CA ASP D 262 16.53 9.72 2.06
C ASP D 262 18.01 9.43 2.03
N GLY D 263 18.57 8.66 2.99
CA GLY D 263 20.00 8.35 3.02
C GLY D 263 20.39 7.65 1.70
N ILE D 264 19.58 6.63 1.35
CA ILE D 264 19.90 5.88 0.12
C ILE D 264 19.88 6.74 -1.13
N ASN D 265 18.88 7.64 -1.20
CA ASN D 265 18.74 8.57 -2.32
C ASN D 265 19.99 9.47 -2.44
N ARG D 266 20.37 10.15 -1.33
CA ARG D 266 21.45 11.18 -1.40
C ARG D 266 22.76 10.44 -1.69
N GLY D 267 22.91 9.20 -1.16
CA GLY D 267 24.21 8.50 -1.37
C GLY D 267 24.34 7.93 -2.75
N THR D 268 23.24 7.46 -3.36
CA THR D 268 23.39 6.63 -4.53
C THR D 268 22.50 7.06 -5.69
N ASP D 269 21.43 7.79 -5.40
CA ASP D 269 20.36 8.08 -6.38
C ASP D 269 19.90 6.81 -7.14
N ALA D 270 19.88 5.70 -6.48
CA ALA D 270 19.53 4.37 -7.11
C ALA D 270 18.04 4.14 -7.07
N LEU D 271 17.46 3.86 -8.22
CA LEU D 271 16.06 3.48 -8.19
C LEU D 271 15.76 2.39 -7.20
N ILE D 272 14.71 2.62 -6.38
CA ILE D 272 14.36 1.63 -5.39
C ILE D 272 13.29 0.68 -5.95
N GLY D 273 12.28 1.27 -6.63
CA GLY D 273 11.17 0.50 -7.29
C GLY D 273 11.77 -0.61 -8.22
N GLY D 274 11.20 -1.80 -8.16
CA GLY D 274 11.68 -2.88 -9.02
C GLY D 274 12.85 -3.64 -8.48
N LYS D 275 13.56 -3.06 -7.49
CA LYS D 275 14.73 -3.69 -7.03
C LYS D 275 14.45 -4.69 -5.90
N LYS D 276 15.30 -5.69 -5.82
CA LYS D 276 15.26 -6.58 -4.69
C LYS D 276 15.97 -6.04 -3.47
N VAL D 277 15.29 -5.87 -2.36
CA VAL D 277 15.84 -5.23 -1.18
C VAL D 277 15.82 -6.22 -0.06
N LEU D 278 16.91 -6.32 0.70
CA LEU D 278 17.01 -7.23 1.82
C LEU D 278 17.13 -6.38 3.07
N ILE D 279 16.14 -6.49 3.99
CA ILE D 279 16.19 -5.78 5.25
C ILE D 279 16.45 -6.81 6.37
N CYS D 280 17.52 -6.58 7.08
CA CYS D 280 17.92 -7.51 8.16
C CYS D 280 17.44 -6.99 9.52
N GLY D 281 16.48 -7.73 10.03
CA GLY D 281 15.80 -7.35 11.28
C GLY D 281 14.41 -6.72 11.01
N TYR D 282 13.44 -7.04 11.86
CA TYR D 282 12.06 -6.56 11.64
C TYR D 282 11.47 -6.13 13.00
N GLY D 283 12.32 -5.41 13.72
CA GLY D 283 11.86 -4.64 14.94
C GLY D 283 11.30 -3.33 14.42
N ASP D 284 11.20 -2.29 15.27
CA ASP D 284 10.49 -1.11 14.79
C ASP D 284 11.29 -0.45 13.67
N VAL D 285 12.64 -0.48 13.76
CA VAL D 285 13.38 0.20 12.64
C VAL D 285 13.26 -0.61 11.40
N GLY D 286 13.38 -1.95 11.48
CA GLY D 286 13.26 -2.82 10.22
C GLY D 286 11.83 -2.74 9.68
N LYS D 287 10.79 -2.66 10.55
CA LYS D 287 9.43 -2.49 10.04
C LYS D 287 9.37 -1.14 9.22
N GLY D 288 10.00 -0.05 9.73
CA GLY D 288 9.93 1.26 8.97
C GLY D 288 10.69 1.14 7.65
N CYS D 289 11.88 0.46 7.69
CA CYS D 289 12.65 0.27 6.42
C CYS D 289 11.78 -0.48 5.41
N ALA D 290 11.19 -1.62 5.82
CA ALA D 290 10.43 -2.41 4.79
C ALA D 290 9.20 -1.61 4.27
N GLU D 291 8.56 -0.85 5.16
CA GLU D 291 7.37 -0.03 4.74
C GLU D 291 7.87 1.03 3.77
N ALA D 292 9.05 1.68 4.00
CA ALA D 292 9.55 2.72 3.09
C ALA D 292 9.84 2.11 1.69
N MET D 293 10.56 0.99 1.74
CA MET D 293 10.97 0.34 0.49
C MET D 293 9.80 -0.18 -0.36
N LYS D 294 8.88 -0.83 0.36
CA LYS D 294 7.61 -1.33 -0.29
C LYS D 294 6.86 -0.18 -0.93
N GLY D 295 6.80 0.96 -0.24
CA GLY D 295 6.11 2.17 -0.74
C GLY D 295 6.73 2.71 -2.02
N GLN D 296 8.00 2.44 -2.25
CA GLN D 296 8.66 2.85 -3.45
C GLN D 296 8.63 1.77 -4.54
N GLY D 297 7.96 0.65 -4.29
CA GLY D 297 7.81 -0.36 -5.34
C GLY D 297 8.94 -1.38 -5.30
N ALA D 298 9.70 -1.43 -4.18
CA ALA D 298 10.72 -2.46 -4.08
C ALA D 298 10.14 -3.86 -3.84
N ARG D 299 10.93 -4.89 -4.13
CA ARG D 299 10.55 -6.29 -3.81
C ARG D 299 11.39 -6.66 -2.58
N VAL D 300 10.76 -6.54 -1.44
CA VAL D 300 11.38 -6.58 -0.11
C VAL D 300 11.36 -8.00 0.47
N SER D 301 12.52 -8.47 0.93
CA SER D 301 12.56 -9.66 1.85
C SER D 301 13.21 -9.21 3.14
N VAL D 302 12.94 -9.95 4.18
CA VAL D 302 13.34 -9.65 5.50
C VAL D 302 14.08 -10.84 6.23
N THR D 303 15.14 -10.55 7.00
CA THR D 303 15.67 -11.61 7.88
C THR D 303 15.33 -11.34 9.36
N GLU D 304 15.22 -12.41 10.10
CA GLU D 304 14.89 -12.26 11.48
C GLU D 304 15.27 -13.53 12.28
N ILE D 305 15.59 -13.25 13.54
CA ILE D 305 15.78 -14.39 14.51
C ILE D 305 14.58 -14.68 15.35
N ASP D 306 13.71 -13.72 15.44
CA ASP D 306 12.55 -13.82 16.41
C ASP D 306 11.32 -14.23 15.61
N PRO D 307 10.76 -15.43 15.94
CA PRO D 307 9.65 -15.94 15.14
C PRO D 307 8.44 -15.00 15.15
N ILE D 308 8.22 -14.27 16.25
CA ILE D 308 7.03 -13.29 16.35
C ILE D 308 7.26 -12.19 15.26
N ASN D 309 8.43 -11.52 15.31
CA ASN D 309 8.67 -10.44 14.30
C ASN D 309 8.65 -11.04 12.86
N ALA D 310 9.19 -12.26 12.68
CA ALA D 310 9.16 -12.88 11.41
C ALA D 310 7.75 -13.10 10.95
N LEU D 311 6.85 -13.62 11.81
CA LEU D 311 5.48 -13.85 11.38
C LEU D 311 4.75 -12.55 10.98
N GLN D 312 5.10 -11.47 11.70
CA GLN D 312 4.57 -10.13 11.29
C GLN D 312 5.02 -9.77 9.90
N ALA D 313 6.35 -9.94 9.63
CA ALA D 313 6.82 -9.61 8.23
C ALA D 313 6.10 -10.40 7.18
N MET D 314 5.86 -11.68 7.39
CA MET D 314 5.22 -12.46 6.37
C MET D 314 3.74 -12.04 6.21
N MET D 315 3.08 -11.77 7.36
CA MET D 315 1.70 -11.21 7.28
C MET D 315 1.58 -9.80 6.59
N GLU D 316 2.72 -9.12 6.51
CA GLU D 316 2.81 -7.82 5.89
C GLU D 316 3.33 -7.93 4.38
N GLY D 317 3.45 -9.18 3.91
CA GLY D 317 3.67 -9.38 2.48
C GLY D 317 5.16 -9.55 2.12
N PHE D 318 6.01 -9.86 3.12
CA PHE D 318 7.48 -10.00 2.86
C PHE D 318 7.93 -11.47 3.11
N ASP D 319 8.66 -12.05 2.14
CA ASP D 319 9.38 -13.35 2.45
C ASP D 319 10.31 -13.13 3.65
N VAL D 320 10.50 -14.20 4.44
CA VAL D 320 11.51 -14.15 5.55
C VAL D 320 12.56 -15.19 5.19
N VAL D 321 13.76 -14.69 4.92
CA VAL D 321 14.85 -15.44 4.31
C VAL D 321 16.10 -15.18 5.21
N THR D 322 17.13 -16.01 5.00
CA THR D 322 18.39 -15.76 5.62
C THR D 322 19.28 -14.97 4.65
N VAL D 323 20.27 -14.29 5.29
CA VAL D 323 21.27 -13.56 4.50
C VAL D 323 21.94 -14.53 3.46
N GLU D 324 22.31 -15.76 3.87
CA GLU D 324 22.96 -16.65 2.98
C GLU D 324 22.18 -16.93 1.72
N GLU D 325 20.84 -17.10 1.86
CA GLU D 325 20.09 -17.45 0.69
C GLU D 325 19.79 -16.27 -0.21
N ALA D 326 19.76 -15.02 0.34
CA ALA D 326 19.20 -13.93 -0.46
C ALA D 326 20.31 -12.92 -0.85
N ILE D 327 21.51 -13.05 -0.27
CA ILE D 327 22.55 -12.01 -0.44
C ILE D 327 23.01 -11.92 -1.92
N GLY D 328 23.05 -13.04 -2.64
CA GLY D 328 23.53 -13.15 -3.98
C GLY D 328 22.74 -12.36 -4.99
N ASP D 329 21.44 -12.20 -4.71
CA ASP D 329 20.50 -11.56 -5.59
C ASP D 329 20.01 -10.15 -5.13
N ALA D 330 20.45 -9.67 -3.96
CA ALA D 330 19.92 -8.41 -3.43
C ALA D 330 20.55 -7.29 -4.13
N ASP D 331 19.75 -6.34 -4.54
CA ASP D 331 20.28 -5.06 -5.08
C ASP D 331 20.63 -4.07 -3.99
N ILE D 332 19.89 -4.06 -2.86
CA ILE D 332 20.19 -3.21 -1.69
C ILE D 332 20.04 -4.01 -0.47
N VAL D 333 21.00 -3.85 0.42
CA VAL D 333 21.00 -4.57 1.67
C VAL D 333 21.15 -3.60 2.82
N VAL D 334 20.19 -3.66 3.76
CA VAL D 334 20.19 -2.74 4.92
C VAL D 334 20.18 -3.57 6.17
N THR D 335 21.09 -3.33 7.11
CA THR D 335 21.05 -3.91 8.46
C THR D 335 20.36 -3.03 9.47
N ALA D 336 19.39 -3.63 10.16
CA ALA D 336 18.56 -2.87 11.07
C ALA D 336 18.32 -3.62 12.43
N THR D 337 19.35 -4.34 12.95
CA THR D 337 19.15 -5.32 14.04
C THR D 337 19.57 -4.80 15.42
N GLY D 338 20.55 -3.87 15.51
CA GLY D 338 21.13 -3.62 16.83
C GLY D 338 22.04 -4.74 17.28
N ASN D 339 22.34 -5.67 16.42
CA ASN D 339 23.19 -6.80 16.77
C ASN D 339 24.46 -6.60 16.02
N LYS D 340 25.40 -7.52 16.19
CA LYS D 340 26.67 -7.43 15.46
C LYS D 340 26.79 -8.60 14.46
N ASP D 341 27.66 -8.40 13.48
CA ASP D 341 28.07 -9.54 12.62
C ASP D 341 26.94 -10.07 11.75
N ILE D 342 26.17 -9.13 11.15
CA ILE D 342 25.04 -9.52 10.33
C ILE D 342 25.47 -9.71 8.86
N ILE D 343 26.30 -8.79 8.36
CA ILE D 343 26.78 -8.93 6.97
C ILE D 343 28.32 -9.07 7.11
N MET D 344 28.77 -10.27 7.04
CA MET D 344 30.22 -10.56 7.14
C MET D 344 30.95 -10.45 5.78
N LEU D 345 32.30 -10.42 5.81
CA LEU D 345 33.01 -10.35 4.50
C LEU D 345 32.55 -11.43 3.53
N GLU D 346 32.32 -12.69 4.03
CA GLU D 346 31.94 -13.73 3.08
C GLU D 346 30.65 -13.38 2.32
N HIS D 347 29.74 -12.66 3.01
CA HIS D 347 28.48 -12.25 2.38
C HIS D 347 28.71 -11.15 1.41
N ILE D 348 29.61 -10.23 1.76
CA ILE D 348 29.89 -9.07 0.87
C ILE D 348 30.53 -9.57 -0.41
N LYS D 349 31.47 -10.54 -0.31
CA LYS D 349 32.03 -11.18 -1.57
C LYS D 349 31.03 -11.86 -2.48
N ALA D 350 29.86 -12.24 -1.89
CA ALA D 350 28.77 -12.91 -2.62
C ALA D 350 27.82 -11.90 -3.32
N MET D 351 27.91 -10.60 -2.96
CA MET D 351 26.91 -9.61 -3.46
C MET D 351 27.04 -9.42 -4.94
N LYS D 352 25.93 -9.00 -5.57
CA LYS D 352 26.00 -8.75 -7.00
C LYS D 352 26.74 -7.42 -7.31
N ASP D 353 27.17 -7.26 -8.56
CA ASP D 353 28.01 -6.13 -8.89
C ASP D 353 27.14 -4.87 -8.68
N HIS D 354 27.72 -3.83 -8.04
CA HIS D 354 27.09 -2.51 -7.87
C HIS D 354 25.87 -2.60 -6.95
N ALA D 355 25.73 -3.69 -6.20
CA ALA D 355 24.74 -3.70 -5.11
C ALA D 355 25.15 -2.64 -4.04
N ILE D 356 24.15 -2.24 -3.29
CA ILE D 356 24.35 -1.27 -2.24
C ILE D 356 24.21 -1.88 -0.86
N LEU D 357 25.11 -1.51 0.02
CA LEU D 357 25.16 -2.02 1.37
C LEU D 357 25.20 -0.86 2.37
N GLY D 358 24.22 -0.90 3.31
CA GLY D 358 24.21 0.09 4.42
C GLY D 358 23.67 -0.42 5.70
N ASN D 359 23.95 0.27 6.82
CA ASN D 359 23.45 -0.07 8.08
C ASN D 359 22.64 1.14 8.66
N ILE D 360 21.53 0.83 9.36
CA ILE D 360 20.74 1.86 10.03
C ILE D 360 20.63 1.58 11.47
N GLY D 361 21.20 0.50 11.97
CA GLY D 361 21.29 0.33 13.46
C GLY D 361 22.27 1.36 14.04
N HIS D 362 22.26 1.44 15.36
CA HIS D 362 23.09 2.41 16.05
C HIS D 362 24.59 2.30 15.84
N PHE D 363 25.15 1.08 15.76
CA PHE D 363 26.63 0.93 15.66
C PHE D 363 26.98 0.21 14.34
N ASP D 364 28.13 0.63 13.77
CA ASP D 364 28.70 0.02 12.51
C ASP D 364 29.04 -1.49 12.50
N ASN D 365 29.06 -2.12 13.66
CA ASN D 365 29.49 -3.49 13.67
C ASN D 365 28.48 -4.53 13.22
N GLU D 366 27.29 -4.04 12.77
CA GLU D 366 26.40 -4.96 12.08
C GLU D 366 26.98 -5.45 10.73
N ILE D 367 27.85 -4.57 10.13
CA ILE D 367 28.57 -4.90 8.87
C ILE D 367 30.04 -5.09 9.22
N ASP D 368 30.65 -6.19 8.66
CA ASP D 368 32.05 -6.49 8.86
C ASP D 368 33.01 -5.57 8.19
N MET D 369 32.99 -4.26 8.56
CA MET D 369 33.87 -3.29 7.87
C MET D 369 35.32 -3.68 8.10
N ALA D 370 35.65 -4.18 9.26
CA ALA D 370 37.06 -4.51 9.49
C ALA D 370 37.52 -5.58 8.54
N GLY D 371 36.68 -6.62 8.36
CA GLY D 371 36.95 -7.66 7.44
C GLY D 371 37.12 -7.10 6.04
N LEU D 372 36.21 -6.19 5.65
CA LEU D 372 36.25 -5.61 4.30
C LEU D 372 37.58 -4.83 4.07
N GLU D 373 37.97 -4.05 5.09
CA GLU D 373 39.10 -3.13 4.93
C GLU D 373 40.41 -3.96 4.84
N ARG D 374 40.43 -5.18 5.36
CA ARG D 374 41.65 -6.07 5.27
C ARG D 374 41.52 -7.22 4.28
N SER D 375 40.49 -7.22 3.41
CA SER D 375 40.20 -8.31 2.51
C SER D 375 41.03 -8.30 1.21
N GLY D 376 41.67 -7.18 0.87
CA GLY D 376 42.28 -7.02 -0.46
C GLY D 376 41.36 -6.37 -1.44
N ALA D 377 40.05 -6.20 -1.05
CA ALA D 377 39.25 -5.31 -1.90
C ALA D 377 39.82 -3.88 -1.88
N THR D 378 39.60 -3.16 -2.98
CA THR D 378 40.12 -1.80 -3.07
C THR D 378 38.97 -0.79 -3.02
N ARG D 379 39.22 0.36 -2.44
CA ARG D 379 38.18 1.37 -2.27
C ARG D 379 38.42 2.53 -3.15
N VAL D 380 37.33 3.03 -3.72
CA VAL D 380 37.36 4.34 -4.37
C VAL D 380 36.27 5.15 -3.72
N ASN D 381 36.66 6.32 -3.20
CA ASN D 381 35.65 7.26 -2.65
C ASN D 381 34.94 7.97 -3.80
N VAL D 382 33.59 7.91 -3.79
CA VAL D 382 32.79 8.56 -4.81
C VAL D 382 32.47 10.02 -4.37
N LYS D 383 32.09 10.18 -3.06
CA LYS D 383 31.75 11.47 -2.49
C LYS D 383 31.70 11.21 -0.99
N PRO D 384 31.45 12.24 -0.22
CA PRO D 384 31.47 11.90 1.24
C PRO D 384 30.47 10.83 1.62
N GLN D 385 30.97 9.91 2.49
CA GLN D 385 30.14 8.77 2.90
C GLN D 385 29.61 7.84 1.82
N VAL D 386 30.26 7.87 0.64
CA VAL D 386 29.88 6.86 -0.39
C VAL D 386 31.18 6.31 -0.97
N ASP D 387 31.36 4.98 -0.80
CA ASP D 387 32.60 4.32 -1.26
C ASP D 387 32.24 3.14 -2.15
N LEU D 388 33.04 2.95 -3.18
CA LEU D 388 32.89 1.82 -4.09
C LEU D 388 34.07 0.90 -3.78
N TRP D 389 33.74 -0.34 -3.42
CA TRP D 389 34.78 -1.38 -3.06
C TRP D 389 34.77 -2.45 -4.13
N THR D 390 35.96 -2.76 -4.70
CA THR D 390 36.00 -3.71 -5.76
C THR D 390 36.88 -4.91 -5.36
N PHE D 391 36.36 -6.08 -5.52
CA PHE D 391 37.15 -7.32 -5.44
C PHE D 391 37.70 -7.76 -6.80
N GLY D 392 39.04 -7.73 -6.87
CA GLY D 392 39.59 -7.98 -8.18
C GLY D 392 39.45 -9.42 -8.60
N ASP D 393 39.33 -10.31 -7.65
CA ASP D 393 39.14 -11.74 -8.03
C ASP D 393 37.82 -12.05 -8.79
N THR D 394 36.74 -11.34 -8.41
CA THR D 394 35.56 -11.52 -9.15
C THR D 394 35.25 -10.36 -10.09
N GLY D 395 35.87 -9.16 -9.89
CA GLY D 395 35.55 -8.05 -10.72
C GLY D 395 34.31 -7.27 -10.20
N ARG D 396 33.71 -7.76 -9.12
CA ARG D 396 32.47 -7.15 -8.65
C ARG D 396 32.74 -6.05 -7.66
N SER D 397 31.86 -5.03 -7.64
CA SER D 397 31.99 -3.87 -6.75
C SER D 397 30.71 -3.77 -5.91
N ILE D 398 30.92 -3.18 -4.70
CA ILE D 398 29.76 -2.94 -3.84
C ILE D 398 29.84 -1.45 -3.46
N ILE D 399 28.68 -0.80 -3.39
CA ILE D 399 28.64 0.57 -2.86
C ILE D 399 28.35 0.48 -1.36
N VAL D 400 29.23 1.07 -0.55
CA VAL D 400 29.05 1.06 0.86
C VAL D 400 28.71 2.44 1.36
N LEU D 401 27.60 2.55 2.15
CA LEU D 401 27.20 3.88 2.65
C LEU D 401 27.76 4.19 4.08
N SER D 402 28.31 5.38 4.26
CA SER D 402 28.71 5.85 5.60
C SER D 402 29.71 4.94 6.31
N GLU D 403 30.54 4.21 5.52
CA GLU D 403 31.51 3.21 6.10
C GLU D 403 30.79 2.36 7.16
N GLY D 404 29.52 2.02 6.89
CA GLY D 404 28.82 1.11 7.77
C GLY D 404 28.13 1.82 8.92
N ARG D 405 28.34 3.16 9.07
CA ARG D 405 27.73 3.86 10.23
C ARG D 405 26.27 4.20 9.82
N LEU D 406 25.46 4.61 10.79
CA LEU D 406 24.01 4.69 10.50
C LEU D 406 23.77 5.61 9.37
N LEU D 407 23.11 5.11 8.28
CA LEU D 407 23.19 5.78 6.96
C LEU D 407 22.23 6.95 6.87
N ASN D 408 21.13 6.91 7.64
CA ASN D 408 20.17 8.01 7.49
C ASN D 408 20.81 9.35 7.93
N LEU D 409 21.55 9.31 9.08
CA LEU D 409 22.28 10.52 9.54
C LEU D 409 23.59 10.77 8.80
N GLY D 410 24.23 9.69 8.28
CA GLY D 410 25.51 9.79 7.62
C GLY D 410 25.32 10.38 6.24
N ASN D 411 24.45 9.75 5.51
CA ASN D 411 24.19 10.13 4.11
C ASN D 411 23.14 11.24 3.92
N ALA D 412 22.27 11.46 4.89
CA ALA D 412 21.25 12.47 4.75
C ALA D 412 21.14 13.24 6.10
N THR D 413 19.92 13.53 6.55
CA THR D 413 19.79 14.38 7.73
C THR D 413 19.11 13.70 8.91
N GLY D 414 19.02 12.38 8.86
CA GLY D 414 18.35 11.67 9.96
C GLY D 414 16.84 11.85 9.90
N HIS D 415 16.15 11.48 10.97
CA HIS D 415 14.71 11.63 10.99
C HIS D 415 14.26 13.09 10.90
N PRO D 416 13.04 13.32 10.31
CA PRO D 416 12.56 14.71 10.24
C PRO D 416 12.17 15.27 11.57
N SER D 417 12.21 16.62 11.63
CA SER D 417 11.91 17.29 12.94
C SER D 417 10.57 16.85 13.56
N PHE D 418 9.49 16.71 12.79
CA PHE D 418 8.15 16.40 13.45
C PHE D 418 8.14 15.04 14.17
N VAL D 419 8.91 14.08 13.63
CA VAL D 419 9.13 12.83 14.33
C VAL D 419 9.98 13.02 15.58
N MET D 420 11.15 13.74 15.41
CA MET D 420 12.10 13.96 16.58
C MET D 420 11.40 14.76 17.64
N SER D 421 10.30 15.45 17.29
CA SER D 421 9.62 16.18 18.32
C SER D 421 8.98 15.24 19.33
N ASN D 422 8.52 14.06 18.90
CA ASN D 422 8.03 13.07 19.86
C ASN D 422 9.17 12.61 20.74
N SER D 423 10.29 12.15 20.12
CA SER D 423 11.39 11.57 20.89
C SER D 423 11.96 12.61 21.87
N PHE D 424 12.13 13.86 21.43
CA PHE D 424 12.83 14.86 22.20
C PHE D 424 11.86 15.46 23.22
N ALA D 425 10.53 15.41 22.96
CA ALA D 425 9.59 15.88 24.07
C ALA D 425 9.69 14.80 25.16
N ASN D 426 9.73 13.49 24.80
CA ASN D 426 9.92 12.45 25.79
C ASN D 426 11.25 12.68 26.55
N GLN D 427 12.32 12.98 25.85
CA GLN D 427 13.67 13.04 26.52
C GLN D 427 13.69 14.25 27.51
N THR D 428 13.01 15.32 27.11
CA THR D 428 12.94 16.63 27.94
C THR D 428 12.09 16.33 29.18
N ILE D 429 10.93 15.72 28.96
CA ILE D 429 10.14 15.25 30.17
C ILE D 429 10.94 14.36 31.12
N ALA D 430 11.69 13.41 30.55
CA ALA D 430 12.46 12.45 31.40
C ALA D 430 13.52 13.23 32.14
N GLN D 431 14.14 14.21 31.47
CA GLN D 431 15.25 14.99 32.15
C GLN D 431 14.60 15.74 33.33
N ILE D 432 13.42 16.30 33.09
CA ILE D 432 12.67 17.05 34.08
C ILE D 432 12.33 16.15 35.26
N GLU D 433 11.77 14.99 34.98
CA GLU D 433 11.32 14.09 36.00
C GLU D 433 12.50 13.67 36.87
N LEU D 434 13.61 13.27 36.26
CA LEU D 434 14.85 12.78 36.96
C LEU D 434 15.48 13.92 37.80
N TRP D 435 15.43 15.14 37.29
CA TRP D 435 16.13 16.25 37.94
C TRP D 435 15.29 16.77 39.09
N THR D 436 13.98 16.89 38.88
CA THR D 436 13.11 17.56 39.92
C THR D 436 12.50 16.61 40.93
N LYS D 437 12.56 15.32 40.66
CA LYS D 437 12.00 14.27 41.50
C LYS D 437 13.01 13.18 41.78
N ASN D 438 14.25 13.58 41.80
CA ASN D 438 15.37 12.66 41.78
C ASN D 438 15.35 11.60 42.93
N ASP D 439 14.97 12.07 44.13
CA ASP D 439 14.90 11.19 45.30
C ASP D 439 13.91 10.07 45.18
N GLU D 440 12.93 10.16 44.24
CA GLU D 440 11.98 9.07 43.98
C GLU D 440 12.56 7.85 43.19
N TYR D 441 13.73 8.03 42.56
CA TYR D 441 14.30 7.00 41.73
C TYR D 441 15.45 6.26 42.41
N ASP D 442 15.43 4.96 42.29
CA ASP D 442 16.62 4.12 42.65
C ASP D 442 17.53 3.92 41.45
N ASN D 443 18.60 3.15 41.65
CA ASN D 443 19.56 2.89 40.58
C ASN D 443 19.11 1.73 39.74
N GLU D 444 18.07 1.98 38.90
CA GLU D 444 17.40 0.96 38.11
C GLU D 444 17.02 1.68 36.82
N VAL D 445 16.56 0.91 35.82
CA VAL D 445 16.11 1.58 34.55
C VAL D 445 14.57 1.74 34.70
N TYR D 446 14.05 2.92 34.42
CA TYR D 446 12.65 3.24 34.48
C TYR D 446 12.15 3.63 33.08
N ARG D 447 10.82 3.54 32.89
CA ARG D 447 10.17 4.10 31.70
C ARG D 447 9.14 5.11 32.22
N LEU D 448 8.88 6.12 31.39
CA LEU D 448 7.95 7.20 31.75
C LEU D 448 6.55 6.60 31.94
N PRO D 449 5.79 7.14 32.92
CA PRO D 449 4.41 6.68 33.02
C PRO D 449 3.55 6.96 31.75
N LYS D 450 2.51 6.16 31.61
CA LYS D 450 1.75 6.22 30.29
C LYS D 450 1.11 7.60 30.07
N HIS D 451 0.58 8.27 31.09
CA HIS D 451 -0.04 9.54 30.92
C HIS D 451 0.87 10.59 30.27
N LEU D 452 2.22 10.53 30.50
CA LEU D 452 3.16 11.51 29.97
C LEU D 452 3.42 11.17 28.47
N ASP D 453 3.39 9.91 28.13
CA ASP D 453 3.41 9.56 26.70
C ASP D 453 2.18 10.01 25.94
N GLU D 454 0.97 9.80 26.57
CA GLU D 454 -0.32 10.30 25.98
C GLU D 454 -0.26 11.86 25.79
N LYS D 455 0.38 12.53 26.74
CA LYS D 455 0.40 14.00 26.64
C LYS D 455 1.29 14.37 25.44
N VAL D 456 2.38 13.65 25.20
CA VAL D 456 3.24 14.03 24.05
C VAL D 456 2.48 13.74 22.72
N ALA D 457 1.77 12.58 22.71
CA ALA D 457 0.98 12.21 21.45
C ALA D 457 -0.03 13.33 21.15
N ARG D 458 -0.74 13.77 22.21
CA ARG D 458 -1.90 14.65 22.06
C ARG D 458 -1.42 15.98 21.45
N ILE D 459 -0.19 16.50 21.83
CA ILE D 459 0.40 17.72 21.28
C ILE D 459 0.58 17.55 19.77
N HIS D 460 1.01 16.35 19.36
CA HIS D 460 1.19 16.20 17.88
C HIS D 460 -0.09 15.94 17.09
N VAL D 461 -1.06 15.21 17.69
CA VAL D 461 -2.35 15.02 16.99
C VAL D 461 -2.86 16.44 16.74
N GLU D 462 -2.81 17.31 17.80
CA GLU D 462 -3.37 18.64 17.59
C GLU D 462 -2.62 19.41 16.50
N ALA D 463 -1.27 19.31 16.48
CA ALA D 463 -0.48 19.99 15.51
C ALA D 463 -0.83 19.61 14.09
N LEU D 464 -1.18 18.31 13.91
CA LEU D 464 -1.63 17.80 12.56
C LEU D 464 -3.15 18.02 12.28
N GLY D 465 -3.90 18.58 13.21
CA GLY D 465 -5.28 18.80 12.92
C GLY D 465 -6.18 17.61 13.14
N GLY D 466 -5.68 16.62 13.89
CA GLY D 466 -6.57 15.46 14.16
C GLY D 466 -7.57 15.85 15.25
N HIS D 467 -8.72 15.19 15.22
CA HIS D 467 -9.85 15.57 16.13
C HIS D 467 -10.09 14.39 16.94
N LEU D 468 -9.67 14.46 18.24
CA LEU D 468 -9.99 13.37 19.14
C LEU D 468 -11.46 13.42 19.64
N THR D 469 -12.03 12.24 19.89
CA THR D 469 -13.32 12.09 20.59
C THR D 469 -13.07 12.13 22.06
N LYS D 470 -14.01 12.78 22.78
CA LYS D 470 -13.96 12.77 24.24
C LYS D 470 -14.98 11.76 24.76
N LEU D 471 -14.49 10.87 25.64
CA LEU D 471 -15.40 9.84 26.24
C LEU D 471 -16.46 10.54 27.09
N THR D 472 -17.67 9.96 27.03
CA THR D 472 -18.68 10.47 27.96
C THR D 472 -18.33 9.90 29.34
N LYS D 473 -18.97 10.45 30.39
CA LYS D 473 -18.84 9.84 31.71
C LYS D 473 -19.27 8.31 31.74
N GLU D 474 -20.35 7.94 31.04
CA GLU D 474 -20.86 6.56 31.05
C GLU D 474 -19.86 5.68 30.25
N GLN D 475 -19.37 6.18 29.10
CA GLN D 475 -18.32 5.41 28.39
C GLN D 475 -17.00 5.20 29.20
N ALA D 476 -16.52 6.29 29.83
CA ALA D 476 -15.34 6.19 30.67
C ALA D 476 -15.57 5.17 31.78
N GLU D 477 -16.80 5.16 32.37
CA GLU D 477 -17.08 4.18 33.41
C GLU D 477 -17.07 2.74 32.86
N TYR D 478 -17.57 2.57 31.64
CA TYR D 478 -17.69 1.26 31.01
C TYR D 478 -16.36 0.64 30.70
N LEU D 479 -15.44 1.50 30.26
CA LEU D 479 -14.03 1.07 30.01
C LEU D 479 -13.17 1.00 31.28
N GLY D 480 -13.66 1.60 32.37
CA GLY D 480 -12.92 1.82 33.60
C GLY D 480 -11.72 2.70 33.51
N VAL D 481 -11.86 3.81 32.81
CA VAL D 481 -10.78 4.79 32.62
C VAL D 481 -11.27 6.13 33.05
N ASP D 482 -10.33 7.05 33.30
CA ASP D 482 -10.64 8.46 33.44
C ASP D 482 -10.85 9.09 32.06
N VAL D 483 -11.77 10.04 31.94
CA VAL D 483 -11.98 10.72 30.67
C VAL D 483 -10.65 11.28 30.14
N GLU D 484 -9.76 11.71 31.07
CA GLU D 484 -8.47 12.31 30.64
C GLU D 484 -7.35 11.33 30.47
N GLY D 485 -7.65 10.03 30.61
C GLY D 485 -5.98 8.74 31.79
N PRO D 486 -5.04 7.79 31.84
CA PRO D 486 -4.57 6.98 30.67
C PRO D 486 -5.61 5.99 30.20
N TYR D 487 -5.56 5.61 28.90
CA TYR D 487 -6.65 4.87 28.33
C TYR D 487 -6.42 3.39 28.08
N LYS D 488 -5.20 2.95 28.35
CA LYS D 488 -4.77 1.58 28.12
C LYS D 488 -4.07 0.94 29.34
N PRO D 489 -4.17 -0.42 29.39
CA PRO D 489 -3.45 -1.17 30.45
C PRO D 489 -1.92 -1.03 30.23
N ASP D 490 -1.17 -1.25 31.32
CA ASP D 490 0.25 -1.01 31.21
C ASP D 490 0.94 -1.86 30.15
N HIS D 491 0.40 -3.07 29.93
CA HIS D 491 1.09 -3.99 28.98
C HIS D 491 0.51 -3.82 27.58
N TYR D 492 -0.28 -2.78 27.41
CA TYR D 492 -0.85 -2.62 26.04
C TYR D 492 0.30 -2.37 24.99
N ARG D 493 0.13 -2.95 23.76
CA ARG D 493 1.29 -2.91 22.84
C ARG D 493 1.12 -1.90 21.65
N TYR D 494 -0.05 -1.31 21.55
CA TYR D 494 -0.35 -0.41 20.39
C TYR D 494 -0.10 -1.07 19.00
O5' ADN E . -16.97 -12.34 -18.85
C5' ADN E . -16.05 -11.39 -18.32
C4' ADN E . -16.87 -10.15 -17.96
O4' ADN E . -17.61 -10.40 -16.77
C3' ADN E . -16.05 -8.88 -17.68
O3' ADN E . -15.81 -8.10 -18.88
C2' ADN E . -16.90 -8.14 -16.65
O2' ADN E . -17.36 -6.89 -17.14
C1' ADN E . -18.06 -9.11 -16.43
N9 ADN E . -18.59 -9.06 -15.06
C8 ADN E . -17.90 -9.09 -13.90
N7 ADN E . -18.71 -9.00 -12.83
C5 ADN E . -19.97 -8.93 -13.32
C6 ADN E . -21.29 -8.80 -12.73
N6 ADN E . -21.42 -8.72 -11.39
N1 ADN E . -22.33 -8.77 -13.57
C2 ADN E . -22.18 -8.82 -14.91
N3 ADN E . -20.98 -8.91 -15.56
C4 ADN E . -19.87 -8.98 -14.78
PA NAD F . -5.12 -8.13 -21.19
O1A NAD F . -4.91 -8.51 -22.65
O2A NAD F . -5.11 -6.69 -20.79
O5B NAD F . -4.17 -8.90 -20.19
C5B NAD F . -3.86 -10.29 -20.36
C4B NAD F . -2.37 -10.45 -20.12
O4B NAD F . -2.03 -11.83 -20.12
C3B NAD F . -1.51 -9.73 -21.17
O3B NAD F . -0.74 -8.64 -20.62
C2B NAD F . -0.62 -10.85 -21.74
O2B NAD F . 0.72 -10.44 -22.07
C1B NAD F . -0.69 -11.89 -20.64
N9A NAD F . -0.46 -13.25 -21.14
C8A NAD F . -0.95 -13.80 -22.29
N7A NAD F . -0.53 -15.09 -22.37
C5A NAD F . 0.22 -15.38 -21.26
C6A NAD F . 0.89 -16.46 -20.76
N6A NAD F . 0.94 -17.63 -21.48
N1A NAD F . 1.54 -16.38 -19.56
C2A NAD F . 1.55 -15.23 -18.86
N3A NAD F . 0.90 -14.15 -19.26
C4A NAD F . 0.23 -14.14 -20.46
O3 NAD F . -6.58 -8.72 -20.84
PN NAD F . -7.50 -8.35 -19.55
O1N NAD F . -6.64 -8.31 -18.34
O2N NAD F . -8.39 -7.20 -19.91
O5D NAD F . -8.45 -9.64 -19.49
C5D NAD F . -7.94 -10.93 -19.20
C4D NAD F . -9.09 -11.92 -19.19
O4D NAD F . -10.05 -11.59 -18.17
C3D NAD F . -9.87 -11.91 -20.50
O3D NAD F . -10.28 -13.27 -20.74
C2D NAD F . -11.06 -11.04 -20.13
O2D NAD F . -12.16 -11.24 -21.02
C1D NAD F . -11.36 -11.47 -18.71
N1N NAD F . -12.05 -10.53 -17.84
C2N NAD F . -12.63 -11.10 -16.78
C3N NAD F . -13.26 -10.35 -15.79
C7N NAD F . -13.94 -11.05 -14.63
O7N NAD F . -14.85 -10.32 -14.02
N7N NAD F . -13.69 -12.26 -14.32
C4N NAD F . -13.25 -8.93 -15.88
C5N NAD F . -12.63 -8.35 -17.02
C6N NAD F . -12.01 -9.17 -17.97
O5' ADN G . 11.34 18.16 -18.39
C5' ADN G . 10.57 17.05 -17.92
C4' ADN G . 11.42 15.82 -18.21
O4' ADN G . 12.48 15.73 -17.25
C3' ADN G . 10.67 14.50 -18.08
O3' ADN G . 10.05 14.16 -19.34
C2' ADN G . 11.75 13.52 -17.61
O2' ADN G . 11.99 12.51 -18.56
C1' ADN G . 12.98 14.42 -17.45
N9 ADN G . 13.85 13.99 -16.35
C8 ADN G . 13.51 13.65 -15.10
N7 ADN G . 14.59 13.29 -14.40
C5 ADN G . 15.67 13.43 -15.21
C6 ADN G . 17.11 13.21 -15.10
N6 ADN G . 17.61 12.73 -13.95
N1 ADN G . 17.85 13.48 -16.16
C2 ADN G . 17.31 13.93 -17.33
N3 ADN G . 16.01 14.14 -17.52
C4 ADN G . 15.16 13.89 -16.48
PA NAD H . -0.85 14.30 -18.30
O1A NAD H . -1.46 15.11 -19.43
O2A NAD H . -0.83 12.82 -18.36
O5B NAD H . -1.44 14.76 -16.91
C5B NAD H . -1.73 16.10 -16.58
C4B NAD H . -3.05 16.08 -15.83
O4B NAD H . -3.32 17.41 -15.39
C3B NAD H . -4.20 15.68 -16.78
O3B NAD H . -4.81 14.47 -16.33
C2B NAD H . -5.16 16.88 -16.74
O2B NAD H . -6.56 16.52 -16.81
C1B NAD H . -4.74 17.55 -15.43
N9A NAD H . -5.03 18.97 -15.43
C8A NAD H . -4.87 19.86 -16.44
N7A NAD H . -5.24 21.10 -16.03
C5A NAD H . -5.61 21.02 -14.72
C6A NAD H . -6.06 21.90 -13.76
N6A NAD H . -6.25 23.21 -14.04
N1A NAD H . -6.33 21.45 -12.50
C2A NAD H . -6.17 20.16 -12.18
N3A NAD H . -5.76 19.25 -13.07
C4A NAD H . -5.46 19.61 -14.34
O3 NAD H . 0.67 14.82 -18.27
PN NAD H . 1.91 14.14 -17.45
O1N NAD H . 1.46 13.72 -16.08
O2N NAD H . 2.65 13.19 -18.35
O5D NAD H . 2.88 15.43 -17.32
C5D NAD H . 2.53 16.52 -16.48
C4D NAD H . 3.69 17.53 -16.53
O4D NAD H . 4.87 16.95 -15.97
C3D NAD H . 4.08 17.94 -17.94
O3D NAD H . 4.48 19.33 -17.86
C2D NAD H . 5.28 17.06 -18.23
O2D NAD H . 6.14 17.63 -19.24
C1D NAD H . 5.98 17.06 -16.89
N1N NAD H . 6.87 15.94 -16.55
C2N NAD H . 7.77 16.21 -15.59
C3N NAD H . 8.60 15.21 -15.09
C7N NAD H . 9.61 15.58 -14.05
O7N NAD H . 10.63 14.76 -13.99
N7N NAD H . 9.53 16.59 -13.30
C4N NAD H . 8.49 13.87 -15.56
C5N NAD H . 7.55 13.65 -16.59
C6N NAD H . 6.73 14.69 -17.02
O5' ADN I . -15.71 -12.37 19.99
C5' ADN I . -14.56 -11.76 19.33
C4' ADN I . -13.59 -12.88 19.02
O4' ADN I . -14.04 -13.60 17.89
C3' ADN I . -12.16 -12.45 18.67
O3' ADN I . -11.39 -12.40 19.88
C2' ADN I . -11.70 -13.53 17.70
O2' ADN I . -10.63 -14.32 18.19
C1' ADN I . -12.94 -14.43 17.55
N9 ADN I . -13.09 -14.97 16.18
C8 ADN I . -12.99 -14.33 14.99
N7 ADN I . -13.15 -15.20 13.98
C5 ADN I . -13.39 -16.41 14.49
C6 ADN I . -13.67 -17.76 13.98
N6 ADN I . -13.69 -17.99 12.66
N1 ADN I . -13.87 -18.74 14.88
C2 ADN I . -13.83 -18.51 16.22
N3 ADN I . -13.59 -17.31 16.77
C4 ADN I . -13.36 -16.25 15.95
PA NAD J . -8.34 -2.10 21.73
O1A NAD J . -8.54 -1.69 23.18
O2A NAD J . -7.00 -2.51 21.22
O5B NAD J . -8.83 -0.95 20.73
C5B NAD J . -10.06 -0.25 20.85
C4B NAD J . -9.81 1.21 20.54
O4B NAD J . -11.06 1.86 20.66
C3B NAD J . -8.89 1.84 21.58
O3B NAD J . -7.69 2.30 20.97
C2B NAD J . -9.71 2.99 22.17
O2B NAD J . -8.95 4.17 22.38
C1B NAD J . -10.78 3.19 21.10
N9A NAD J . -12.01 3.78 21.61
C8A NAD J . -12.66 3.48 22.77
N7A NAD J . -13.80 4.22 22.89
C5A NAD J . -13.91 4.99 21.77
C6A NAD J . -14.78 5.95 21.27
N6A NAD J . -15.90 6.31 21.97
N1A NAD J . -14.52 6.52 20.05
C2A NAD J . -13.43 6.20 19.34
N3A NAD J . -12.53 5.30 19.77
C4A NAD J . -12.72 4.69 20.95
O3 NAD J . -9.32 -3.33 21.51
PN NAD J . -9.27 -4.32 20.22
O1N NAD J . -9.04 -3.55 18.96
O2N NAD J . -8.37 -5.51 20.50
O5D NAD J . -10.79 -4.87 20.21
C5D NAD J . -11.90 -4.04 19.90
C4D NAD J . -13.16 -4.88 20.00
O4D NAD J . -13.11 -5.92 19.02
C3D NAD J . -13.31 -5.60 21.34
O3D NAD J . -14.71 -5.66 21.63
C2D NAD J . -12.81 -7.01 21.03
O2D NAD J . -13.33 -8.00 21.90
C1D NAD J . -13.35 -7.20 19.60
N1N NAD J . -12.66 -8.16 18.73
C2N NAD J . -13.41 -8.62 17.71
C3N NAD J . -12.86 -9.45 16.75
C7N NAD J . -13.77 -9.98 15.68
O7N NAD J . -13.38 -11.11 15.14
N7N NAD J . -14.90 -9.45 15.38
C4N NAD J . -11.49 -9.79 16.79
C5N NAD J . -10.73 -9.30 17.87
C6N NAD J . -11.33 -8.44 18.81
O5' ADN K . 21.40 6.64 17.34
C5' ADN K . 20.09 6.19 16.93
C4' ADN K . 19.11 7.31 17.23
O4' ADN K . 19.23 8.36 16.29
C3' ADN K . 17.62 6.94 17.21
O3' ADN K . 17.21 6.50 18.52
C2' ADN K . 16.93 8.23 16.78
O2' ADN K . 16.07 8.78 17.75
C1' ADN K . 18.11 9.19 16.55
N9 ADN K . 17.88 10.10 15.42
C8 ADN K . 17.38 9.84 14.18
N7 ADN K . 17.33 10.95 13.44
C5 ADN K . 17.77 11.98 14.22
C6 ADN K . 17.96 13.42 14.07
N6 ADN K . 17.63 14.06 12.93
N1 ADN K . 18.47 14.09 15.10
C2 ADN K . 18.80 13.50 16.28
N3 ADN K . 18.68 12.18 16.51
C4 ADN K . 18.16 11.41 15.50
PA NAD L . 14.37 -4.05 17.94
O1A NAD L . 15.02 -4.81 19.07
O2A NAD L . 12.95 -3.60 18.04
O5B NAD L . 14.54 -4.77 16.53
C5B NAD L . 15.76 -5.40 16.15
C4B NAD L . 15.39 -6.73 15.51
O4B NAD L . 16.54 -7.35 14.96
C3B NAD L . 14.72 -7.71 16.49
O3B NAD L . 13.34 -7.99 16.15
C2B NAD L . 15.61 -8.96 16.41
O2B NAD L . 14.91 -10.21 16.52
C1B NAD L . 16.32 -8.75 15.08
N9A NAD L . 17.62 -9.43 15.04
C8A NAD L . 18.57 -9.48 16.02
N7A NAD L . 19.64 -10.18 15.56
C5A NAD L . 19.38 -10.56 14.28
C6A NAD L . 20.06 -11.26 13.29
N6A NAD L . 21.29 -11.79 13.55
N1A NAD L . 19.49 -11.43 12.07
C2A NAD L . 18.25 -10.96 11.81
N3A NAD L . 17.56 -10.26 12.69
C4A NAD L . 18.05 -10.04 13.95
O3 NAD L . 15.29 -2.72 17.78
PN NAD L . 14.90 -1.37 16.97
O1N NAD L . 14.30 -1.75 15.65
O2N NAD L . 14.21 -0.43 17.89
O5D NAD L . 16.37 -0.76 16.72
C5D NAD L . 17.33 -1.42 15.90
C4D NAD L . 18.59 -0.57 15.85
O4D NAD L . 18.33 0.71 15.26
C3D NAD L . 19.15 -0.29 17.23
O3D NAD L . 20.58 -0.29 17.11
C2D NAD L . 18.62 1.12 17.48
O2D NAD L . 19.37 1.79 18.50
C1D NAD L . 18.76 1.76 16.13
N1N NAD L . 17.89 2.90 15.82
C2N NAD L . 18.33 3.66 14.79
C3N NAD L . 17.59 4.72 14.30
C7N NAD L . 18.16 5.57 13.18
O7N NAD L . 17.63 6.76 13.09
N7N NAD L . 19.11 5.18 12.44
C4N NAD L . 16.31 4.99 14.84
C5N NAD L . 15.87 4.18 15.93
C6N NAD L . 16.67 3.11 16.37
#